data_1M1J
#
_entry.id   1M1J
#
_cell.length_a   114.090
_cell.length_b   100.020
_cell.length_c   200.090
_cell.angle_alpha   90.00
_cell.angle_beta   105.79
_cell.angle_gamma   90.00
#
_symmetry.space_group_name_H-M   'P 1 21 1'
#
loop_
_entity.id
_entity.type
_entity.pdbx_description
1 polymer 'Fibrinogen alpha subunit'
2 polymer 'Fibrinogen beta chain'
3 polymer 'Fibrinogen gamma chain'
4 polymer 'GLY-PRO-ARG-PRO peptide'
5 polymer 'GLY-HIS-ARG-PRO peptide'
6 non-polymer 2-acetamido-2-deoxy-alpha-D-glucopyranose
7 non-polymer 'CALCIUM ION'
8 non-polymer 2-acetamido-2-deoxy-beta-D-glucopyranose
#
loop_
_entity_poly.entity_id
_entity_poly.type
_entity_poly.pdbx_seq_one_letter_code
_entity_poly.pdbx_strand_id
1 'polypeptide(L)'
;QDGKTTFEKEGGGGRGPRILENMHESSCKYEKNWPICVDDDWGTKCPSGCRMQGIIDDTDQNYSQRIDNIRQQLADSQNK
YKTSNRVIVETINILKPGLEGAQQLDENYGHVSTELRRRIVTLKQRVATQVNRIKALQNSIQEQVVEMKRLEVDIDIKIR
ACKGSCARSFDYQVDKEGYDNIQKHLTQASSIDMHPDFQTTTLSTLKMRPLKDSNVPEHFKLKPSPEMQAMSAFNNIKQM
QVVLERPETDHVAEARGDSSPSHTGKLITSSHRRESPSLVDKTSSASSVHRCTRTVTKKVISGPDGPREEIVEKMVSSDG
SDCSHLQGGREGSTYHFSGTGDFHKLDRLLPDLESFFTHDSVSTSSRHSIGSSTSSHVTGAGSSHLGTGGKDKFTDLGEE
EEDDFGGLQPSGFAAGSASHSKTVLTSSSSSFNKGGSTFETKSLKTRETSEQLGGVQHDQSAEDTPDFKARSFRPAAMST
RRSYNGKGTQK
;
A,D
2 'polypeptide(L)'
;QASVEYDNEEDSPQIDARAHRPLDKRQEAAPTLRPVAPPISGTGYQPRPPKQDKQAMKKGPIIYPDAGGCKHPLDELGVL
CPTGCELQTTLLKQEKTVKPVLRDLKDRVAKFSDTSTTMYQYVNMIDNKLVKTQKQRKDNDIILSEYNTEMELHYNYIKD
NLDNNIPSSLRVLRAVIDSLHKKIQKLENAIATQTDYCRSPCVASCNIPVVSGRECEDIYRKGGETSEMYIIQPDPFTTP
YRVYCDMETDNGGWTLIQNRQDGSVNFGRAWDEYKRGFGNIAKSGGKKYCDTPGEYWLGNDKISQLTKIGPTKVLIEMED
WNGDKVSALYGGFTIHNEGNKYQLSVSNYKGNAGNALMEGASQLYGENRTMTIHNGMYFSTYDRDNDGWLTTDPRKQCSK
EDGGGWWYNRCHAANPNGRYYWGGTYSWDMAKHGTDDGIVWMNWKGSWYSMKKMSMKIKPYFPD
;
B,E
3 'polypeptide(L)'
;YIATRENCCILDERFGSYCPTTCGIADFFNKYRLTTDGELLEIEGLLQQATNSTGSIEYLIQHIKTIYPSEKQTLPQSIE
QLTQKSKKIIEEIIRYENTILAHENTIQQLTDMHIMNSNKITQLKQKIAQLESHCQEPCKDTAEIQETTGRDCQDIANKG
ARKSGLYFIKPQKAKQSFLVYCEIDTYGNGWTVLQRRLDGSEDFRRNWVQYKEGFGHLSPDDTTEFWLGNEKIHLITTQS
TLPYALRIELEDWSGKKGTADYAVFKVGTEEDKYRLTYAYFIGGEAGDAFDGFNFGDDPSDKSYTYHNGMRFSTFDNDND
NFEGNCAEQDGSGWWMNRCHAGHLNGPYYIGGVYSRDTGTNSYDNGIIWATWRDRWYSMKKTTMKIIPFNRLSIDGQQHS
GGLKQVGDS
;
C,F
4 'polypeptide(L)' GPRP G,H
5 'polypeptide(L)' GHRP I,J
#
# COMPACT_ATOMS: atom_id res chain seq x y z
N SER A 27 6.35 11.18 6.69
CA SER A 27 5.26 10.30 6.18
C SER A 27 5.84 9.18 5.30
N CYS A 28 5.64 7.93 5.73
CA CYS A 28 6.15 6.78 4.99
C CYS A 28 5.76 5.46 5.68
N LYS A 29 6.15 5.34 6.94
CA LYS A 29 5.86 4.15 7.74
C LYS A 29 4.39 4.13 8.16
N TYR A 30 3.69 5.23 7.91
CA TYR A 30 2.28 5.35 8.25
C TYR A 30 1.44 4.66 7.17
N GLU A 31 1.41 5.27 5.98
CA GLU A 31 0.68 4.72 4.84
C GLU A 31 1.40 3.49 4.33
N LYS A 32 1.68 2.56 5.23
CA LYS A 32 2.38 1.33 4.87
C LYS A 32 1.90 0.20 5.78
N ASN A 33 0.87 0.47 6.57
CA ASN A 33 0.31 -0.52 7.49
C ASN A 33 -0.62 -1.50 6.76
N TRP A 34 -0.60 -1.45 5.43
CA TRP A 34 -1.46 -2.32 4.63
C TRP A 34 -1.40 -3.75 5.14
N PRO A 35 -2.45 -4.55 4.85
CA PRO A 35 -2.50 -5.94 5.28
C PRO A 35 -1.52 -6.83 4.51
N ILE A 36 -1.15 -7.96 5.12
CA ILE A 36 -0.23 -8.87 4.46
C ILE A 36 -0.98 -9.54 3.30
N CYS A 37 -0.49 -9.32 2.09
CA CYS A 37 -1.13 -9.88 0.90
C CYS A 37 -1.45 -11.35 1.05
N VAL A 38 -2.33 -11.83 0.19
CA VAL A 38 -2.75 -13.23 0.16
C VAL A 38 -2.49 -13.75 -1.24
N ASP A 39 -2.44 -15.06 -1.41
CA ASP A 39 -2.19 -15.67 -2.72
C ASP A 39 -3.16 -15.19 -3.80
N ASP A 40 -4.21 -14.48 -3.39
CA ASP A 40 -5.20 -13.98 -4.33
C ASP A 40 -4.90 -12.55 -4.78
N ASP A 41 -4.04 -11.87 -4.02
CA ASP A 41 -3.65 -10.50 -4.32
C ASP A 41 -2.82 -10.42 -5.61
N TRP A 42 -2.24 -11.55 -6.01
CA TRP A 42 -1.41 -11.60 -7.21
C TRP A 42 -2.27 -11.46 -8.46
N GLY A 43 -1.95 -10.45 -9.27
CA GLY A 43 -2.70 -10.20 -10.48
C GLY A 43 -3.61 -9.01 -10.25
N THR A 44 -3.69 -8.59 -8.99
CA THR A 44 -4.52 -7.47 -8.58
C THR A 44 -3.65 -6.38 -7.97
N LYS A 45 -2.78 -6.80 -7.05
CA LYS A 45 -1.86 -5.88 -6.39
C LYS A 45 -0.45 -6.33 -6.78
N CYS A 46 0.27 -5.47 -7.50
CA CYS A 46 1.61 -5.82 -7.95
C CYS A 46 2.69 -4.85 -7.48
N PRO A 47 3.96 -5.30 -7.51
CA PRO A 47 5.12 -4.51 -7.09
C PRO A 47 5.21 -3.14 -7.74
N SER A 48 5.89 -2.22 -7.05
CA SER A 48 6.09 -0.87 -7.54
C SER A 48 6.63 -0.89 -8.97
N GLY A 49 6.70 0.28 -9.61
CA GLY A 49 7.21 0.33 -10.96
C GLY A 49 8.71 0.52 -10.93
N CYS A 50 9.19 1.09 -9.84
CA CYS A 50 10.62 1.35 -9.67
C CYS A 50 11.33 0.19 -8.97
N ARG A 51 10.60 -0.58 -8.18
CA ARG A 51 11.21 -1.72 -7.49
C ARG A 51 11.57 -2.79 -8.51
N MET A 52 10.87 -2.79 -9.64
CA MET A 52 11.15 -3.76 -10.70
C MET A 52 12.35 -3.30 -11.53
N GLN A 53 12.34 -2.06 -11.98
CA GLN A 53 13.44 -1.54 -12.77
C GLN A 53 14.64 -1.34 -11.85
N GLY A 54 14.46 -1.68 -10.57
CA GLY A 54 15.52 -1.55 -9.61
C GLY A 54 16.24 -2.87 -9.39
N ILE A 55 15.54 -3.96 -9.65
CA ILE A 55 16.11 -5.30 -9.51
C ILE A 55 16.58 -5.82 -10.87
N ILE A 56 15.75 -5.66 -11.89
CA ILE A 56 16.11 -6.11 -13.23
C ILE A 56 17.45 -5.47 -13.63
N ASP A 57 17.89 -4.50 -12.82
CA ASP A 57 19.16 -3.82 -13.07
C ASP A 57 20.26 -4.56 -12.32
N ASP A 58 20.17 -4.57 -10.99
CA ASP A 58 21.16 -5.26 -10.17
C ASP A 58 21.50 -6.59 -10.83
N THR A 59 20.49 -7.41 -11.05
CA THR A 59 20.67 -8.70 -11.67
C THR A 59 21.48 -8.64 -12.97
N ASP A 60 21.03 -7.82 -13.92
CA ASP A 60 21.73 -7.71 -15.19
C ASP A 60 23.17 -7.33 -14.93
N GLN A 61 23.38 -6.41 -13.98
CA GLN A 61 24.70 -5.94 -13.63
C GLN A 61 25.55 -7.08 -13.04
N ASN A 62 24.97 -7.83 -12.11
CA ASN A 62 25.65 -8.96 -11.49
C ASN A 62 26.10 -9.95 -12.55
N TYR A 63 25.16 -10.36 -13.40
CA TYR A 63 25.43 -11.29 -14.48
C TYR A 63 26.65 -10.92 -15.33
N SER A 64 26.60 -9.74 -15.95
CA SER A 64 27.70 -9.29 -16.79
C SER A 64 28.98 -9.15 -15.97
N GLN A 65 28.82 -9.13 -14.64
CA GLN A 65 29.95 -9.01 -13.73
C GLN A 65 30.52 -10.39 -13.44
N ARG A 66 29.64 -11.38 -13.32
CA ARG A 66 30.06 -12.76 -13.05
C ARG A 66 30.52 -13.38 -14.36
N ILE A 67 29.99 -12.88 -15.47
CA ILE A 67 30.35 -13.37 -16.78
C ILE A 67 31.79 -12.94 -17.09
N ASP A 68 32.17 -11.76 -16.63
CA ASP A 68 33.52 -11.29 -16.87
C ASP A 68 34.48 -12.19 -16.10
N ASN A 69 34.19 -12.37 -14.82
CA ASN A 69 35.03 -13.21 -13.97
C ASN A 69 35.24 -14.59 -14.58
N ILE A 70 34.30 -15.03 -15.40
CA ILE A 70 34.44 -16.33 -16.05
C ILE A 70 35.55 -16.15 -17.11
N ARG A 71 35.33 -15.25 -18.06
CA ARG A 71 36.29 -14.99 -19.11
C ARG A 71 37.68 -14.70 -18.54
N GLN A 72 37.71 -13.92 -17.46
CA GLN A 72 38.96 -13.54 -16.82
C GLN A 72 39.73 -14.71 -16.24
N GLN A 73 39.03 -15.71 -15.69
CA GLN A 73 39.69 -16.86 -15.11
C GLN A 73 39.82 -17.99 -16.13
N LEU A 74 38.98 -17.94 -17.16
CA LEU A 74 39.06 -18.94 -18.20
C LEU A 74 40.36 -18.70 -18.94
N ALA A 75 40.63 -17.44 -19.22
CA ALA A 75 41.83 -17.03 -19.93
C ALA A 75 43.04 -17.31 -19.06
N ASP A 76 42.97 -16.88 -17.80
CA ASP A 76 44.07 -17.09 -16.88
C ASP A 76 44.50 -18.55 -16.95
N SER A 77 43.58 -19.46 -16.65
CA SER A 77 43.86 -20.89 -16.68
C SER A 77 44.17 -21.40 -18.09
N GLN A 78 43.50 -20.85 -19.08
CA GLN A 78 43.71 -21.28 -20.47
C GLN A 78 45.12 -21.00 -21.00
N ASN A 79 45.86 -20.14 -20.32
CA ASN A 79 47.24 -19.82 -20.70
C ASN A 79 48.16 -20.61 -19.77
N LYS A 80 47.73 -20.76 -18.52
CA LYS A 80 48.48 -21.52 -17.52
C LYS A 80 48.19 -22.99 -17.82
N TYR A 81 48.01 -23.29 -19.09
CA TYR A 81 47.74 -24.63 -19.58
C TYR A 81 48.71 -24.81 -20.71
N LYS A 82 49.60 -23.84 -20.82
CA LYS A 82 50.65 -23.83 -21.83
C LYS A 82 51.93 -23.85 -21.02
N THR A 83 52.05 -22.89 -20.12
CA THR A 83 53.20 -22.77 -19.22
C THR A 83 53.44 -24.15 -18.62
N SER A 84 52.35 -24.88 -18.40
CA SER A 84 52.42 -26.21 -17.85
C SER A 84 52.62 -27.18 -18.99
N ASN A 85 51.90 -26.98 -20.08
CA ASN A 85 52.00 -27.85 -21.23
C ASN A 85 53.44 -28.01 -21.74
N ARG A 86 53.98 -26.94 -22.30
CA ARG A 86 55.34 -26.96 -22.83
C ARG A 86 56.35 -27.63 -21.91
N VAL A 87 56.34 -27.26 -20.64
CA VAL A 87 57.25 -27.85 -19.67
C VAL A 87 57.07 -29.38 -19.68
N ILE A 88 56.21 -29.86 -20.58
CA ILE A 88 55.94 -31.28 -20.73
C ILE A 88 56.27 -31.80 -22.11
N VAL A 89 55.65 -31.23 -23.14
CA VAL A 89 55.93 -31.66 -24.51
C VAL A 89 57.43 -31.75 -24.68
N GLU A 90 58.15 -31.07 -23.79
CA GLU A 90 59.60 -31.08 -23.84
C GLU A 90 60.17 -32.13 -22.87
N THR A 91 59.60 -32.21 -21.66
CA THR A 91 60.09 -33.19 -20.70
C THR A 91 59.92 -34.60 -21.26
N ILE A 92 59.06 -34.75 -22.26
CA ILE A 92 58.85 -36.04 -22.90
C ILE A 92 60.16 -36.41 -23.59
N ASN A 93 60.66 -35.48 -24.41
CA ASN A 93 61.90 -35.72 -25.14
C ASN A 93 63.09 -35.86 -24.20
N ILE A 94 63.06 -35.14 -23.08
CA ILE A 94 64.15 -35.20 -22.11
C ILE A 94 64.19 -36.53 -21.37
N LEU A 95 63.07 -37.24 -21.32
CA LEU A 95 63.03 -38.53 -20.61
C LEU A 95 62.54 -39.75 -21.38
N LYS A 96 61.80 -39.55 -22.47
CA LYS A 96 61.33 -40.72 -23.22
C LYS A 96 62.50 -41.54 -23.77
N PRO A 97 63.45 -40.89 -24.46
CA PRO A 97 64.59 -41.62 -25.01
C PRO A 97 65.41 -42.26 -23.89
N GLY A 98 65.71 -41.49 -22.85
CA GLY A 98 66.48 -42.00 -21.74
C GLY A 98 65.89 -43.28 -21.17
N LEU A 99 64.58 -43.45 -21.34
CA LEU A 99 63.88 -44.65 -20.87
C LEU A 99 63.82 -45.66 -21.99
N GLU A 100 63.98 -45.16 -23.21
CA GLU A 100 63.94 -45.99 -24.41
C GLU A 100 65.24 -46.79 -24.47
N GLY A 101 66.36 -46.10 -24.33
CA GLY A 101 67.65 -46.75 -24.37
C GLY A 101 67.83 -47.61 -23.13
N ALA A 102 67.55 -47.04 -21.97
CA ALA A 102 67.68 -47.77 -20.71
C ALA A 102 67.03 -49.13 -20.88
N GLN A 103 65.99 -49.18 -21.69
CA GLN A 103 65.29 -50.42 -21.97
C GLN A 103 66.24 -51.34 -22.74
N GLN A 104 66.86 -50.78 -23.77
CA GLN A 104 67.79 -51.54 -24.60
C GLN A 104 68.94 -52.13 -23.79
N LEU A 105 69.42 -51.41 -22.77
CA LEU A 105 70.49 -51.91 -21.93
C LEU A 105 70.01 -53.15 -21.18
N ASP A 106 68.92 -53.01 -20.44
CA ASP A 106 68.36 -54.13 -19.69
C ASP A 106 68.10 -55.29 -20.65
N GLU A 107 67.73 -54.94 -21.87
CA GLU A 107 67.45 -55.93 -22.91
C GLU A 107 68.71 -56.74 -23.19
N ASN A 108 69.80 -56.04 -23.53
CA ASN A 108 71.07 -56.67 -23.84
C ASN A 108 71.63 -57.50 -22.70
N TYR A 109 71.75 -56.90 -21.51
CA TYR A 109 72.27 -57.65 -20.38
C TYR A 109 71.58 -59.00 -20.32
N GLY A 110 70.33 -59.05 -20.79
CA GLY A 110 69.57 -60.27 -20.78
C GLY A 110 70.16 -61.35 -21.66
N HIS A 111 70.56 -60.99 -22.87
CA HIS A 111 71.14 -61.97 -23.77
C HIS A 111 72.49 -62.40 -23.23
N VAL A 112 73.40 -61.43 -23.14
CA VAL A 112 74.74 -61.70 -22.63
C VAL A 112 74.70 -62.53 -21.38
N SER A 113 73.80 -62.17 -20.47
CA SER A 113 73.67 -62.87 -19.22
C SER A 113 73.32 -64.35 -19.37
N THR A 114 72.41 -64.68 -20.29
CA THR A 114 72.03 -66.08 -20.45
C THR A 114 73.10 -66.83 -21.21
N GLU A 115 73.84 -66.14 -22.08
CA GLU A 115 74.91 -66.81 -22.82
C GLU A 115 75.96 -67.14 -21.78
N LEU A 116 76.31 -66.15 -20.97
CA LEU A 116 77.28 -66.34 -19.92
C LEU A 116 76.88 -67.55 -19.07
N ARG A 117 75.63 -67.58 -18.62
CA ARG A 117 75.16 -68.69 -17.81
C ARG A 117 75.33 -70.02 -18.55
N ARG A 118 74.90 -70.06 -19.80
CA ARG A 118 75.02 -71.29 -20.58
C ARG A 118 76.49 -71.71 -20.54
N ARG A 119 77.38 -70.76 -20.81
CA ARG A 119 78.82 -70.99 -20.79
C ARG A 119 79.29 -71.57 -19.46
N ILE A 120 79.09 -70.82 -18.37
CA ILE A 120 79.48 -71.31 -17.05
C ILE A 120 78.99 -72.74 -16.79
N VAL A 121 77.71 -73.01 -17.07
CA VAL A 121 77.16 -74.36 -16.83
C VAL A 121 77.96 -75.46 -17.51
N THR A 122 78.19 -75.33 -18.81
CA THR A 122 78.95 -76.32 -19.56
C THR A 122 80.35 -76.52 -18.97
N LEU A 123 81.06 -75.41 -18.76
CA LEU A 123 82.41 -75.43 -18.20
C LEU A 123 82.46 -76.05 -16.81
N LYS A 124 81.52 -75.67 -15.95
CA LYS A 124 81.48 -76.22 -14.60
C LYS A 124 81.33 -77.74 -14.64
N GLN A 125 80.68 -78.26 -15.68
CA GLN A 125 80.47 -79.68 -15.83
C GLN A 125 81.74 -80.39 -16.31
N ARG A 126 82.49 -79.74 -17.19
CA ARG A 126 83.71 -80.32 -17.70
C ARG A 126 84.76 -80.42 -16.61
N VAL A 127 84.87 -79.36 -15.80
CA VAL A 127 85.81 -79.31 -14.69
C VAL A 127 85.45 -80.37 -13.67
N ALA A 128 84.19 -80.40 -13.28
CA ALA A 128 83.69 -81.36 -12.29
C ALA A 128 84.15 -82.77 -12.65
N THR A 129 84.16 -83.04 -13.94
CA THR A 129 84.60 -84.31 -14.49
C THR A 129 86.07 -84.58 -14.17
N GLN A 130 86.91 -83.58 -14.38
CA GLN A 130 88.34 -83.73 -14.11
C GLN A 130 88.59 -83.87 -12.63
N VAL A 131 87.93 -83.01 -11.85
CA VAL A 131 88.07 -83.06 -10.41
C VAL A 131 87.72 -84.48 -9.94
N ASN A 132 86.64 -85.01 -10.50
CA ASN A 132 86.21 -86.35 -10.12
C ASN A 132 87.16 -87.44 -10.57
N ARG A 133 87.58 -87.40 -11.82
CA ARG A 133 88.49 -88.43 -12.30
C ARG A 133 89.74 -88.42 -11.44
N ILE A 134 90.24 -87.23 -11.12
CA ILE A 134 91.43 -87.10 -10.28
C ILE A 134 91.21 -87.65 -8.86
N LYS A 135 90.05 -87.38 -8.27
CA LYS A 135 89.76 -87.89 -6.94
C LYS A 135 89.74 -89.41 -7.00
N ALA A 136 89.18 -89.96 -8.07
CA ALA A 136 89.10 -91.41 -8.22
C ALA A 136 90.52 -91.96 -8.39
N LEU A 137 91.34 -91.23 -9.13
CA LEU A 137 92.72 -91.65 -9.32
C LEU A 137 93.38 -91.73 -7.95
N GLN A 138 93.35 -90.61 -7.22
CA GLN A 138 93.94 -90.56 -5.90
C GLN A 138 93.53 -91.71 -4.98
N ASN A 139 92.23 -92.01 -4.87
CA ASN A 139 91.82 -93.10 -4.00
C ASN A 139 92.26 -94.44 -4.56
N SER A 140 92.45 -94.49 -5.88
CA SER A 140 92.88 -95.74 -6.50
C SER A 140 94.36 -95.95 -6.17
N ILE A 141 95.15 -94.90 -6.31
CA ILE A 141 96.58 -94.97 -5.99
C ILE A 141 96.71 -95.25 -4.50
N GLN A 142 95.83 -94.64 -3.72
CA GLN A 142 95.86 -94.84 -2.29
C GLN A 142 95.83 -96.33 -1.94
N GLU A 143 94.79 -97.04 -2.31
CA GLU A 143 94.76 -98.45 -1.96
C GLU A 143 95.87 -99.24 -2.60
N GLN A 144 96.43 -98.69 -3.67
CA GLN A 144 97.54 -99.33 -4.36
C GLN A 144 98.72 -99.27 -3.36
N VAL A 145 98.85 -98.15 -2.67
CA VAL A 145 99.91 -97.95 -1.66
C VAL A 145 99.70 -98.85 -0.44
N VAL A 146 98.44 -99.00 -0.05
CA VAL A 146 98.08 -99.84 1.07
C VAL A 146 98.40 -101.31 0.75
N GLU A 147 98.21 -101.69 -0.50
CA GLU A 147 98.47 -103.05 -0.94
C GLU A 147 99.96 -103.31 -1.04
N MET A 148 100.67 -102.40 -1.69
CA MET A 148 102.11 -102.53 -1.85
C MET A 148 102.85 -102.80 -0.54
N LYS A 149 102.66 -101.94 0.45
CA LYS A 149 103.33 -102.11 1.73
C LYS A 149 103.15 -103.52 2.28
N ARG A 150 102.02 -104.17 1.99
CA ARG A 150 101.82 -105.54 2.44
C ARG A 150 102.55 -106.47 1.47
N LEU A 151 102.44 -106.16 0.17
CA LEU A 151 103.06 -106.98 -0.86
C LEU A 151 104.59 -106.96 -0.89
N GLU A 152 105.20 -105.78 -0.78
CA GLU A 152 106.65 -105.71 -0.79
C GLU A 152 107.19 -106.65 0.28
N VAL A 153 106.64 -106.53 1.49
CA VAL A 153 107.04 -107.39 2.58
C VAL A 153 106.87 -108.87 2.22
N ASP A 154 105.75 -109.22 1.60
CA ASP A 154 105.51 -110.60 1.21
C ASP A 154 106.62 -111.07 0.25
N ILE A 155 107.04 -110.20 -0.67
CA ILE A 155 108.08 -110.57 -1.63
C ILE A 155 109.40 -110.78 -0.88
N ASP A 156 109.73 -109.80 -0.04
CA ASP A 156 110.96 -109.83 0.76
C ASP A 156 111.03 -111.16 1.54
N ILE A 157 109.98 -111.49 2.27
CA ILE A 157 109.94 -112.70 3.05
C ILE A 157 110.02 -113.94 2.18
N LYS A 158 109.26 -113.97 1.10
CA LYS A 158 109.26 -115.14 0.23
C LYS A 158 110.56 -115.30 -0.55
N ILE A 159 111.14 -114.20 -1.01
CA ILE A 159 112.41 -114.29 -1.75
C ILE A 159 113.51 -114.84 -0.85
N ARG A 160 113.50 -114.42 0.42
CA ARG A 160 114.50 -114.87 1.35
C ARG A 160 114.35 -116.35 1.66
N ALA A 161 113.14 -116.88 1.59
CA ALA A 161 112.93 -118.28 1.86
C ALA A 161 113.51 -119.18 0.76
N CYS A 162 114.16 -118.57 -0.22
CA CYS A 162 114.79 -119.35 -1.27
C CYS A 162 116.25 -119.61 -0.86
N LYS A 163 116.77 -118.79 0.05
CA LYS A 163 118.13 -118.92 0.53
C LYS A 163 118.45 -120.35 0.98
N GLY A 164 117.45 -121.08 1.43
CA GLY A 164 117.68 -122.44 1.88
C GLY A 164 117.24 -123.50 0.88
N SER A 165 117.07 -123.10 -0.38
CA SER A 165 116.64 -124.03 -1.42
C SER A 165 117.47 -123.93 -2.70
N CYS A 166 117.95 -122.73 -3.00
CA CYS A 166 118.70 -122.44 -4.20
C CYS A 166 120.21 -122.15 -4.00
N ALA A 167 121.01 -122.51 -4.98
CA ALA A 167 122.45 -122.32 -4.93
C ALA A 167 122.90 -120.91 -4.59
N ARG A 168 122.08 -119.90 -4.88
CA ARG A 168 122.47 -118.53 -4.59
C ARG A 168 121.26 -117.72 -4.11
N SER A 169 121.51 -116.66 -3.35
CA SER A 169 120.44 -115.87 -2.79
C SER A 169 120.56 -114.39 -3.08
N PHE A 170 119.48 -113.79 -3.58
CA PHE A 170 119.46 -112.37 -3.89
C PHE A 170 119.08 -111.60 -2.64
N ASP A 171 119.86 -110.57 -2.32
CA ASP A 171 119.57 -109.83 -1.11
C ASP A 171 118.68 -108.63 -1.31
N TYR A 172 117.39 -108.83 -1.02
CA TYR A 172 116.43 -107.76 -1.12
C TYR A 172 116.08 -107.29 0.29
N GLN A 173 115.91 -105.98 0.45
CA GLN A 173 115.55 -105.43 1.75
C GLN A 173 114.47 -104.36 1.58
N VAL A 174 113.49 -104.37 2.46
CA VAL A 174 112.39 -103.42 2.40
C VAL A 174 112.77 -102.09 3.05
N ASP A 175 112.38 -100.97 2.44
CA ASP A 175 112.63 -99.64 3.00
C ASP A 175 111.48 -99.48 3.99
N LYS A 176 111.74 -99.71 5.27
CA LYS A 176 110.68 -99.60 6.26
C LYS A 176 109.99 -98.24 6.25
N GLU A 177 110.48 -97.34 5.41
CA GLU A 177 109.89 -96.00 5.29
C GLU A 177 109.86 -95.59 3.83
N GLY A 178 109.72 -96.57 2.94
CA GLY A 178 109.68 -96.28 1.52
C GLY A 178 108.42 -95.61 1.04
N TYR A 179 107.32 -95.84 1.75
CA TYR A 179 106.06 -95.24 1.36
C TYR A 179 105.72 -93.95 2.11
N ASP A 180 106.45 -93.67 3.18
CA ASP A 180 106.23 -92.46 3.96
C ASP A 180 106.23 -91.20 3.10
N ASN A 181 107.14 -91.15 2.13
CA ASN A 181 107.23 -90.00 1.24
C ASN A 181 105.98 -89.95 0.37
N ILE A 182 105.66 -91.09 -0.23
CA ILE A 182 104.49 -91.23 -1.09
C ILE A 182 103.23 -90.88 -0.31
N GLN A 183 103.14 -91.40 0.91
CA GLN A 183 101.98 -91.16 1.76
C GLN A 183 101.75 -89.69 2.07
N LYS A 184 102.82 -88.95 2.32
CA LYS A 184 102.68 -87.54 2.63
C LYS A 184 102.32 -86.77 1.37
N HIS A 185 102.74 -87.27 0.21
CA HIS A 185 102.40 -86.62 -1.05
C HIS A 185 100.91 -86.86 -1.29
N LEU A 186 100.45 -88.03 -0.88
CA LEU A 186 99.05 -88.38 -1.06
C LEU A 186 98.18 -87.55 -0.16
N THR A 187 98.26 -87.78 1.15
CA THR A 187 97.48 -87.02 2.11
C THR A 187 97.64 -85.52 1.83
N GLN A 188 98.63 -85.18 1.00
CA GLN A 188 98.91 -83.80 0.61
C GLN A 188 97.83 -83.39 -0.38
N ALA A 189 97.85 -83.99 -1.56
CA ALA A 189 96.88 -83.70 -2.62
C ALA A 189 95.45 -83.90 -2.11
N SER A 190 95.32 -84.67 -1.03
CA SER A 190 94.03 -84.95 -0.41
C SER A 190 93.53 -83.75 0.38
N SER A 191 94.46 -82.91 0.82
CA SER A 191 94.11 -81.72 1.60
C SER A 191 93.66 -80.58 0.70
N ILE A 192 93.91 -80.72 -0.60
CA ILE A 192 93.51 -79.70 -1.57
C ILE A 192 92.00 -79.67 -1.66
N ASP A 193 91.43 -78.47 -1.51
CA ASP A 193 89.99 -78.30 -1.59
C ASP A 193 89.60 -77.94 -3.02
N MET A 194 88.95 -78.88 -3.68
CA MET A 194 88.51 -78.68 -5.05
C MET A 194 87.13 -78.05 -4.99
N HIS A 195 86.78 -77.56 -3.80
CA HIS A 195 85.49 -76.94 -3.53
C HIS A 195 84.36 -77.92 -3.82
N PRO A 196 84.41 -79.10 -3.20
CA PRO A 196 83.43 -80.17 -3.36
C PRO A 196 81.98 -79.73 -3.23
N ASP A 197 81.09 -80.66 -3.51
CA ASP A 197 79.65 -80.43 -3.43
C ASP A 197 79.23 -79.29 -4.35
N PHE A 198 79.75 -79.32 -5.58
CA PHE A 198 79.41 -78.30 -6.56
C PHE A 198 78.94 -78.86 -7.90
N GLN A 199 77.68 -79.32 -7.87
CA GLN A 199 76.98 -79.87 -9.03
C GLN A 199 75.70 -79.03 -9.01
N THR A 200 75.78 -77.92 -8.29
CA THR A 200 74.68 -76.98 -8.12
C THR A 200 74.88 -75.75 -8.99
N THR A 201 73.81 -75.29 -9.63
CA THR A 201 73.85 -74.10 -10.49
C THR A 201 72.74 -73.14 -10.07
N THR A 202 72.65 -71.98 -10.73
CA THR A 202 71.61 -70.99 -10.41
C THR A 202 71.02 -70.34 -11.66
N LEU A 203 71.39 -70.86 -12.83
CA LEU A 203 70.91 -70.37 -14.13
C LEU A 203 70.04 -69.11 -14.12
N SER A 204 68.75 -69.31 -14.33
CA SER A 204 67.74 -68.25 -14.39
C SER A 204 68.02 -66.97 -13.61
N THR A 205 67.95 -65.85 -14.32
CA THR A 205 68.15 -64.53 -13.71
C THR A 205 66.77 -64.13 -13.16
N LEU A 206 66.41 -64.75 -12.03
CA LEU A 206 65.12 -64.55 -11.35
C LEU A 206 64.68 -63.10 -11.14
N LYS A 207 63.36 -62.91 -11.09
CA LYS A 207 62.71 -61.62 -10.89
C LYS A 207 63.36 -60.45 -11.64
N MET A 208 63.14 -60.39 -12.95
CA MET A 208 63.68 -59.34 -13.80
C MET A 208 62.71 -59.13 -14.96
N ARG A 209 61.88 -58.10 -14.86
CA ARG A 209 60.89 -57.77 -15.91
C ARG A 209 61.12 -56.36 -16.43
N PRO A 210 61.00 -56.18 -17.76
CA PRO A 210 61.20 -54.86 -18.40
C PRO A 210 60.49 -53.71 -17.67
N LEU A 211 59.26 -53.41 -18.06
CA LEU A 211 58.47 -52.35 -17.43
C LEU A 211 57.18 -52.11 -18.20
N LYS A 212 57.11 -50.98 -18.90
CA LYS A 212 55.94 -50.60 -19.69
C LYS A 212 56.36 -50.02 -21.05
N ASP A 213 56.12 -50.79 -22.11
CA ASP A 213 56.47 -50.38 -23.47
C ASP A 213 55.45 -49.45 -24.14
N SER A 214 54.29 -50.00 -24.47
CA SER A 214 53.22 -49.23 -25.12
C SER A 214 52.29 -48.48 -24.16
N ASN A 215 52.86 -47.86 -23.14
CA ASN A 215 52.07 -47.10 -22.17
C ASN A 215 52.59 -45.66 -22.06
N VAL A 216 53.85 -45.44 -22.43
CA VAL A 216 54.43 -44.09 -22.38
C VAL A 216 53.78 -43.29 -23.52
N PRO A 217 53.76 -43.84 -24.75
CA PRO A 217 53.17 -43.16 -25.91
C PRO A 217 51.64 -43.29 -25.90
N GLU A 218 51.05 -43.19 -24.71
CA GLU A 218 49.59 -43.32 -24.53
C GLU A 218 48.83 -42.14 -25.15
N ILE B 63 16.73 -3.47 3.12
CA ILE B 63 16.55 -2.40 2.10
C ILE B 63 16.77 -2.98 0.70
N TYR B 64 16.24 -2.30 -0.32
CA TYR B 64 16.37 -2.78 -1.69
C TYR B 64 16.69 -1.68 -2.73
N PRO B 65 16.84 -2.05 -4.01
CA PRO B 65 17.15 -1.09 -5.09
C PRO B 65 16.16 0.04 -5.37
N ASP B 66 15.30 -0.15 -6.36
CA ASP B 66 14.32 0.87 -6.79
C ASP B 66 15.01 1.91 -7.67
N ALA B 67 14.56 2.02 -8.92
CA ALA B 67 15.15 2.99 -9.84
C ALA B 67 14.38 3.08 -11.16
N GLY B 68 14.37 4.28 -11.75
CA GLY B 68 13.69 4.48 -13.02
C GLY B 68 12.52 5.46 -12.96
N GLY B 69 12.41 6.19 -11.86
CA GLY B 69 11.31 7.12 -11.72
C GLY B 69 11.68 8.61 -11.71
N CYS B 70 10.65 9.44 -11.62
CA CYS B 70 10.81 10.91 -11.60
C CYS B 70 9.63 11.52 -10.85
N LYS B 71 9.82 12.73 -10.32
CA LYS B 71 8.74 13.42 -9.61
C LYS B 71 8.06 14.37 -10.58
N HIS B 72 6.72 14.39 -10.54
CA HIS B 72 5.95 15.24 -11.43
C HIS B 72 5.74 16.61 -10.80
N PRO B 73 5.78 17.68 -11.63
CA PRO B 73 5.60 19.05 -11.13
C PRO B 73 4.24 19.25 -10.44
N LEU B 74 3.48 18.17 -10.33
CA LEU B 74 2.18 18.19 -9.69
C LEU B 74 2.23 17.23 -8.51
N ASP B 75 2.59 17.75 -7.35
CA ASP B 75 2.71 16.98 -6.11
C ASP B 75 1.67 15.86 -5.99
N GLU B 76 0.51 16.08 -6.58
CA GLU B 76 -0.58 15.09 -6.54
C GLU B 76 -0.16 13.74 -7.11
N LEU B 77 0.27 13.74 -8.37
CA LEU B 77 0.68 12.50 -9.05
C LEU B 77 1.75 11.72 -8.28
N GLY B 78 2.54 12.44 -7.47
CA GLY B 78 3.57 11.79 -6.69
C GLY B 78 4.80 11.45 -7.52
N VAL B 79 5.36 10.26 -7.29
CA VAL B 79 6.53 9.81 -8.02
C VAL B 79 6.16 8.74 -9.05
N LEU B 80 6.45 9.01 -10.32
CA LEU B 80 6.15 8.07 -11.40
C LEU B 80 7.23 7.01 -11.51
N CYS B 81 6.90 5.88 -12.14
CA CYS B 81 7.85 4.80 -12.32
C CYS B 81 7.59 4.00 -13.59
N PRO B 82 8.60 3.24 -14.05
CA PRO B 82 8.52 2.43 -15.27
C PRO B 82 7.19 1.73 -15.55
N THR B 83 6.80 1.79 -16.83
CA THR B 83 5.58 1.17 -17.31
C THR B 83 5.74 -0.33 -17.26
N GLY B 84 4.70 -1.04 -17.71
CA GLY B 84 4.75 -2.48 -17.75
C GLY B 84 5.36 -2.82 -19.09
N CYS B 85 5.44 -1.80 -19.95
CA CYS B 85 6.02 -1.94 -21.29
C CYS B 85 7.49 -1.61 -21.19
N GLU B 86 7.79 -0.59 -20.39
CA GLU B 86 9.16 -0.15 -20.20
C GLU B 86 9.99 -1.31 -19.65
N LEU B 87 9.35 -2.13 -18.83
CA LEU B 87 10.01 -3.27 -18.24
C LEU B 87 10.03 -4.47 -19.16
N GLN B 88 9.05 -4.55 -20.05
CA GLN B 88 8.99 -5.67 -20.98
C GLN B 88 10.14 -5.52 -21.98
N THR B 89 10.16 -4.39 -22.67
CA THR B 89 11.20 -4.11 -23.64
C THR B 89 12.58 -4.31 -23.00
N THR B 90 12.73 -3.88 -21.76
CA THR B 90 13.99 -4.04 -21.05
C THR B 90 14.40 -5.51 -20.95
N LEU B 91 13.50 -6.35 -20.44
CA LEU B 91 13.79 -7.77 -20.29
C LEU B 91 14.02 -8.47 -21.62
N LEU B 92 13.00 -8.47 -22.48
CA LEU B 92 13.11 -9.12 -23.78
C LEU B 92 14.47 -8.92 -24.43
N LYS B 93 15.07 -7.75 -24.21
CA LYS B 93 16.38 -7.46 -24.79
C LYS B 93 17.49 -8.11 -23.98
N GLN B 94 17.49 -7.89 -22.67
CA GLN B 94 18.51 -8.49 -21.82
C GLN B 94 18.57 -9.99 -22.09
N GLU B 95 17.40 -10.59 -22.33
CA GLU B 95 17.29 -12.02 -22.61
C GLU B 95 18.02 -12.43 -23.89
N LYS B 96 17.62 -11.88 -25.03
CA LYS B 96 18.25 -12.21 -26.30
C LYS B 96 19.70 -11.75 -26.39
N THR B 97 20.14 -10.98 -25.40
CA THR B 97 21.51 -10.50 -25.37
C THR B 97 22.40 -11.39 -24.50
N VAL B 98 21.81 -11.98 -23.46
CA VAL B 98 22.55 -12.87 -22.57
C VAL B 98 22.44 -14.32 -23.04
N LYS B 99 21.67 -14.52 -24.11
CA LYS B 99 21.47 -15.86 -24.67
C LYS B 99 22.72 -16.41 -25.37
N PRO B 100 23.12 -15.80 -26.50
CA PRO B 100 24.31 -16.29 -27.23
C PRO B 100 25.53 -16.33 -26.33
N VAL B 101 25.68 -15.31 -25.49
CA VAL B 101 26.80 -15.22 -24.57
C VAL B 101 27.01 -16.51 -23.76
N LEU B 102 25.98 -16.92 -23.03
CA LEU B 102 26.08 -18.13 -22.21
C LEU B 102 26.29 -19.39 -23.06
N ARG B 103 25.62 -19.46 -24.19
CA ARG B 103 25.73 -20.62 -25.08
C ARG B 103 27.11 -20.72 -25.73
N ASP B 104 27.83 -19.61 -25.77
CA ASP B 104 29.16 -19.59 -26.35
C ASP B 104 30.19 -19.76 -25.23
N LEU B 105 29.95 -19.09 -24.12
CA LEU B 105 30.83 -19.17 -22.96
C LEU B 105 30.79 -20.60 -22.41
N LYS B 106 29.64 -21.26 -22.56
CA LYS B 106 29.47 -22.64 -22.10
C LYS B 106 30.30 -23.57 -22.97
N ASP B 107 30.05 -23.53 -24.28
CA ASP B 107 30.79 -24.37 -25.24
C ASP B 107 32.29 -24.11 -25.09
N ARG B 108 32.64 -22.83 -24.91
CA ARG B 108 34.03 -22.42 -24.74
C ARG B 108 34.60 -23.10 -23.48
N VAL B 109 33.97 -22.86 -22.33
CA VAL B 109 34.42 -23.45 -21.07
C VAL B 109 34.31 -24.98 -21.07
N ALA B 110 33.31 -25.51 -21.75
CA ALA B 110 33.12 -26.96 -21.80
C ALA B 110 34.35 -27.61 -22.43
N LYS B 111 34.64 -27.21 -23.66
CA LYS B 111 35.78 -27.73 -24.39
C LYS B 111 37.05 -27.65 -23.56
N PHE B 112 37.37 -26.46 -23.04
CA PHE B 112 38.58 -26.32 -22.24
C PHE B 112 38.60 -27.28 -21.05
N SER B 113 37.45 -27.61 -20.50
CA SER B 113 37.43 -28.54 -19.37
C SER B 113 37.67 -29.94 -19.90
N ASP B 114 37.08 -30.24 -21.05
CA ASP B 114 37.23 -31.54 -21.69
C ASP B 114 38.71 -31.76 -22.04
N THR B 115 39.29 -30.80 -22.73
CA THR B 115 40.69 -30.88 -23.13
C THR B 115 41.58 -30.93 -21.90
N SER B 116 41.27 -30.10 -20.91
CA SER B 116 42.03 -30.02 -19.67
C SER B 116 41.96 -31.29 -18.83
N THR B 117 40.75 -31.82 -18.67
CA THR B 117 40.55 -33.02 -17.88
C THR B 117 41.28 -34.22 -18.48
N THR B 118 41.29 -34.29 -19.80
CA THR B 118 41.96 -35.38 -20.51
C THR B 118 43.46 -35.24 -20.28
N MET B 119 43.99 -34.08 -20.62
CA MET B 119 45.39 -33.79 -20.47
C MET B 119 45.85 -34.08 -19.04
N TYR B 120 44.92 -34.08 -18.10
CA TYR B 120 45.24 -34.36 -16.70
C TYR B 120 45.38 -35.84 -16.44
N GLN B 121 44.49 -36.63 -17.03
CA GLN B 121 44.54 -38.07 -16.84
C GLN B 121 45.86 -38.57 -17.43
N TYR B 122 46.17 -38.09 -18.63
CA TYR B 122 47.39 -38.45 -19.34
C TYR B 122 48.63 -38.16 -18.50
N VAL B 123 48.81 -36.89 -18.14
CA VAL B 123 49.95 -36.50 -17.34
C VAL B 123 50.04 -37.28 -16.04
N ASN B 124 48.91 -37.68 -15.48
CA ASN B 124 48.93 -38.44 -14.25
C ASN B 124 49.23 -39.90 -14.51
N MET B 125 48.88 -40.37 -15.71
CA MET B 125 49.14 -41.74 -16.09
C MET B 125 50.67 -41.90 -16.15
N ILE B 126 51.31 -40.94 -16.81
CA ILE B 126 52.76 -40.94 -16.94
C ILE B 126 53.43 -40.85 -15.59
N ASP B 127 53.23 -39.74 -14.87
CA ASP B 127 53.83 -39.58 -13.56
C ASP B 127 53.73 -40.90 -12.81
N ASN B 128 52.54 -41.49 -12.84
CA ASN B 128 52.30 -42.76 -12.18
C ASN B 128 53.16 -43.89 -12.72
N LYS B 129 53.44 -43.88 -14.02
CA LYS B 129 54.27 -44.91 -14.62
C LYS B 129 55.74 -44.71 -14.29
N LEU B 130 56.25 -43.49 -14.53
CA LEU B 130 57.65 -43.21 -14.24
C LEU B 130 58.01 -43.65 -12.83
N VAL B 131 57.14 -43.36 -11.88
CA VAL B 131 57.40 -43.72 -10.49
C VAL B 131 57.48 -45.24 -10.31
N LYS B 132 56.79 -45.98 -11.17
CA LYS B 132 56.82 -47.44 -11.10
C LYS B 132 58.11 -47.91 -11.75
N THR B 133 58.38 -47.39 -12.94
CA THR B 133 59.58 -47.73 -13.70
C THR B 133 60.83 -47.39 -12.89
N GLN B 134 60.78 -46.24 -12.22
CA GLN B 134 61.90 -45.78 -11.40
C GLN B 134 62.11 -46.63 -10.17
N LYS B 135 61.07 -47.33 -9.73
CA LYS B 135 61.18 -48.19 -8.54
C LYS B 135 61.60 -49.60 -8.94
N GLN B 136 61.12 -50.05 -10.10
CA GLN B 136 61.47 -51.39 -10.57
C GLN B 136 62.94 -51.43 -10.98
N ARG B 137 63.49 -50.27 -11.36
CA ARG B 137 64.89 -50.18 -11.73
C ARG B 137 65.68 -50.66 -10.52
N LYS B 138 65.34 -50.11 -9.34
CA LYS B 138 66.02 -50.48 -8.10
C LYS B 138 65.76 -51.94 -7.75
N ASP B 139 64.55 -52.42 -8.05
CA ASP B 139 64.20 -53.80 -7.78
C ASP B 139 65.16 -54.72 -8.56
N ASN B 140 65.37 -54.39 -9.82
CA ASN B 140 66.26 -55.17 -10.68
C ASN B 140 67.73 -54.93 -10.35
N ASP B 141 68.10 -53.67 -10.11
CA ASP B 141 69.48 -53.33 -9.79
C ASP B 141 70.03 -54.06 -8.56
N ILE B 142 69.13 -54.60 -7.74
CA ILE B 142 69.53 -55.34 -6.54
C ILE B 142 69.37 -56.83 -6.79
N ILE B 143 68.57 -57.17 -7.80
CA ILE B 143 68.36 -58.58 -8.13
C ILE B 143 69.59 -59.04 -8.92
N LEU B 144 70.14 -58.13 -9.73
CA LEU B 144 71.30 -58.44 -10.54
C LEU B 144 72.54 -58.49 -9.65
N SER B 145 72.95 -57.33 -9.14
CA SER B 145 74.11 -57.24 -8.27
C SER B 145 74.14 -58.45 -7.35
N GLU B 146 72.97 -58.97 -7.06
CA GLU B 146 72.81 -60.15 -6.21
C GLU B 146 73.23 -61.36 -7.04
N TYR B 147 72.47 -61.61 -8.12
CA TYR B 147 72.74 -62.71 -9.04
C TYR B 147 74.19 -62.70 -9.50
N ASN B 148 74.61 -61.60 -10.11
CA ASN B 148 75.97 -61.43 -10.60
C ASN B 148 76.96 -61.89 -9.54
N THR B 149 76.87 -61.30 -8.37
CA THR B 149 77.74 -61.65 -7.25
C THR B 149 77.89 -63.17 -7.18
N GLU B 150 76.78 -63.84 -6.89
CA GLU B 150 76.77 -65.28 -6.78
C GLU B 150 77.19 -66.03 -8.05
N MET B 151 77.21 -65.35 -9.21
CA MET B 151 77.63 -66.05 -10.43
C MET B 151 79.13 -65.98 -10.54
N GLU B 152 79.72 -64.96 -9.91
CA GLU B 152 81.17 -64.81 -9.94
C GLU B 152 81.76 -65.81 -8.95
N LEU B 153 81.12 -65.94 -7.79
CA LEU B 153 81.58 -66.89 -6.78
C LEU B 153 81.63 -68.25 -7.46
N HIS B 154 80.69 -68.46 -8.36
CA HIS B 154 80.57 -69.68 -9.13
C HIS B 154 81.76 -69.82 -10.08
N TYR B 155 82.00 -68.77 -10.86
CA TYR B 155 83.09 -68.74 -11.83
C TYR B 155 84.48 -68.92 -11.22
N ASN B 156 84.69 -68.38 -10.02
CA ASN B 156 85.98 -68.51 -9.37
C ASN B 156 86.23 -69.94 -8.94
N TYR B 157 85.17 -70.72 -8.76
CA TYR B 157 85.29 -72.13 -8.41
C TYR B 157 86.09 -72.73 -9.57
N ILE B 158 85.59 -72.50 -10.78
CA ILE B 158 86.22 -73.01 -11.98
C ILE B 158 87.63 -72.46 -12.13
N LYS B 159 87.75 -71.14 -12.12
CA LYS B 159 89.03 -70.49 -12.30
C LYS B 159 90.05 -71.07 -11.33
N ASP B 160 89.69 -71.13 -10.05
CA ASP B 160 90.60 -71.68 -9.05
C ASP B 160 91.07 -73.07 -9.45
N ASN B 161 90.13 -74.02 -9.51
CA ASN B 161 90.45 -75.39 -9.88
C ASN B 161 91.27 -75.50 -11.17
N LEU B 162 90.98 -74.66 -12.16
CA LEU B 162 91.73 -74.77 -13.39
C LEU B 162 93.17 -74.26 -13.31
N ASP B 163 93.37 -73.17 -12.59
CA ASP B 163 94.70 -72.58 -12.46
C ASP B 163 95.53 -73.04 -11.28
N ASN B 164 94.96 -73.77 -10.34
CA ASN B 164 95.75 -74.19 -9.19
C ASN B 164 95.51 -75.61 -8.70
N ASN B 165 94.34 -75.85 -8.14
CA ASN B 165 94.03 -77.16 -7.60
C ASN B 165 94.26 -78.37 -8.52
N ILE B 166 93.82 -78.28 -9.78
CA ILE B 166 94.01 -79.40 -10.70
C ILE B 166 95.47 -79.57 -11.10
N PRO B 167 96.09 -78.53 -11.69
CA PRO B 167 97.49 -78.57 -12.12
C PRO B 167 98.36 -79.12 -11.02
N SER B 168 98.18 -78.54 -9.84
CA SER B 168 98.90 -78.92 -8.63
C SER B 168 98.70 -80.40 -8.33
N SER B 169 97.45 -80.79 -8.12
CA SER B 169 97.09 -82.17 -7.83
C SER B 169 97.64 -83.18 -8.85
N LEU B 170 97.73 -82.79 -10.13
CA LEU B 170 98.27 -83.69 -11.14
C LEU B 170 99.78 -83.91 -10.92
N ARG B 171 100.52 -82.83 -10.72
CA ARG B 171 101.96 -82.93 -10.47
C ARG B 171 102.24 -83.88 -9.30
N VAL B 172 101.43 -83.79 -8.26
CA VAL B 172 101.62 -84.66 -7.10
C VAL B 172 101.28 -86.11 -7.45
N LEU B 173 100.27 -86.30 -8.29
CA LEU B 173 99.88 -87.64 -8.67
C LEU B 173 100.91 -88.23 -9.62
N ARG B 174 101.47 -87.40 -10.50
CA ARG B 174 102.47 -87.92 -11.43
C ARG B 174 103.66 -88.46 -10.66
N ALA B 175 104.10 -87.69 -9.67
CA ALA B 175 105.23 -88.06 -8.82
C ALA B 175 104.96 -89.39 -8.12
N VAL B 176 103.85 -89.47 -7.41
CA VAL B 176 103.50 -90.68 -6.69
C VAL B 176 103.40 -91.90 -7.61
N ILE B 177 102.89 -91.70 -8.82
CA ILE B 177 102.77 -92.79 -9.79
C ILE B 177 104.15 -93.22 -10.26
N ASP B 178 105.01 -92.24 -10.52
CA ASP B 178 106.38 -92.51 -10.95
C ASP B 178 107.12 -93.29 -9.86
N SER B 179 106.91 -92.93 -8.59
CA SER B 179 107.57 -93.62 -7.50
C SER B 179 107.12 -95.07 -7.50
N LEU B 180 105.82 -95.27 -7.37
CA LEU B 180 105.25 -96.62 -7.35
C LEU B 180 105.88 -97.45 -8.45
N HIS B 181 105.93 -96.90 -9.66
CA HIS B 181 106.51 -97.62 -10.78
C HIS B 181 107.89 -98.13 -10.38
N LYS B 182 108.78 -97.20 -10.01
CA LYS B 182 110.13 -97.55 -9.61
C LYS B 182 110.17 -98.71 -8.63
N LYS B 183 109.44 -98.60 -7.51
CA LYS B 183 109.41 -99.68 -6.52
C LYS B 183 108.98 -100.98 -7.19
N ILE B 184 107.93 -100.91 -8.00
CA ILE B 184 107.43 -102.09 -8.67
C ILE B 184 108.51 -102.72 -9.56
N GLN B 185 109.32 -101.91 -10.20
CA GLN B 185 110.35 -102.47 -11.05
C GLN B 185 111.46 -103.14 -10.23
N LYS B 186 111.84 -102.49 -9.13
CA LYS B 186 112.87 -103.03 -8.24
C LYS B 186 112.42 -104.41 -7.79
N LEU B 187 111.18 -104.48 -7.29
CA LEU B 187 110.60 -105.74 -6.84
C LEU B 187 110.64 -106.77 -7.96
N GLU B 188 110.30 -106.30 -9.16
CA GLU B 188 110.26 -107.12 -10.37
C GLU B 188 111.61 -107.76 -10.62
N ASN B 189 112.66 -106.95 -10.58
CA ASN B 189 114.02 -107.41 -10.79
C ASN B 189 114.47 -108.39 -9.74
N ALA B 190 114.13 -108.11 -8.48
CA ALA B 190 114.51 -108.99 -7.39
C ALA B 190 113.95 -110.40 -7.65
N ILE B 191 112.67 -110.48 -7.96
CA ILE B 191 112.03 -111.76 -8.22
C ILE B 191 112.65 -112.41 -9.45
N ALA B 192 113.05 -111.59 -10.41
CA ALA B 192 113.66 -112.09 -11.62
C ALA B 192 115.01 -112.70 -11.28
N THR B 193 115.89 -111.89 -10.69
CA THR B 193 117.22 -112.34 -10.31
C THR B 193 117.21 -113.63 -9.47
N GLN B 194 116.33 -113.70 -8.48
CA GLN B 194 116.28 -114.89 -7.64
C GLN B 194 115.85 -116.12 -8.42
N THR B 195 114.97 -115.97 -9.41
CA THR B 195 114.53 -117.12 -10.19
C THR B 195 115.73 -117.62 -11.00
N ASP B 196 116.57 -116.70 -11.45
CA ASP B 196 117.77 -117.07 -12.17
C ASP B 196 118.64 -117.90 -11.21
N TYR B 197 118.81 -117.40 -9.98
CA TYR B 197 119.57 -118.09 -8.94
C TYR B 197 119.04 -119.48 -8.61
N CYS B 198 117.72 -119.69 -8.75
CA CYS B 198 117.14 -120.99 -8.43
C CYS B 198 117.18 -122.02 -9.54
N ARG B 199 118.05 -121.78 -10.52
CA ARG B 199 118.22 -122.72 -11.61
C ARG B 199 118.92 -123.94 -11.02
N SER B 200 119.73 -123.68 -9.98
CA SER B 200 120.48 -124.73 -9.28
C SER B 200 120.12 -124.68 -7.79
N PRO B 201 120.11 -125.84 -7.12
CA PRO B 201 119.79 -125.93 -5.70
C PRO B 201 121.01 -125.70 -4.79
N CYS B 202 120.76 -125.45 -3.51
CA CYS B 202 121.86 -125.27 -2.56
C CYS B 202 122.27 -126.68 -2.17
N VAL B 203 123.54 -126.85 -1.80
CA VAL B 203 124.06 -128.18 -1.45
C VAL B 203 124.55 -128.31 0.00
N ALA B 204 124.74 -129.55 0.43
CA ALA B 204 125.19 -129.82 1.79
C ALA B 204 126.02 -131.10 1.82
N SER B 205 127.27 -131.00 2.21
CA SER B 205 128.09 -132.20 2.31
C SER B 205 128.26 -132.45 3.78
N CYS B 206 127.20 -133.02 4.36
CA CYS B 206 127.19 -133.30 5.78
C CYS B 206 127.54 -134.73 6.08
N ASN B 207 128.84 -134.97 6.23
CA ASN B 207 129.30 -136.30 6.54
C ASN B 207 128.78 -136.66 7.93
N ILE B 208 128.33 -137.90 8.09
CA ILE B 208 127.74 -138.36 9.34
C ILE B 208 128.73 -138.74 10.43
N PRO B 209 128.53 -138.23 11.65
CA PRO B 209 129.44 -138.59 12.75
C PRO B 209 129.29 -140.07 13.07
N VAL B 210 130.36 -140.70 13.51
CA VAL B 210 130.32 -142.11 13.85
C VAL B 210 129.48 -142.41 15.08
N VAL B 211 129.53 -141.54 16.08
CA VAL B 211 128.79 -141.81 17.31
C VAL B 211 127.31 -141.51 17.15
N SER B 212 126.45 -142.38 17.65
CA SER B 212 125.00 -142.23 17.51
C SER B 212 124.25 -142.90 18.65
N GLY B 213 122.97 -142.55 18.83
CA GLY B 213 122.14 -143.15 19.87
C GLY B 213 120.67 -142.77 19.80
N ARG B 214 119.92 -143.02 20.87
CA ARG B 214 118.49 -142.70 20.94
C ARG B 214 118.23 -141.24 20.59
N GLU B 215 119.03 -140.35 21.17
CA GLU B 215 118.90 -138.92 20.89
C GLU B 215 120.16 -138.21 21.31
N CYS B 216 120.17 -136.88 21.22
CA CYS B 216 121.35 -136.12 21.56
C CYS B 216 121.96 -136.38 22.94
N GLU B 217 121.14 -136.42 23.98
CA GLU B 217 121.68 -136.66 25.31
C GLU B 217 122.43 -137.99 25.33
N ASP B 218 121.83 -139.02 24.75
CA ASP B 218 122.51 -140.32 24.71
C ASP B 218 123.83 -140.18 23.95
N ILE B 219 123.82 -139.46 22.84
CA ILE B 219 125.05 -139.28 22.08
C ILE B 219 126.08 -138.57 22.96
N TYR B 220 125.67 -137.51 23.63
CA TYR B 220 126.58 -136.77 24.51
C TYR B 220 127.24 -137.67 25.55
N ARG B 221 126.46 -138.56 26.16
CA ARG B 221 126.99 -139.48 27.15
C ARG B 221 127.92 -140.49 26.49
N LYS B 222 127.81 -140.61 25.17
CA LYS B 222 128.63 -141.56 24.43
C LYS B 222 129.88 -140.90 23.87
N GLY B 223 130.05 -139.61 24.15
CA GLY B 223 131.25 -138.95 23.68
C GLY B 223 131.13 -137.82 22.69
N GLY B 224 129.94 -137.65 22.10
CA GLY B 224 129.75 -136.58 21.13
C GLY B 224 129.75 -135.24 21.80
N GLU B 225 130.87 -134.54 21.78
CA GLU B 225 130.93 -133.27 22.47
C GLU B 225 130.82 -132.00 21.63
N THR B 226 130.91 -132.13 20.32
CA THR B 226 130.80 -130.96 19.47
C THR B 226 129.38 -130.82 18.94
N SER B 227 128.91 -129.57 18.88
CA SER B 227 127.57 -129.29 18.38
C SER B 227 127.65 -129.40 16.87
N GLU B 228 126.88 -130.31 16.32
CA GLU B 228 126.88 -130.52 14.88
C GLU B 228 125.76 -131.48 14.52
N MET B 229 125.69 -131.88 13.25
CA MET B 229 124.64 -132.78 12.85
C MET B 229 125.01 -134.22 13.17
N TYR B 230 124.03 -134.98 13.64
CA TYR B 230 124.20 -136.39 13.99
C TYR B 230 122.97 -137.13 13.46
N ILE B 231 122.99 -138.45 13.56
CA ILE B 231 121.82 -139.25 13.21
C ILE B 231 121.49 -139.99 14.51
N ILE B 232 120.21 -140.01 14.84
CA ILE B 232 119.76 -140.69 16.04
C ILE B 232 118.71 -141.72 15.64
N GLN B 233 118.41 -142.63 16.56
CA GLN B 233 117.41 -143.64 16.30
C GLN B 233 116.60 -143.80 17.58
N PRO B 234 115.65 -142.88 17.81
CA PRO B 234 114.78 -142.88 18.99
C PRO B 234 113.93 -144.13 18.99
N ASP B 235 113.52 -144.54 17.80
CA ASP B 235 112.68 -145.70 17.63
C ASP B 235 113.46 -146.86 17.01
N PRO B 236 113.56 -147.99 17.73
CA PRO B 236 114.27 -149.17 17.25
C PRO B 236 113.68 -149.73 15.96
N PHE B 237 112.44 -149.32 15.66
CA PHE B 237 111.75 -149.80 14.47
C PHE B 237 111.66 -148.76 13.37
N THR B 238 112.22 -147.58 13.61
CA THR B 238 112.20 -146.52 12.62
C THR B 238 113.59 -146.35 12.06
N THR B 239 113.67 -145.84 10.85
CA THR B 239 114.97 -145.59 10.23
C THR B 239 115.63 -144.47 11.02
N PRO B 240 116.96 -144.52 11.17
CA PRO B 240 117.65 -143.45 11.90
C PRO B 240 117.52 -142.18 11.08
N TYR B 241 117.47 -141.01 11.72
CA TYR B 241 117.34 -139.76 10.99
C TYR B 241 118.28 -138.67 11.47
N ARG B 242 118.51 -137.69 10.60
CA ARG B 242 119.40 -136.59 10.93
C ARG B 242 118.73 -135.57 11.85
N VAL B 243 119.54 -134.89 12.64
CA VAL B 243 119.07 -133.88 13.57
C VAL B 243 120.29 -133.16 14.12
N TYR B 244 120.14 -131.89 14.47
CA TYR B 244 121.26 -131.13 14.99
C TYR B 244 121.28 -131.25 16.53
N CYS B 245 122.47 -131.46 17.09
CA CYS B 245 122.59 -131.59 18.53
C CYS B 245 123.37 -130.43 19.10
N ASP B 246 122.77 -129.75 20.09
CA ASP B 246 123.45 -128.64 20.75
C ASP B 246 124.13 -129.32 21.93
N MET B 247 125.46 -129.35 21.91
CA MET B 247 126.21 -130.01 22.98
C MET B 247 126.92 -129.04 23.93
N GLU B 248 126.64 -127.76 23.81
CA GLU B 248 127.29 -126.75 24.63
C GLU B 248 126.36 -126.05 25.62
N THR B 249 125.13 -125.83 25.21
CA THR B 249 124.13 -125.18 26.06
C THR B 249 123.71 -126.11 27.19
N ASP B 250 123.69 -125.57 28.41
CA ASP B 250 123.27 -126.32 29.59
C ASP B 250 123.66 -127.80 29.63
N ASN B 251 124.96 -128.07 29.69
CA ASN B 251 125.48 -129.45 29.76
C ASN B 251 125.21 -130.33 28.58
N GLY B 252 124.97 -129.71 27.43
CA GLY B 252 124.72 -130.45 26.20
C GLY B 252 123.59 -131.44 26.22
N GLY B 253 123.54 -132.29 25.20
CA GLY B 253 122.48 -133.28 25.09
C GLY B 253 121.16 -132.72 24.57
N TRP B 254 121.20 -131.52 23.98
CA TRP B 254 119.99 -130.92 23.45
C TRP B 254 119.70 -131.21 21.97
N THR B 255 118.58 -131.88 21.74
CA THR B 255 118.11 -132.23 20.41
C THR B 255 117.22 -131.10 19.86
N LEU B 256 117.81 -130.28 18.98
CA LEU B 256 117.11 -129.17 18.33
C LEU B 256 115.92 -129.71 17.54
N ILE B 257 114.73 -129.13 17.72
CA ILE B 257 113.58 -129.61 16.97
C ILE B 257 112.91 -128.52 16.13
N GLN B 258 113.23 -127.27 16.43
CA GLN B 258 112.68 -126.11 15.70
C GLN B 258 113.75 -125.05 15.77
N ASN B 259 113.96 -124.32 14.68
CA ASN B 259 115.02 -123.31 14.70
C ASN B 259 114.84 -122.26 13.62
N ARG B 260 115.00 -121.00 14.01
CA ARG B 260 114.88 -119.84 13.14
C ARG B 260 116.10 -118.97 13.32
N GLN B 261 116.60 -118.37 12.24
CA GLN B 261 117.79 -117.53 12.33
C GLN B 261 118.07 -116.64 11.13
N ASP B 262 117.39 -116.87 10.01
CA ASP B 262 117.64 -116.04 8.83
C ASP B 262 116.51 -116.03 7.81
N GLY B 263 115.40 -116.71 8.14
CA GLY B 263 114.26 -116.75 7.24
C GLY B 263 114.64 -117.31 5.87
N SER B 264 115.42 -118.38 5.90
CA SER B 264 115.87 -119.04 4.68
C SER B 264 114.91 -120.17 4.28
N VAL B 265 114.01 -120.52 5.18
CA VAL B 265 113.02 -121.57 4.96
C VAL B 265 111.60 -121.09 5.23
N ASN B 266 110.65 -121.53 4.41
CA ASN B 266 109.24 -121.15 4.54
C ASN B 266 108.55 -121.99 5.60
N PHE B 267 107.84 -121.32 6.52
CA PHE B 267 107.13 -122.04 7.58
C PHE B 267 105.61 -122.10 7.47
N GLY B 268 105.06 -121.50 6.42
CA GLY B 268 103.63 -121.55 6.23
C GLY B 268 103.34 -122.76 5.37
N ARG B 269 103.45 -123.95 5.97
CA ARG B 269 103.27 -125.22 5.25
C ARG B 269 102.10 -126.06 5.72
N ALA B 270 101.61 -126.91 4.83
CA ALA B 270 100.48 -127.75 5.14
C ALA B 270 100.75 -128.77 6.24
N TRP B 271 99.68 -129.39 6.69
CA TRP B 271 99.70 -130.41 7.71
C TRP B 271 100.72 -131.53 7.46
N ASP B 272 100.72 -132.08 6.26
CA ASP B 272 101.65 -133.16 5.92
C ASP B 272 103.11 -132.75 6.03
N GLU B 273 103.40 -131.51 5.66
CA GLU B 273 104.76 -131.00 5.75
C GLU B 273 105.13 -131.00 7.24
N TYR B 274 104.36 -130.26 8.04
CA TYR B 274 104.59 -130.16 9.47
C TYR B 274 104.60 -131.51 10.16
N LYS B 275 103.99 -132.50 9.53
CA LYS B 275 103.93 -133.84 10.08
C LYS B 275 105.23 -134.64 9.90
N ARG B 276 105.83 -134.52 8.71
CA ARG B 276 107.06 -135.24 8.37
C ARG B 276 108.33 -134.41 8.61
N GLY B 277 108.16 -133.10 8.67
CA GLY B 277 109.28 -132.22 8.89
C GLY B 277 109.73 -131.53 7.63
N PHE B 278 110.37 -130.38 7.77
CA PHE B 278 110.86 -129.67 6.63
C PHE B 278 112.00 -128.74 7.03
N GLY B 279 112.69 -128.19 6.04
CA GLY B 279 113.79 -127.27 6.28
C GLY B 279 115.13 -127.96 6.18
N ASN B 280 116.18 -127.19 6.41
CA ASN B 280 117.55 -127.67 6.37
C ASN B 280 118.09 -127.92 7.79
N ILE B 281 118.40 -129.18 8.07
CA ILE B 281 118.92 -129.54 9.37
C ILE B 281 120.27 -128.91 9.67
N ALA B 282 121.18 -128.96 8.70
CA ALA B 282 122.49 -128.37 8.95
C ALA B 282 123.18 -127.86 7.72
N LYS B 283 124.20 -127.05 7.95
CA LYS B 283 125.04 -126.49 6.91
C LYS B 283 126.46 -126.41 7.46
N SER B 284 127.42 -126.01 6.65
CA SER B 284 128.80 -125.97 7.10
C SER B 284 129.40 -124.60 7.05
N GLY B 285 130.00 -124.20 8.18
CA GLY B 285 130.63 -122.90 8.26
C GLY B 285 131.97 -122.89 7.55
N GLY B 286 132.53 -124.08 7.33
CA GLY B 286 133.80 -124.20 6.65
C GLY B 286 134.41 -125.55 6.92
N LYS B 287 134.12 -126.13 8.08
CA LYS B 287 134.63 -127.43 8.45
C LYS B 287 134.24 -128.45 7.39
N LYS B 288 134.77 -129.66 7.51
CA LYS B 288 134.48 -130.73 6.57
C LYS B 288 133.15 -131.39 6.98
N TYR B 289 132.59 -130.97 8.11
CA TYR B 289 131.32 -131.50 8.59
C TYR B 289 130.37 -130.32 8.81
N CYS B 290 129.07 -130.59 8.93
CA CYS B 290 128.11 -129.51 9.11
C CYS B 290 127.97 -129.18 10.59
N ASP B 291 128.62 -128.10 11.00
CA ASP B 291 128.64 -127.68 12.41
C ASP B 291 127.65 -126.61 12.81
N THR B 292 126.87 -126.13 11.84
CA THR B 292 125.89 -125.09 12.12
C THR B 292 124.51 -125.58 11.72
N PRO B 293 123.49 -125.28 12.53
CA PRO B 293 122.16 -125.74 12.16
C PRO B 293 121.56 -124.82 11.11
N GLY B 294 120.51 -125.30 10.45
CA GLY B 294 119.84 -124.48 9.45
C GLY B 294 118.47 -124.23 10.04
N GLU B 295 117.56 -123.63 9.28
CA GLU B 295 116.21 -123.41 9.80
C GLU B 295 115.40 -124.66 9.55
N TYR B 296 114.68 -125.14 10.56
CA TYR B 296 113.87 -126.32 10.33
C TYR B 296 112.81 -126.66 11.38
N TRP B 297 111.98 -127.64 11.05
CA TRP B 297 110.93 -128.16 11.90
C TRP B 297 111.13 -129.67 11.78
N LEU B 298 111.54 -130.30 12.86
CA LEU B 298 111.82 -131.73 12.85
C LEU B 298 110.72 -132.60 12.28
N GLY B 299 109.48 -132.30 12.65
CA GLY B 299 108.36 -133.10 12.19
C GLY B 299 107.56 -133.58 13.39
N ASN B 300 106.25 -133.39 13.36
CA ASN B 300 105.39 -133.77 14.47
C ASN B 300 105.43 -135.23 14.88
N ASP B 301 105.48 -136.15 13.93
CA ASP B 301 105.53 -137.56 14.32
C ASP B 301 106.83 -137.84 15.06
N LYS B 302 107.92 -137.22 14.62
CA LYS B 302 109.22 -137.42 15.23
C LYS B 302 109.29 -136.78 16.62
N ILE B 303 108.85 -135.53 16.71
CA ILE B 303 108.86 -134.83 17.97
C ILE B 303 107.98 -135.55 18.98
N SER B 304 106.86 -136.06 18.51
CA SER B 304 105.97 -136.77 19.40
C SER B 304 106.71 -137.95 19.99
N GLN B 305 107.10 -138.86 19.12
CA GLN B 305 107.80 -140.06 19.54
C GLN B 305 109.00 -139.78 20.47
N LEU B 306 109.69 -138.66 20.27
CA LEU B 306 110.82 -138.33 21.11
C LEU B 306 110.31 -138.09 22.55
N THR B 307 109.30 -137.24 22.71
CA THR B 307 108.73 -136.92 24.00
C THR B 307 108.10 -138.15 24.69
N LYS B 308 107.80 -139.18 23.91
CA LYS B 308 107.19 -140.40 24.46
C LYS B 308 108.24 -141.40 24.97
N ILE B 309 109.52 -141.12 24.74
CA ILE B 309 110.58 -142.03 25.21
C ILE B 309 110.54 -142.06 26.73
N GLY B 310 110.47 -140.87 27.31
CA GLY B 310 110.42 -140.71 28.74
C GLY B 310 110.23 -139.24 29.05
N PRO B 311 110.24 -138.85 30.33
CA PRO B 311 110.07 -137.44 30.71
C PRO B 311 111.00 -136.61 29.86
N THR B 312 110.44 -135.59 29.22
CA THR B 312 111.23 -134.75 28.35
C THR B 312 110.96 -133.32 28.74
N LYS B 313 111.96 -132.46 28.57
CA LYS B 313 111.82 -131.03 28.86
C LYS B 313 112.17 -130.30 27.57
N VAL B 314 111.70 -129.08 27.41
CA VAL B 314 111.96 -128.32 26.20
C VAL B 314 112.45 -126.93 26.50
N LEU B 315 113.52 -126.53 25.84
CA LEU B 315 114.11 -125.22 26.02
C LEU B 315 113.89 -124.33 24.81
N ILE B 316 113.13 -123.26 25.01
CA ILE B 316 112.83 -122.32 23.95
C ILE B 316 113.69 -121.09 24.12
N GLU B 317 114.57 -120.81 23.17
CA GLU B 317 115.43 -119.63 23.26
C GLU B 317 115.15 -118.74 22.06
N MET B 318 115.37 -117.44 22.23
CA MET B 318 115.11 -116.47 21.18
C MET B 318 116.03 -115.27 21.38
N GLU B 319 116.17 -114.45 20.35
CA GLU B 319 117.04 -113.30 20.43
C GLU B 319 116.45 -112.17 19.61
N ASP B 320 116.58 -110.92 20.07
CA ASP B 320 116.03 -109.83 19.30
C ASP B 320 117.04 -109.37 18.27
N TRP B 321 116.77 -108.24 17.63
CA TRP B 321 117.68 -107.76 16.60
C TRP B 321 118.73 -106.83 17.15
N ASN B 322 118.73 -106.67 18.47
CA ASN B 322 119.69 -105.80 19.13
C ASN B 322 120.78 -106.62 19.80
N GLY B 323 120.53 -107.93 19.96
CA GLY B 323 121.52 -108.79 20.57
C GLY B 323 121.09 -109.41 21.90
N ASP B 324 119.92 -109.02 22.40
CA ASP B 324 119.47 -109.56 23.67
C ASP B 324 118.82 -110.92 23.55
N LYS B 325 118.97 -111.74 24.59
CA LYS B 325 118.44 -113.08 24.60
C LYS B 325 117.64 -113.38 25.87
N VAL B 326 116.69 -114.31 25.76
CA VAL B 326 115.87 -114.74 26.88
C VAL B 326 115.54 -116.18 26.54
N SER B 327 114.90 -116.88 27.46
CA SER B 327 114.57 -118.27 27.22
C SER B 327 113.39 -118.72 28.05
N ALA B 328 112.93 -119.95 27.81
CA ALA B 328 111.80 -120.49 28.54
C ALA B 328 111.99 -121.98 28.63
N LEU B 329 112.02 -122.49 29.85
CA LEU B 329 112.22 -123.91 30.06
C LEU B 329 110.93 -124.50 30.58
N TYR B 330 110.48 -125.56 29.92
CA TYR B 330 109.25 -126.21 30.30
C TYR B 330 109.60 -127.62 30.69
N GLY B 331 109.78 -127.81 32.00
CA GLY B 331 110.15 -129.10 32.55
C GLY B 331 109.29 -130.28 32.15
N GLY B 332 108.05 -129.99 31.79
CA GLY B 332 107.16 -131.05 31.37
C GLY B 332 106.84 -130.77 29.93
N PHE B 333 107.12 -131.71 29.04
CA PHE B 333 106.86 -131.48 27.62
C PHE B 333 106.42 -132.76 26.94
N THR B 334 105.23 -132.70 26.36
CA THR B 334 104.68 -133.85 25.67
C THR B 334 103.91 -133.39 24.45
N ILE B 335 103.88 -134.26 23.46
CA ILE B 335 103.18 -134.00 22.23
C ILE B 335 102.59 -135.34 21.86
N HIS B 336 101.28 -135.47 22.01
CA HIS B 336 100.61 -136.72 21.70
C HIS B 336 100.68 -136.99 20.20
N ASN B 337 100.24 -138.18 19.77
CA ASN B 337 100.28 -138.55 18.37
C ASN B 337 99.31 -137.82 17.45
N GLU B 338 99.32 -138.20 16.18
CA GLU B 338 98.46 -137.56 15.19
C GLU B 338 96.99 -137.78 15.51
N GLY B 339 96.65 -138.99 15.94
CA GLY B 339 95.27 -139.28 16.31
C GLY B 339 94.78 -138.33 17.39
N ASN B 340 95.70 -137.72 18.14
CA ASN B 340 95.32 -136.78 19.18
C ASN B 340 95.66 -135.37 18.79
N LYS B 341 95.72 -135.15 17.49
CA LYS B 341 96.02 -133.84 16.94
C LYS B 341 97.30 -133.21 17.48
N TYR B 342 98.29 -134.05 17.80
CA TYR B 342 99.58 -133.56 18.29
C TYR B 342 99.38 -132.61 19.48
N GLN B 343 98.46 -132.97 20.36
CA GLN B 343 98.17 -132.13 21.50
C GLN B 343 99.43 -131.77 22.31
N LEU B 344 99.62 -130.48 22.54
CA LEU B 344 100.74 -129.96 23.31
C LEU B 344 100.43 -130.04 24.79
N SER B 345 101.46 -130.18 25.60
CA SER B 345 101.31 -130.26 27.03
C SER B 345 102.61 -129.91 27.74
N VAL B 346 102.57 -128.93 28.62
CA VAL B 346 103.76 -128.54 29.35
C VAL B 346 103.48 -128.33 30.82
N SER B 347 104.50 -127.88 31.54
CA SER B 347 104.42 -127.59 32.98
C SER B 347 105.79 -127.13 33.48
N ASN B 348 105.88 -126.89 34.77
CA ASN B 348 107.15 -126.49 35.39
C ASN B 348 107.96 -125.47 34.60
N TYR B 349 107.31 -124.37 34.21
CA TYR B 349 108.01 -123.31 33.48
C TYR B 349 109.12 -122.71 34.35
N LYS B 350 110.06 -122.04 33.68
CA LYS B 350 111.16 -121.37 34.33
C LYS B 350 111.96 -120.64 33.27
N GLY B 351 112.13 -119.34 33.43
CA GLY B 351 112.89 -118.58 32.46
C GLY B 351 112.58 -117.10 32.58
N ASN B 352 113.22 -116.28 31.76
CA ASN B 352 112.98 -114.85 31.80
C ASN B 352 112.32 -114.33 30.52
N ALA B 353 111.66 -115.20 29.76
CA ALA B 353 111.01 -114.75 28.53
C ALA B 353 109.52 -114.56 28.74
N GLY B 354 109.00 -115.15 29.80
CA GLY B 354 107.60 -115.03 30.12
C GLY B 354 106.88 -116.28 29.73
N ASN B 355 106.27 -116.95 30.69
CA ASN B 355 105.54 -118.18 30.42
C ASN B 355 104.34 -117.91 29.53
N ALA B 356 104.58 -117.87 28.23
CA ALA B 356 103.52 -117.61 27.26
C ALA B 356 102.76 -118.86 26.88
N LEU B 357 103.35 -120.03 27.10
CA LEU B 357 102.67 -121.25 26.72
C LEU B 357 101.64 -121.73 27.73
N MET B 358 101.82 -121.35 28.99
CA MET B 358 100.88 -121.79 30.02
C MET B 358 99.99 -120.69 30.56
N GLU B 359 100.50 -119.47 30.59
CA GLU B 359 99.72 -118.36 31.13
C GLU B 359 99.19 -117.32 30.15
N GLY B 360 99.46 -117.49 28.86
CA GLY B 360 98.96 -116.51 27.89
C GLY B 360 99.70 -115.19 27.94
N ALA B 361 99.33 -114.26 27.06
CA ALA B 361 100.00 -112.98 27.00
C ALA B 361 99.87 -112.19 28.31
N SER B 362 100.97 -111.57 28.71
CA SER B 362 101.01 -110.79 29.93
C SER B 362 100.31 -109.44 29.82
N GLN B 363 100.21 -108.91 28.59
CA GLN B 363 99.57 -107.61 28.40
C GLN B 363 98.05 -107.69 28.17
N LEU B 364 97.49 -108.89 28.21
CA LEU B 364 96.06 -109.05 28.04
C LEU B 364 95.47 -109.44 29.39
N TYR B 365 94.16 -109.34 29.54
CA TYR B 365 93.54 -109.70 30.81
C TYR B 365 92.30 -110.57 30.68
N GLY B 366 92.10 -111.39 31.69
CA GLY B 366 90.96 -112.29 31.72
C GLY B 366 90.79 -113.08 30.44
N GLU B 367 89.55 -113.13 29.99
CA GLU B 367 89.16 -113.85 28.78
C GLU B 367 90.18 -113.72 27.65
N ASN B 368 90.70 -112.52 27.43
CA ASN B 368 91.68 -112.33 26.37
C ASN B 368 92.90 -113.20 26.63
N ARG B 369 93.56 -112.96 27.76
CA ARG B 369 94.75 -113.71 28.12
C ARG B 369 94.49 -115.21 28.05
N THR B 370 93.38 -115.65 28.61
CA THR B 370 93.03 -117.07 28.63
C THR B 370 92.96 -117.70 27.24
N MET B 371 92.60 -116.90 26.24
CA MET B 371 92.50 -117.44 24.90
C MET B 371 93.85 -117.47 24.16
N THR B 372 94.90 -116.94 24.80
CA THR B 372 96.22 -116.98 24.20
C THR B 372 97.09 -117.93 25.03
N ILE B 373 96.52 -119.06 25.43
CA ILE B 373 97.22 -120.06 26.22
C ILE B 373 97.36 -121.33 25.40
N HIS B 374 98.61 -121.74 25.18
CA HIS B 374 98.91 -122.91 24.37
C HIS B 374 98.80 -124.27 25.04
N ASN B 375 99.18 -124.35 26.31
CA ASN B 375 99.13 -125.63 26.98
C ASN B 375 97.76 -126.26 26.79
N GLY B 376 97.74 -127.50 26.31
CA GLY B 376 96.49 -128.19 26.09
C GLY B 376 95.95 -128.10 24.68
N MET B 377 96.36 -127.08 23.93
CA MET B 377 95.89 -126.90 22.57
C MET B 377 96.26 -128.00 21.59
N TYR B 378 95.50 -128.08 20.50
CA TYR B 378 95.74 -129.06 19.44
C TYR B 378 96.59 -128.39 18.37
N PHE B 379 97.16 -129.16 17.46
CA PHE B 379 98.00 -128.57 16.43
C PHE B 379 97.21 -128.27 15.17
N SER B 380 97.38 -127.09 14.60
CA SER B 380 96.67 -126.76 13.37
C SER B 380 97.52 -126.05 12.31
N THR B 381 97.20 -126.31 11.04
CA THR B 381 97.90 -125.74 9.90
C THR B 381 96.85 -125.01 9.06
N TYR B 382 97.30 -124.23 8.09
CA TYR B 382 96.36 -123.47 7.27
C TYR B 382 95.32 -124.37 6.60
N ASP B 383 95.61 -125.66 6.50
CA ASP B 383 94.68 -126.57 5.85
C ASP B 383 94.11 -127.59 6.81
N ARG B 384 94.25 -127.32 8.09
CA ARG B 384 93.71 -128.22 9.10
C ARG B 384 93.43 -127.35 10.31
N ASP B 385 92.15 -127.18 10.62
CA ASP B 385 91.73 -126.33 11.71
C ASP B 385 91.46 -127.12 12.99
N ASN B 386 92.23 -126.81 14.03
CA ASN B 386 92.04 -127.46 15.31
C ASN B 386 92.25 -126.45 16.41
N ASP B 387 92.23 -125.17 16.03
CA ASP B 387 92.42 -124.10 17.00
C ASP B 387 91.23 -123.94 17.93
N GLY B 388 91.35 -123.04 18.90
CA GLY B 388 90.28 -122.82 19.84
C GLY B 388 89.37 -121.68 19.41
N TRP B 389 89.41 -121.35 18.11
CA TRP B 389 88.58 -120.28 17.57
C TRP B 389 87.40 -120.93 16.86
N LEU B 390 86.28 -121.04 17.57
CA LEU B 390 85.07 -121.65 17.01
C LEU B 390 84.34 -120.69 16.08
N THR B 391 84.55 -120.87 14.78
CA THR B 391 83.92 -120.01 13.78
C THR B 391 83.46 -120.88 12.62
N THR B 392 82.68 -120.28 11.73
CA THR B 392 82.18 -120.98 10.56
C THR B 392 82.87 -120.35 9.37
N ASP B 393 83.32 -119.11 9.55
CA ASP B 393 84.02 -118.38 8.49
C ASP B 393 85.36 -119.08 8.25
N PRO B 394 85.50 -119.78 7.11
CA PRO B 394 86.73 -120.47 6.76
C PRO B 394 87.97 -119.58 6.77
N ARG B 395 87.77 -118.27 6.72
CA ARG B 395 88.88 -117.32 6.72
C ARG B 395 89.42 -117.03 8.11
N LYS B 396 88.56 -117.20 9.12
CA LYS B 396 88.95 -116.94 10.50
C LYS B 396 89.51 -118.14 11.24
N GLN B 397 90.73 -118.52 10.91
CA GLN B 397 91.41 -119.62 11.59
C GLN B 397 92.78 -119.05 11.96
N CYS B 398 93.28 -119.43 13.14
CA CYS B 398 94.57 -118.90 13.57
C CYS B 398 95.73 -119.21 12.61
N SER B 399 95.79 -120.46 12.15
CA SER B 399 96.86 -120.88 11.24
C SER B 399 96.88 -120.09 9.93
N LYS B 400 95.71 -119.80 9.37
CA LYS B 400 95.68 -119.04 8.12
C LYS B 400 96.07 -117.59 8.38
N GLU B 401 95.69 -117.07 9.53
CA GLU B 401 95.99 -115.68 9.82
C GLU B 401 97.37 -115.46 10.36
N ASP B 402 97.89 -116.39 11.16
CA ASP B 402 99.21 -116.17 11.74
C ASP B 402 100.41 -116.86 11.09
N GLY B 403 100.23 -117.28 9.84
CA GLY B 403 101.29 -117.88 9.05
C GLY B 403 102.12 -119.10 9.44
N GLY B 404 101.59 -120.01 10.23
CA GLY B 404 102.41 -121.16 10.57
C GLY B 404 101.64 -122.29 11.17
N GLY B 405 102.34 -123.40 11.41
CA GLY B 405 101.75 -124.56 12.04
C GLY B 405 102.06 -124.34 13.51
N TRP B 406 101.08 -124.53 14.37
CA TRP B 406 101.31 -124.29 15.78
C TRP B 406 100.14 -124.75 16.63
N TRP B 407 100.34 -124.74 17.93
CA TRP B 407 99.31 -125.12 18.88
C TRP B 407 98.50 -123.87 19.19
N TYR B 408 97.78 -123.42 18.17
CA TYR B 408 96.95 -122.24 18.25
C TYR B 408 95.71 -122.48 19.08
N ASN B 409 95.35 -121.48 19.87
CA ASN B 409 94.18 -121.54 20.74
C ASN B 409 93.23 -120.50 20.12
N ARG B 410 92.94 -119.43 20.84
CA ARG B 410 92.11 -118.37 20.29
C ARG B 410 93.21 -117.50 19.73
N CYS B 411 94.12 -118.26 19.12
CA CYS B 411 95.33 -117.86 18.44
C CYS B 411 96.59 -117.92 19.29
N HIS B 412 97.17 -116.81 19.72
CA HIS B 412 98.41 -117.00 20.44
C HIS B 412 99.00 -115.89 21.28
N ALA B 413 99.97 -116.30 22.10
CA ALA B 413 100.76 -115.43 22.95
C ALA B 413 102.19 -115.65 22.44
N ALA B 414 102.41 -116.80 21.82
CA ALA B 414 103.69 -117.19 21.23
C ALA B 414 103.49 -117.78 19.81
N ASN B 415 104.26 -117.27 18.86
CA ASN B 415 104.17 -117.71 17.47
C ASN B 415 105.57 -118.00 16.88
N PRO B 416 106.28 -119.00 17.45
CA PRO B 416 107.63 -119.38 17.02
C PRO B 416 107.75 -119.74 15.54
N ASN B 417 106.69 -120.33 14.97
CA ASN B 417 106.70 -120.74 13.57
C ASN B 417 106.09 -119.68 12.65
N GLY B 418 106.10 -118.44 13.10
CA GLY B 418 105.53 -117.33 12.36
C GLY B 418 106.20 -116.98 11.05
N ARG B 419 106.37 -115.69 10.79
CA ARG B 419 106.99 -115.24 9.55
C ARG B 419 108.19 -114.41 9.88
N TYR B 420 109.27 -114.67 9.15
CA TYR B 420 110.51 -113.98 9.41
C TYR B 420 110.58 -112.57 8.87
N TYR B 421 110.06 -111.61 9.64
CA TYR B 421 110.13 -110.21 9.25
C TYR B 421 111.56 -109.78 9.55
N TRP B 422 112.19 -109.08 8.61
CA TRP B 422 113.55 -108.61 8.81
C TRP B 422 113.53 -107.36 9.66
N GLY B 423 114.54 -107.19 10.51
CA GLY B 423 114.59 -106.00 11.34
C GLY B 423 113.89 -106.10 12.69
N GLY B 424 112.96 -107.04 12.84
CA GLY B 424 112.27 -107.19 14.10
C GLY B 424 110.96 -106.44 14.25
N THR B 425 110.97 -105.14 13.96
CA THR B 425 109.76 -104.32 14.08
C THR B 425 108.87 -104.41 12.84
N TYR B 426 107.59 -104.63 13.05
CA TYR B 426 106.64 -104.69 11.95
C TYR B 426 105.26 -104.20 12.41
N SER B 427 104.42 -103.78 11.47
CA SER B 427 103.08 -103.28 11.82
C SER B 427 101.95 -104.02 11.13
N TRP B 428 100.76 -103.91 11.71
CA TRP B 428 99.58 -104.59 11.17
C TRP B 428 99.39 -104.35 9.66
N ASP B 429 99.81 -103.19 9.17
CA ASP B 429 99.66 -102.86 7.76
C ASP B 429 100.71 -103.51 6.87
N MET B 430 101.50 -104.40 7.45
CA MET B 430 102.54 -105.12 6.71
C MET B 430 102.12 -106.58 6.64
N ALA B 431 101.24 -106.99 7.55
CA ALA B 431 100.81 -108.39 7.61
C ALA B 431 99.79 -108.81 6.56
N LYS B 432 99.95 -110.04 6.06
CA LYS B 432 99.03 -110.58 5.07
C LYS B 432 97.59 -110.37 5.49
N HIS B 433 97.28 -110.74 6.72
CA HIS B 433 95.93 -110.59 7.20
C HIS B 433 95.83 -109.57 8.31
N GLY B 434 96.78 -108.63 8.33
CA GLY B 434 96.79 -107.59 9.35
C GLY B 434 96.86 -108.07 10.80
N THR B 435 97.18 -109.34 11.05
CA THR B 435 97.31 -109.84 12.41
C THR B 435 98.79 -109.88 12.78
N ASP B 436 99.11 -110.29 14.01
CA ASP B 436 100.51 -110.38 14.44
C ASP B 436 101.00 -111.79 14.12
N ASP B 437 101.41 -111.98 12.86
CA ASP B 437 101.86 -113.27 12.35
C ASP B 437 103.38 -113.45 12.29
N GLY B 438 104.13 -112.59 12.96
CA GLY B 438 105.59 -112.71 12.96
C GLY B 438 106.06 -113.77 13.93
N ILE B 439 107.36 -113.84 14.15
CA ILE B 439 107.90 -114.82 15.12
C ILE B 439 107.80 -114.04 16.44
N VAL B 440 106.68 -114.28 17.11
CA VAL B 440 106.33 -113.57 18.32
C VAL B 440 106.30 -114.30 19.65
N TRP B 441 106.80 -113.59 20.65
CA TRP B 441 106.77 -114.09 22.02
C TRP B 441 106.25 -112.84 22.73
N MET B 442 104.93 -112.74 22.76
CA MET B 442 104.26 -111.59 23.35
C MET B 442 104.78 -111.16 24.71
N ASN B 443 104.79 -112.09 25.65
CA ASN B 443 105.24 -111.81 27.01
C ASN B 443 106.63 -111.19 27.11
N TRP B 444 107.28 -110.93 25.99
CA TRP B 444 108.60 -110.32 26.06
C TRP B 444 108.74 -109.06 25.23
N LYS B 445 108.28 -109.10 23.98
CA LYS B 445 108.42 -107.92 23.12
C LYS B 445 107.11 -107.42 22.52
N GLY B 446 106.00 -108.00 22.92
CA GLY B 446 104.73 -107.58 22.37
C GLY B 446 104.37 -108.33 21.09
N SER B 447 103.32 -107.87 20.41
CA SER B 447 102.88 -108.52 19.18
C SER B 447 103.59 -108.05 17.92
N TRP B 448 104.04 -106.81 17.91
CA TRP B 448 104.68 -106.23 16.75
C TRP B 448 106.20 -106.25 16.66
N TYR B 449 106.79 -107.36 17.11
CA TYR B 449 108.24 -107.55 17.04
C TYR B 449 108.49 -109.00 16.65
N SER B 450 109.34 -109.22 15.66
CA SER B 450 109.61 -110.58 15.21
C SER B 450 111.05 -110.91 15.58
N MET B 451 111.21 -111.99 16.33
CA MET B 451 112.54 -112.40 16.79
C MET B 451 113.57 -112.63 15.66
N LYS B 452 114.84 -112.35 15.94
CA LYS B 452 115.90 -112.58 14.95
C LYS B 452 116.31 -114.04 15.00
N LYS B 453 116.25 -114.61 16.20
CA LYS B 453 116.57 -116.02 16.37
C LYS B 453 115.49 -116.60 17.26
N MET B 454 115.12 -117.86 17.03
CA MET B 454 114.11 -118.54 17.82
C MET B 454 114.35 -120.03 17.68
N SER B 455 114.34 -120.77 18.79
CA SER B 455 114.60 -122.20 18.71
C SER B 455 113.92 -123.01 19.79
N MET B 456 113.83 -124.32 19.58
CA MET B 456 113.24 -125.22 20.54
C MET B 456 114.07 -126.50 20.63
N LYS B 457 114.67 -126.73 21.79
CA LYS B 457 115.52 -127.90 22.01
C LYS B 457 114.90 -128.78 23.07
N ILE B 458 115.08 -130.10 22.95
CA ILE B 458 114.52 -130.97 23.96
C ILE B 458 115.59 -131.89 24.51
N LYS B 459 115.37 -132.38 25.72
CA LYS B 459 116.33 -133.23 26.39
C LYS B 459 115.61 -134.09 27.42
N PRO B 460 116.08 -135.32 27.66
CA PRO B 460 115.41 -136.17 28.65
C PRO B 460 115.56 -135.55 30.07
N TYR B 461 114.51 -135.71 30.87
CA TYR B 461 114.48 -135.11 32.18
C TYR B 461 114.40 -136.10 33.32
N PHE B 462 114.86 -135.67 34.49
CA PHE B 462 114.82 -136.46 35.71
C PHE B 462 113.98 -135.68 36.72
N PRO B 463 112.66 -135.94 36.76
CA PRO B 463 111.74 -135.24 37.69
C PRO B 463 112.11 -135.41 39.16
N ASP B 464 112.84 -134.45 39.71
CA ASP B 464 113.23 -134.50 41.13
C ASP B 464 112.07 -134.10 42.03
N THR C 4 -6.00 -6.59 -29.19
CA THR C 4 -7.16 -5.87 -29.78
C THR C 4 -8.37 -6.03 -28.86
N ARG C 5 -9.53 -5.52 -29.31
CA ARG C 5 -10.76 -5.61 -28.53
C ARG C 5 -11.29 -7.04 -28.44
N GLU C 6 -10.90 -7.89 -29.41
CA GLU C 6 -11.34 -9.27 -29.44
C GLU C 6 -10.63 -10.16 -28.42
N ASN C 7 -9.34 -10.41 -28.63
CA ASN C 7 -8.53 -11.25 -27.75
C ASN C 7 -8.40 -10.66 -26.34
N CYS C 8 -8.76 -9.39 -26.21
CA CYS C 8 -8.68 -8.68 -24.93
C CYS C 8 -10.10 -8.18 -24.61
N CYS C 9 -10.88 -9.03 -23.93
CA CYS C 9 -12.26 -8.71 -23.58
C CYS C 9 -12.49 -7.31 -23.02
N ILE C 10 -11.89 -7.00 -21.86
CA ILE C 10 -12.07 -5.67 -21.26
C ILE C 10 -11.03 -4.68 -21.77
N LEU C 11 -11.25 -4.17 -22.99
CA LEU C 11 -10.34 -3.20 -23.59
C LEU C 11 -10.76 -1.76 -23.23
N ASP C 12 -11.15 -0.99 -24.25
CA ASP C 12 -11.58 0.40 -24.11
C ASP C 12 -10.46 1.39 -24.42
N GLU C 13 -10.53 1.99 -25.62
CA GLU C 13 -9.52 2.94 -26.08
C GLU C 13 -9.39 4.19 -25.21
N ARG C 14 -10.44 4.49 -24.45
CA ARG C 14 -10.44 5.66 -23.58
C ARG C 14 -9.37 5.57 -22.49
N PHE C 15 -8.76 4.39 -22.35
CA PHE C 15 -7.73 4.19 -21.35
C PHE C 15 -6.30 4.19 -21.89
N GLY C 16 -6.17 4.24 -23.22
CA GLY C 16 -4.85 4.27 -23.83
C GLY C 16 -4.22 2.93 -24.16
N SER C 17 -2.90 2.87 -24.04
CA SER C 17 -2.14 1.66 -24.35
C SER C 17 -2.17 0.63 -23.22
N TYR C 18 -1.95 -0.63 -23.59
CA TYR C 18 -1.94 -1.74 -22.64
C TYR C 18 -0.56 -2.36 -22.46
N CYS C 19 -0.13 -2.49 -21.21
CA CYS C 19 1.17 -3.06 -20.88
C CYS C 19 1.01 -4.09 -19.77
N PRO C 20 1.80 -5.18 -19.83
CA PRO C 20 1.69 -6.22 -18.81
C PRO C 20 1.81 -5.60 -17.41
N THR C 21 1.18 -6.24 -16.43
CA THR C 21 1.22 -5.76 -15.07
C THR C 21 2.59 -6.06 -14.46
N THR C 22 3.02 -5.28 -13.47
CA THR C 22 4.31 -5.51 -12.82
C THR C 22 4.31 -6.85 -12.10
N CYS C 23 3.29 -7.64 -12.40
CA CYS C 23 3.11 -8.98 -11.84
C CYS C 23 3.64 -9.91 -12.92
N GLY C 24 3.19 -9.66 -14.15
CA GLY C 24 3.61 -10.45 -15.29
C GLY C 24 5.05 -10.14 -15.63
N ILE C 25 5.56 -9.07 -15.04
CA ILE C 25 6.94 -8.66 -15.24
C ILE C 25 7.79 -9.36 -14.20
N ALA C 26 7.31 -9.41 -12.96
CA ALA C 26 8.04 -10.08 -11.89
C ALA C 26 7.90 -11.59 -12.10
N ASP C 27 6.94 -11.97 -12.93
CA ASP C 27 6.66 -13.35 -13.26
C ASP C 27 7.67 -13.90 -14.27
N PHE C 28 7.75 -13.23 -15.43
CA PHE C 28 8.66 -13.63 -16.48
C PHE C 28 10.08 -13.44 -16.01
N PHE C 29 10.25 -12.60 -14.98
CA PHE C 29 11.56 -12.31 -14.42
C PHE C 29 12.14 -13.39 -13.51
N ASN C 30 11.30 -14.27 -12.98
CA ASN C 30 11.82 -15.33 -12.13
C ASN C 30 12.15 -16.51 -13.04
N LYS C 31 11.41 -16.64 -14.13
CA LYS C 31 11.66 -17.71 -15.09
C LYS C 31 13.05 -17.44 -15.66
N TYR C 32 13.29 -16.20 -16.06
CA TYR C 32 14.56 -15.75 -16.62
C TYR C 32 15.65 -15.78 -15.55
N ARG C 33 15.32 -15.24 -14.38
CA ARG C 33 16.24 -15.19 -13.24
C ARG C 33 16.77 -16.58 -12.93
N LEU C 34 15.86 -17.53 -12.73
CA LEU C 34 16.22 -18.90 -12.40
C LEU C 34 17.00 -19.61 -13.49
N THR C 35 16.44 -19.72 -14.70
CA THR C 35 17.15 -20.41 -15.78
C THR C 35 18.56 -19.85 -16.01
N THR C 36 18.70 -18.53 -15.89
CA THR C 36 20.01 -17.91 -16.08
C THR C 36 20.95 -18.26 -14.92
N ASP C 37 20.50 -18.06 -13.69
CA ASP C 37 21.34 -18.39 -12.54
C ASP C 37 21.79 -19.84 -12.73
N GLY C 38 20.93 -20.62 -13.36
CA GLY C 38 21.24 -22.02 -13.61
C GLY C 38 22.42 -22.19 -14.54
N GLU C 39 22.28 -21.71 -15.77
CA GLU C 39 23.35 -21.82 -16.75
C GLU C 39 24.66 -21.19 -16.27
N LEU C 40 24.59 -20.14 -15.46
CA LEU C 40 25.82 -19.53 -14.97
C LEU C 40 26.49 -20.38 -13.90
N LEU C 41 25.70 -21.01 -13.04
CA LEU C 41 26.27 -21.86 -12.00
C LEU C 41 26.85 -23.13 -12.61
N GLU C 42 26.31 -23.53 -13.75
CA GLU C 42 26.76 -24.72 -14.46
C GLU C 42 28.13 -24.39 -15.08
N ILE C 43 28.21 -23.23 -15.70
CA ILE C 43 29.44 -22.77 -16.34
C ILE C 43 30.51 -22.48 -15.28
N GLU C 44 30.12 -21.87 -14.17
CA GLU C 44 31.07 -21.57 -13.12
C GLU C 44 31.59 -22.87 -12.54
N GLY C 45 30.86 -23.95 -12.77
CA GLY C 45 31.27 -25.25 -12.26
C GLY C 45 32.34 -25.89 -13.13
N LEU C 46 32.00 -26.17 -14.39
CA LEU C 46 32.95 -26.76 -15.32
C LEU C 46 34.26 -26.01 -15.25
N LEU C 47 34.18 -24.68 -15.15
CA LEU C 47 35.37 -23.86 -15.08
C LEU C 47 36.12 -24.21 -13.80
N GLN C 48 35.43 -24.14 -12.67
CA GLN C 48 36.03 -24.47 -11.38
C GLN C 48 36.93 -25.69 -11.54
N GLN C 49 36.36 -26.78 -12.05
CA GLN C 49 37.12 -28.01 -12.24
C GLN C 49 38.27 -27.87 -13.23
N ALA C 50 38.02 -27.26 -14.38
CA ALA C 50 39.06 -27.07 -15.38
C ALA C 50 40.29 -26.42 -14.76
N THR C 51 40.08 -25.38 -13.96
CA THR C 51 41.20 -24.67 -13.33
C THR C 51 41.79 -25.48 -12.19
N ASN C 52 41.08 -26.52 -11.76
CA ASN C 52 41.58 -27.36 -10.68
C ASN C 52 42.45 -28.43 -11.32
N SER C 53 41.98 -29.01 -12.42
CA SER C 53 42.76 -30.03 -13.09
C SER C 53 43.87 -29.36 -13.92
N THR C 54 43.87 -28.03 -13.95
CA THR C 54 44.89 -27.28 -14.68
C THR C 54 46.04 -27.00 -13.72
N GLY C 55 45.69 -26.86 -12.45
CA GLY C 55 46.70 -26.62 -11.44
C GLY C 55 47.35 -27.95 -11.16
N SER C 56 46.52 -28.97 -10.99
CA SER C 56 47.00 -30.32 -10.71
C SER C 56 48.09 -30.69 -11.71
N ILE C 57 47.80 -30.48 -12.98
CA ILE C 57 48.76 -30.79 -14.02
C ILE C 57 50.11 -30.15 -13.72
N GLU C 58 50.11 -28.86 -13.40
CA GLU C 58 51.35 -28.16 -13.11
C GLU C 58 52.11 -28.77 -11.93
N TYR C 59 51.39 -29.30 -10.95
CA TYR C 59 52.04 -29.89 -9.79
C TYR C 59 52.51 -31.32 -10.06
N LEU C 60 51.92 -31.96 -11.07
CA LEU C 60 52.33 -33.31 -11.42
C LEU C 60 53.62 -33.21 -12.23
N ILE C 61 53.67 -32.20 -13.11
CA ILE C 61 54.84 -31.97 -13.94
C ILE C 61 56.06 -31.67 -13.07
N GLN C 62 55.89 -30.80 -12.08
CA GLN C 62 56.99 -30.46 -11.21
C GLN C 62 57.51 -31.72 -10.55
N HIS C 63 56.62 -32.51 -9.96
CA HIS C 63 57.01 -33.74 -9.31
C HIS C 63 57.74 -34.69 -10.25
N ILE C 64 57.32 -34.71 -11.51
CA ILE C 64 57.97 -35.58 -12.49
C ILE C 64 59.43 -35.18 -12.72
N LYS C 65 59.71 -33.88 -12.65
CA LYS C 65 61.06 -33.38 -12.84
C LYS C 65 61.89 -33.64 -11.57
N THR C 66 61.27 -34.33 -10.61
CA THR C 66 61.96 -34.66 -9.37
C THR C 66 62.30 -36.15 -9.43
N ILE C 67 61.48 -36.91 -10.13
CA ILE C 67 61.67 -38.35 -10.28
C ILE C 67 63.10 -38.69 -10.72
N TYR C 68 63.53 -38.10 -11.83
CA TYR C 68 64.86 -38.38 -12.34
C TYR C 68 65.98 -37.47 -11.82
N PRO C 69 67.04 -38.10 -11.28
CA PRO C 69 68.24 -37.49 -10.71
C PRO C 69 69.08 -36.65 -11.65
N SER C 70 69.74 -35.64 -11.07
CA SER C 70 70.63 -34.74 -11.82
C SER C 70 72.06 -35.15 -11.43
N GLU C 71 72.15 -36.11 -10.52
CA GLU C 71 73.43 -36.62 -10.03
C GLU C 71 73.75 -37.98 -10.66
N LYS C 72 72.77 -38.55 -11.35
CA LYS C 72 72.88 -39.85 -12.04
C LYS C 72 72.96 -41.07 -11.12
N GLN C 73 73.29 -40.86 -9.85
CA GLN C 73 73.39 -41.96 -8.88
C GLN C 73 74.37 -43.04 -9.35
N THR C 74 75.66 -42.71 -9.42
CA THR C 74 76.67 -43.66 -9.86
C THR C 74 76.91 -44.74 -8.80
N LEU C 75 76.03 -45.73 -8.77
CA LEU C 75 76.09 -46.85 -7.84
C LEU C 75 77.15 -47.85 -8.31
N PRO C 76 77.74 -48.64 -7.38
CA PRO C 76 78.76 -49.63 -7.75
C PRO C 76 78.46 -50.44 -9.02
N GLN C 77 79.01 -49.99 -10.14
CA GLN C 77 78.82 -50.64 -11.44
C GLN C 77 77.36 -50.64 -11.90
N SER C 78 77.11 -49.96 -13.02
CA SER C 78 75.77 -49.86 -13.59
C SER C 78 75.43 -51.12 -14.38
N ILE C 79 74.69 -50.95 -15.48
CA ILE C 79 74.31 -52.08 -16.32
C ILE C 79 75.35 -52.29 -17.41
N GLU C 80 75.62 -51.26 -18.20
CA GLU C 80 76.59 -51.37 -19.28
C GLU C 80 77.94 -51.78 -18.68
N GLN C 81 78.04 -51.69 -17.36
CA GLN C 81 79.25 -52.06 -16.66
C GLN C 81 79.22 -53.54 -16.33
N LEU C 82 78.03 -54.05 -15.99
CA LEU C 82 77.85 -55.46 -15.68
C LEU C 82 77.80 -56.30 -16.95
N THR C 83 77.47 -55.67 -18.08
CA THR C 83 77.39 -56.37 -19.35
C THR C 83 78.76 -56.56 -19.99
N GLN C 84 79.60 -55.53 -20.00
CA GLN C 84 80.92 -55.69 -20.57
C GLN C 84 81.73 -56.62 -19.66
N LYS C 85 81.49 -56.49 -18.36
CA LYS C 85 82.17 -57.32 -17.38
C LYS C 85 81.83 -58.78 -17.66
N SER C 86 80.59 -59.02 -18.09
CA SER C 86 80.16 -60.38 -18.40
C SER C 86 80.71 -60.84 -19.75
N LYS C 87 80.84 -59.89 -20.70
CA LYS C 87 81.37 -60.23 -22.01
C LYS C 87 82.86 -60.59 -21.89
N LYS C 88 83.54 -60.06 -20.87
CA LYS C 88 84.95 -60.36 -20.66
C LYS C 88 85.08 -61.75 -20.03
N ILE C 89 84.18 -62.06 -19.10
CA ILE C 89 84.19 -63.38 -18.47
C ILE C 89 83.96 -64.42 -19.56
N ILE C 90 83.07 -64.12 -20.49
CA ILE C 90 82.78 -65.04 -21.57
C ILE C 90 84.02 -65.31 -22.41
N GLU C 91 84.90 -64.31 -22.54
CA GLU C 91 86.12 -64.53 -23.32
C GLU C 91 87.06 -65.41 -22.51
N GLU C 92 87.17 -65.14 -21.21
CA GLU C 92 88.04 -65.94 -20.37
C GLU C 92 87.67 -67.40 -20.49
N ILE C 93 86.38 -67.69 -20.39
CA ILE C 93 85.90 -69.06 -20.48
C ILE C 93 86.33 -69.75 -21.78
N ILE C 94 86.26 -69.05 -22.90
CA ILE C 94 86.67 -69.64 -24.16
C ILE C 94 88.19 -69.87 -24.16
N ARG C 95 88.94 -68.84 -23.79
CA ARG C 95 90.39 -68.93 -23.73
C ARG C 95 90.86 -70.07 -22.82
N TYR C 96 89.97 -70.52 -21.94
CA TYR C 96 90.31 -71.60 -21.02
C TYR C 96 90.32 -72.94 -21.74
N GLU C 97 89.81 -72.95 -22.96
CA GLU C 97 89.76 -74.15 -23.77
C GLU C 97 91.11 -74.87 -23.77
N ASN C 98 92.08 -74.24 -24.43
CA ASN C 98 93.42 -74.79 -24.53
C ASN C 98 93.98 -75.40 -23.25
N THR C 99 93.47 -74.98 -22.09
CA THR C 99 93.99 -75.53 -20.84
C THR C 99 93.12 -76.66 -20.28
N ILE C 100 91.83 -76.65 -20.62
CA ILE C 100 90.94 -77.70 -20.17
C ILE C 100 91.39 -78.98 -20.85
N LEU C 101 91.72 -78.87 -22.14
CA LEU C 101 92.20 -79.98 -22.93
C LEU C 101 93.52 -80.49 -22.39
N ALA C 102 94.43 -79.56 -22.10
CA ALA C 102 95.74 -79.91 -21.57
C ALA C 102 95.60 -80.79 -20.33
N HIS C 103 94.71 -80.41 -19.43
CA HIS C 103 94.50 -81.20 -18.22
C HIS C 103 93.88 -82.55 -18.56
N GLU C 104 93.03 -82.57 -19.59
CA GLU C 104 92.40 -83.81 -20.03
C GLU C 104 93.53 -84.75 -20.40
N ASN C 105 94.41 -84.23 -21.25
CA ASN C 105 95.55 -84.98 -21.74
C ASN C 105 96.45 -85.54 -20.65
N THR C 106 96.80 -84.74 -19.65
CA THR C 106 97.67 -85.26 -18.61
C THR C 106 96.92 -86.31 -17.80
N ILE C 107 95.62 -86.12 -17.62
CA ILE C 107 94.87 -87.11 -16.85
C ILE C 107 94.86 -88.44 -17.60
N GLN C 108 94.78 -88.38 -18.93
CA GLN C 108 94.81 -89.58 -19.74
C GLN C 108 96.18 -90.21 -19.53
N GLN C 109 97.23 -89.40 -19.72
CA GLN C 109 98.60 -89.88 -19.55
C GLN C 109 98.82 -90.54 -18.19
N LEU C 110 98.48 -89.82 -17.13
CA LEU C 110 98.66 -90.36 -15.79
C LEU C 110 97.82 -91.60 -15.55
N THR C 111 96.61 -91.64 -16.13
CA THR C 111 95.73 -92.78 -15.92
C THR C 111 96.27 -94.02 -16.60
N ASP C 112 96.96 -93.83 -17.72
CA ASP C 112 97.54 -94.97 -18.39
C ASP C 112 98.67 -95.53 -17.51
N MET C 113 99.52 -94.66 -16.98
CA MET C 113 100.62 -95.11 -16.11
C MET C 113 100.04 -95.84 -14.89
N HIS C 114 98.91 -95.36 -14.37
CA HIS C 114 98.28 -96.04 -13.25
C HIS C 114 97.80 -97.41 -13.69
N ILE C 115 97.26 -97.46 -14.91
CA ILE C 115 96.77 -98.71 -15.51
C ILE C 115 97.95 -99.70 -15.45
N MET C 116 99.08 -99.27 -16.00
CA MET C 116 100.29 -100.07 -16.01
C MET C 116 100.69 -100.51 -14.60
N ASN C 117 100.75 -99.59 -13.65
CA ASN C 117 101.14 -100.01 -12.31
C ASN C 117 100.26 -101.13 -11.81
N SER C 118 98.95 -101.00 -11.95
CA SER C 118 98.05 -102.06 -11.48
C SER C 118 98.38 -103.43 -12.11
N ASN C 119 98.71 -103.43 -13.41
CA ASN C 119 99.03 -104.69 -14.07
C ASN C 119 100.33 -105.27 -13.55
N LYS C 120 101.37 -104.45 -13.44
CA LYS C 120 102.66 -104.91 -12.92
C LYS C 120 102.47 -105.48 -11.51
N ILE C 121 101.62 -104.85 -10.71
CA ILE C 121 101.37 -105.33 -9.38
C ILE C 121 100.70 -106.70 -9.44
N THR C 122 99.74 -106.89 -10.34
CA THR C 122 99.09 -108.19 -10.40
C THR C 122 100.08 -109.21 -10.93
N GLN C 123 100.98 -108.78 -11.80
CA GLN C 123 101.99 -109.71 -12.31
C GLN C 123 102.88 -110.13 -11.15
N LEU C 124 103.26 -109.15 -10.33
CA LEU C 124 104.09 -109.36 -9.16
C LEU C 124 103.55 -110.51 -8.33
N LYS C 125 102.26 -110.45 -8.03
CA LYS C 125 101.65 -111.51 -7.26
C LYS C 125 101.77 -112.88 -7.91
N GLN C 126 101.69 -112.91 -9.24
CA GLN C 126 101.77 -114.17 -9.97
C GLN C 126 103.21 -114.62 -10.05
N LYS C 127 104.11 -113.67 -10.24
CA LYS C 127 105.52 -114.00 -10.33
C LYS C 127 106.06 -114.57 -9.01
N ILE C 128 105.70 -113.95 -7.89
CA ILE C 128 106.19 -114.43 -6.60
C ILE C 128 105.61 -115.79 -6.26
N ALA C 129 104.36 -116.04 -6.64
CA ALA C 129 103.78 -117.35 -6.32
C ALA C 129 104.52 -118.38 -7.15
N GLN C 130 104.99 -117.95 -8.31
CA GLN C 130 105.72 -118.80 -9.21
C GLN C 130 107.02 -119.22 -8.49
N LEU C 131 107.79 -118.22 -8.08
CA LEU C 131 109.04 -118.46 -7.37
C LEU C 131 108.87 -119.31 -6.13
N GLU C 132 107.91 -118.95 -5.28
CA GLU C 132 107.69 -119.70 -4.05
C GLU C 132 107.60 -121.21 -4.25
N SER C 133 106.92 -121.63 -5.32
CA SER C 133 106.76 -123.06 -5.61
C SER C 133 108.09 -123.74 -5.85
N HIS C 134 109.13 -122.96 -6.18
CA HIS C 134 110.46 -123.54 -6.41
C HIS C 134 111.39 -123.44 -5.19
N CYS C 135 110.88 -122.96 -4.06
CA CYS C 135 111.69 -122.80 -2.85
C CYS C 135 111.03 -123.46 -1.66
N GLN C 136 110.76 -124.74 -1.79
CA GLN C 136 110.11 -125.50 -0.74
C GLN C 136 110.94 -126.75 -0.44
N GLU C 137 111.92 -127.02 -1.28
CA GLU C 137 112.74 -128.19 -1.07
C GLU C 137 114.01 -127.82 -0.32
N PRO C 138 114.57 -128.76 0.42
CA PRO C 138 115.80 -128.50 1.19
C PRO C 138 117.01 -128.64 0.29
N CYS C 139 118.19 -128.29 0.81
CA CYS C 139 119.40 -128.44 0.03
C CYS C 139 119.62 -129.94 -0.18
N LYS C 140 120.20 -130.31 -1.30
CA LYS C 140 120.45 -131.73 -1.57
C LYS C 140 121.70 -132.17 -0.82
N ASP C 141 121.55 -133.16 0.06
CA ASP C 141 122.67 -133.66 0.86
C ASP C 141 123.46 -134.76 0.15
N THR C 142 124.75 -134.51 -0.06
CA THR C 142 125.61 -135.48 -0.73
C THR C 142 125.86 -136.74 0.09
N ALA C 143 125.81 -136.62 1.41
CA ALA C 143 126.08 -137.74 2.28
C ALA C 143 124.97 -138.77 2.26
N GLU C 144 124.80 -139.44 1.14
CA GLU C 144 123.75 -140.44 1.01
C GLU C 144 124.14 -141.79 1.59
N ILE C 145 123.15 -142.47 2.14
CA ILE C 145 123.33 -143.76 2.77
C ILE C 145 122.66 -144.85 1.93
N GLN C 146 123.40 -145.90 1.60
CA GLN C 146 122.88 -147.01 0.83
C GLN C 146 121.84 -147.78 1.66
N GLU C 147 120.95 -148.49 0.98
CA GLU C 147 119.85 -149.25 1.61
C GLU C 147 120.08 -150.71 1.94
N THR C 148 121.09 -151.32 1.34
CA THR C 148 121.37 -152.73 1.61
C THR C 148 121.92 -152.87 3.04
N THR C 149 121.50 -153.93 3.73
CA THR C 149 121.92 -154.18 5.10
C THR C 149 122.44 -155.61 5.28
N GLY C 150 123.17 -155.83 6.37
CA GLY C 150 123.70 -157.14 6.64
C GLY C 150 124.50 -157.20 7.93
N ARG C 151 125.12 -158.35 8.17
CA ARG C 151 125.92 -158.56 9.35
C ARG C 151 127.29 -157.90 9.26
N ASP C 152 127.68 -157.55 8.04
CA ASP C 152 128.95 -156.86 7.78
C ASP C 152 128.97 -156.52 6.29
N CYS C 153 130.00 -155.84 5.83
CA CYS C 153 130.08 -155.45 4.46
C CYS C 153 130.17 -156.59 3.45
N GLN C 154 130.76 -157.71 3.85
CA GLN C 154 130.85 -158.85 2.94
C GLN C 154 129.46 -159.43 2.73
N ASP C 155 128.66 -159.40 3.79
CA ASP C 155 127.30 -159.92 3.74
C ASP C 155 126.50 -159.04 2.80
N ILE C 156 126.72 -157.73 2.92
CA ILE C 156 126.05 -156.75 2.10
C ILE C 156 126.43 -156.94 0.63
N ALA C 157 127.73 -157.18 0.39
CA ALA C 157 128.23 -157.39 -0.95
C ALA C 157 127.66 -158.68 -1.54
N ASN C 158 127.51 -159.70 -0.69
CA ASN C 158 126.99 -160.98 -1.14
C ASN C 158 125.55 -160.95 -1.58
N LYS C 159 124.87 -159.83 -1.36
CA LYS C 159 123.49 -159.78 -1.77
C LYS C 159 123.29 -158.72 -2.85
N GLY C 160 124.36 -158.47 -3.60
CA GLY C 160 124.31 -157.54 -4.70
C GLY C 160 124.94 -156.17 -4.67
N ALA C 161 125.13 -155.60 -3.48
CA ALA C 161 125.70 -154.26 -3.37
C ALA C 161 127.09 -154.18 -3.99
N ARG C 162 127.33 -153.11 -4.74
CA ARG C 162 128.64 -152.96 -5.37
C ARG C 162 129.19 -151.56 -5.19
N LYS C 163 128.33 -150.60 -4.89
CA LYS C 163 128.85 -149.26 -4.70
C LYS C 163 129.51 -149.19 -3.32
N SER C 164 130.65 -148.50 -3.28
CA SER C 164 131.34 -148.32 -2.03
C SER C 164 130.68 -147.14 -1.34
N GLY C 165 130.48 -147.24 -0.03
CA GLY C 165 129.87 -146.12 0.67
C GLY C 165 129.32 -146.49 2.02
N LEU C 166 128.41 -145.66 2.54
CA LEU C 166 127.85 -145.87 3.86
C LEU C 166 126.68 -146.83 3.89
N TYR C 167 126.76 -147.79 4.80
CA TYR C 167 125.72 -148.76 4.97
C TYR C 167 125.49 -149.00 6.45
N PHE C 168 124.35 -149.61 6.77
CA PHE C 168 124.02 -149.96 8.13
C PHE C 168 124.20 -151.47 8.22
N ILE C 169 124.94 -151.90 9.23
CA ILE C 169 125.16 -153.33 9.45
C ILE C 169 124.70 -153.64 10.87
N LYS C 170 124.48 -154.93 11.14
CA LYS C 170 124.06 -155.35 12.44
C LYS C 170 124.62 -156.75 12.69
N PRO C 171 125.83 -156.83 13.29
CA PRO C 171 126.47 -158.11 13.58
C PRO C 171 125.51 -158.97 14.36
N GLN C 172 125.65 -160.28 14.27
CA GLN C 172 124.74 -161.19 14.94
C GLN C 172 124.30 -160.81 16.36
N LYS C 173 125.11 -161.11 17.37
CA LYS C 173 124.67 -160.78 18.74
C LYS C 173 124.40 -159.29 18.98
N ALA C 174 124.60 -158.44 17.98
CA ALA C 174 124.38 -156.99 18.17
C ALA C 174 122.93 -156.63 18.43
N LYS C 175 122.71 -155.75 19.40
CA LYS C 175 121.35 -155.34 19.75
C LYS C 175 120.87 -154.17 18.90
N GLN C 176 121.81 -153.33 18.49
CA GLN C 176 121.49 -152.16 17.69
C GLN C 176 122.33 -152.21 16.42
N SER C 177 121.88 -151.56 15.36
CA SER C 177 122.66 -151.56 14.13
C SER C 177 123.37 -150.21 14.07
N PHE C 178 124.41 -150.09 13.24
CA PHE C 178 125.16 -148.84 13.15
C PHE C 178 125.73 -148.62 11.75
N LEU C 179 126.14 -147.39 11.48
CA LEU C 179 126.69 -146.98 10.19
C LEU C 179 128.19 -147.29 10.04
N VAL C 180 128.57 -147.76 8.85
CA VAL C 180 129.97 -148.06 8.56
C VAL C 180 130.26 -147.72 7.11
N TYR C 181 131.54 -147.70 6.76
CA TYR C 181 131.93 -147.43 5.40
C TYR C 181 132.33 -148.77 4.82
N CYS C 182 131.69 -149.15 3.72
CA CYS C 182 131.99 -150.40 3.07
C CYS C 182 132.76 -150.13 1.80
N GLU C 183 133.86 -150.84 1.61
CA GLU C 183 134.66 -150.72 0.39
C GLU C 183 134.37 -152.01 -0.35
N ILE C 184 133.77 -151.90 -1.54
CA ILE C 184 133.46 -153.09 -2.32
C ILE C 184 134.17 -153.04 -3.66
N ASP C 185 134.88 -154.12 -4.00
CA ASP C 185 135.59 -154.17 -5.27
C ASP C 185 134.76 -154.89 -6.34
N THR C 186 135.14 -154.72 -7.61
CA THR C 186 134.40 -155.35 -8.71
C THR C 186 134.18 -156.85 -8.60
N TYR C 187 134.97 -157.52 -7.77
CA TYR C 187 134.84 -158.97 -7.59
C TYR C 187 133.86 -159.36 -6.47
N GLY C 188 133.23 -158.38 -5.85
CA GLY C 188 132.31 -158.69 -4.77
C GLY C 188 132.89 -158.83 -3.36
N ASN C 189 134.13 -158.37 -3.19
CA ASN C 189 134.79 -158.41 -1.88
C ASN C 189 134.39 -157.16 -1.10
N GLY C 190 133.78 -157.34 0.06
CA GLY C 190 133.38 -156.18 0.85
C GLY C 190 134.14 -155.98 2.15
N TRP C 191 134.95 -154.95 2.21
CA TRP C 191 135.68 -154.68 3.43
C TRP C 191 134.91 -153.67 4.26
N THR C 192 134.79 -153.94 5.55
CA THR C 192 134.15 -152.98 6.42
C THR C 192 135.32 -152.25 7.11
N VAL C 193 135.39 -150.94 6.86
CA VAL C 193 136.46 -150.09 7.36
C VAL C 193 136.36 -149.67 8.82
N LEU C 194 137.42 -149.97 9.59
CA LEU C 194 137.45 -149.66 11.02
C LEU C 194 138.14 -148.34 11.33
N GLN C 195 139.20 -148.01 10.60
CA GLN C 195 139.92 -146.79 10.89
C GLN C 195 140.43 -146.13 9.62
N ARG C 196 140.51 -144.81 9.65
CA ARG C 196 140.96 -144.07 8.48
C ARG C 196 141.67 -142.78 8.85
N ARG C 197 142.72 -142.46 8.11
CA ARG C 197 143.48 -141.24 8.36
C ARG C 197 143.93 -140.77 6.98
N LEU C 198 143.88 -139.46 6.76
CA LEU C 198 144.26 -138.95 5.47
C LEU C 198 144.52 -137.46 5.39
N ASP C 199 144.33 -136.72 6.48
CA ASP C 199 144.59 -135.29 6.40
C ASP C 199 144.76 -134.60 7.75
N GLY C 200 144.73 -135.38 8.82
CA GLY C 200 144.89 -134.80 10.14
C GLY C 200 143.77 -133.86 10.57
N SER C 201 142.62 -133.95 9.92
CA SER C 201 141.49 -133.08 10.27
C SER C 201 140.87 -133.45 11.60
N GLU C 202 140.85 -134.75 11.92
CA GLU C 202 140.25 -135.20 13.17
C GLU C 202 141.28 -135.31 14.30
N ASP C 203 140.81 -135.21 15.53
CA ASP C 203 141.67 -135.28 16.71
C ASP C 203 141.58 -136.66 17.34
N PHE C 204 142.67 -137.41 17.28
CA PHE C 204 142.65 -138.76 17.85
C PHE C 204 143.01 -138.88 19.32
N ARG C 205 143.19 -137.77 20.01
CA ARG C 205 143.52 -137.81 21.44
C ARG C 205 142.17 -137.85 22.17
N ARG C 206 141.59 -139.03 22.23
CA ARG C 206 140.28 -139.19 22.83
C ARG C 206 140.30 -140.14 24.00
N ASN C 207 139.21 -140.11 24.77
CA ASN C 207 139.08 -140.92 25.96
C ASN C 207 138.50 -142.29 25.71
N TRP C 208 138.41 -143.07 26.77
CA TRP C 208 137.89 -144.41 26.69
C TRP C 208 136.53 -144.50 26.00
N VAL C 209 135.55 -143.78 26.54
CA VAL C 209 134.19 -143.81 26.00
C VAL C 209 134.17 -143.45 24.52
N GLN C 210 134.94 -142.44 24.15
CA GLN C 210 134.99 -142.03 22.77
C GLN C 210 135.61 -143.10 21.87
N TYR C 211 136.62 -143.81 22.36
CA TYR C 211 137.23 -144.85 21.56
C TYR C 211 136.35 -146.08 21.58
N LYS C 212 135.49 -146.15 22.58
CA LYS C 212 134.59 -147.28 22.72
C LYS C 212 133.42 -147.14 21.74
N GLU C 213 132.90 -145.93 21.65
CA GLU C 213 131.76 -145.63 20.81
C GLU C 213 132.11 -145.22 19.39
N GLY C 214 133.27 -144.61 19.22
CA GLY C 214 133.70 -144.17 17.90
C GLY C 214 133.66 -142.66 17.70
N PHE C 215 134.56 -142.12 16.90
CA PHE C 215 134.53 -140.70 16.63
C PHE C 215 134.90 -140.43 15.16
N GLY C 216 134.98 -139.16 14.77
CA GLY C 216 135.28 -138.85 13.39
C GLY C 216 134.00 -138.90 12.54
N HIS C 217 134.15 -138.71 11.24
CA HIS C 217 133.01 -138.73 10.35
C HIS C 217 133.10 -139.74 9.23
N LEU C 218 131.95 -140.31 8.88
CA LEU C 218 131.86 -141.25 7.79
C LEU C 218 131.43 -140.45 6.57
N SER C 219 132.02 -140.74 5.41
CA SER C 219 131.67 -140.03 4.19
C SER C 219 131.47 -141.05 3.10
N PRO C 220 130.61 -140.74 2.10
CA PRO C 220 130.34 -141.67 0.99
C PRO C 220 131.54 -141.77 0.05
N ASP C 221 132.26 -140.67 -0.11
CA ASP C 221 133.39 -140.67 -1.01
C ASP C 221 134.73 -140.97 -0.33
N ASP C 222 134.68 -141.43 0.92
CA ASP C 222 135.87 -141.77 1.68
C ASP C 222 136.93 -140.67 1.69
N THR C 223 136.51 -139.47 2.08
CA THR C 223 137.41 -138.33 2.15
C THR C 223 137.53 -137.86 3.60
N THR C 224 137.19 -138.73 4.54
CA THR C 224 137.20 -138.31 5.93
C THR C 224 137.83 -139.31 6.91
N GLU C 225 138.34 -138.80 8.04
CA GLU C 225 138.98 -139.64 9.08
C GLU C 225 138.02 -140.09 10.18
N PHE C 226 138.28 -141.27 10.76
CA PHE C 226 137.44 -141.78 11.82
C PHE C 226 137.99 -143.01 12.54
N TRP C 227 137.33 -143.37 13.62
CA TRP C 227 137.64 -144.53 14.42
C TRP C 227 136.25 -145.13 14.66
N LEU C 228 135.99 -146.27 14.03
CA LEU C 228 134.68 -146.86 14.09
C LEU C 228 134.14 -147.06 15.50
N GLY C 229 134.96 -147.61 16.39
CA GLY C 229 134.52 -147.84 17.77
C GLY C 229 134.90 -149.22 18.24
N ASN C 230 135.54 -149.32 19.41
CA ASN C 230 135.95 -150.63 19.92
C ASN C 230 134.78 -151.58 20.14
N GLU C 231 133.66 -151.06 20.63
CA GLU C 231 132.51 -151.94 20.84
C GLU C 231 132.02 -152.49 19.47
N LYS C 232 131.92 -151.62 18.46
CA LYS C 232 131.46 -152.12 17.14
C LYS C 232 132.48 -153.10 16.59
N ILE C 233 133.76 -152.75 16.65
CA ILE C 233 134.79 -153.65 16.13
C ILE C 233 134.66 -155.01 16.80
N HIS C 234 134.49 -155.00 18.12
CA HIS C 234 134.34 -156.23 18.88
C HIS C 234 133.09 -157.00 18.43
N LEU C 235 131.98 -156.31 18.26
CA LEU C 235 130.73 -156.95 17.83
C LEU C 235 130.86 -157.65 16.47
N ILE C 236 131.49 -156.97 15.51
CA ILE C 236 131.70 -157.54 14.18
C ILE C 236 132.63 -158.77 14.20
N THR C 237 133.80 -158.63 14.79
CA THR C 237 134.77 -159.73 14.80
C THR C 237 134.46 -160.92 15.69
N THR C 238 133.47 -160.80 16.57
CA THR C 238 133.15 -161.93 17.43
C THR C 238 131.69 -162.36 17.31
N GLN C 239 131.03 -161.94 16.23
CA GLN C 239 129.63 -162.29 16.04
C GLN C 239 129.44 -163.78 15.79
N SER C 240 130.47 -164.44 15.26
CA SER C 240 130.40 -165.88 15.03
C SER C 240 131.79 -166.45 15.17
N THR C 241 131.90 -167.76 14.97
CA THR C 241 133.18 -168.42 15.07
C THR C 241 133.99 -168.19 13.80
N LEU C 242 133.40 -167.45 12.86
CA LEU C 242 134.07 -167.17 11.60
C LEU C 242 135.21 -166.15 11.78
N PRO C 243 136.38 -166.45 11.22
CA PRO C 243 137.57 -165.59 11.31
C PRO C 243 137.55 -164.44 10.33
N TYR C 244 138.10 -163.30 10.75
CA TYR C 244 138.20 -162.16 9.86
C TYR C 244 139.71 -161.94 9.58
N ALA C 245 139.98 -161.25 8.49
CA ALA C 245 141.35 -160.93 8.15
C ALA C 245 141.40 -159.42 8.27
N LEU C 246 142.53 -158.88 8.70
CA LEU C 246 142.64 -157.45 8.82
C LEU C 246 143.66 -156.97 7.80
N ARG C 247 143.34 -155.88 7.13
CA ARG C 247 144.28 -155.34 6.17
C ARG C 247 144.64 -153.94 6.61
N ILE C 248 145.91 -153.72 6.90
CA ILE C 248 146.34 -152.38 7.26
C ILE C 248 146.96 -151.83 5.98
N GLU C 249 146.57 -150.62 5.61
CA GLU C 249 147.06 -150.00 4.37
C GLU C 249 147.67 -148.64 4.63
N LEU C 250 148.94 -148.50 4.24
CA LEU C 250 149.67 -147.27 4.46
C LEU C 250 150.10 -146.56 3.19
N GLU C 251 150.32 -145.25 3.30
CA GLU C 251 150.79 -144.44 2.19
C GLU C 251 151.69 -143.37 2.79
N ASP C 252 152.90 -143.23 2.26
CA ASP C 252 153.78 -142.19 2.79
C ASP C 252 153.58 -140.90 2.01
N TRP C 253 154.45 -139.93 2.24
CA TRP C 253 154.33 -138.66 1.58
C TRP C 253 155.10 -138.56 0.26
N SER C 254 155.33 -139.70 -0.38
CA SER C 254 156.01 -139.69 -1.66
C SER C 254 155.33 -140.68 -2.61
N GLY C 255 154.02 -140.86 -2.43
CA GLY C 255 153.27 -141.74 -3.29
C GLY C 255 153.45 -143.23 -3.11
N LYS C 256 154.31 -143.63 -2.18
CA LYS C 256 154.54 -145.05 -1.94
C LYS C 256 153.50 -145.65 -1.01
N LYS C 257 153.23 -146.94 -1.20
CA LYS C 257 152.22 -147.65 -0.45
C LYS C 257 152.67 -149.01 0.04
N GLY C 258 152.12 -149.42 1.17
CA GLY C 258 152.45 -150.71 1.75
C GLY C 258 151.24 -151.24 2.49
N THR C 259 151.21 -152.54 2.73
CA THR C 259 150.08 -153.14 3.43
C THR C 259 150.59 -154.23 4.33
N ALA C 260 149.79 -154.56 5.32
CA ALA C 260 150.13 -155.59 6.27
C ALA C 260 148.83 -156.32 6.56
N ASP C 261 148.85 -157.65 6.45
CA ASP C 261 147.65 -158.43 6.70
C ASP C 261 147.78 -159.34 7.90
N TYR C 262 146.67 -159.50 8.62
CA TYR C 262 146.66 -160.33 9.81
C TYR C 262 145.47 -161.26 9.75
N ALA C 263 145.69 -162.52 10.11
CA ALA C 263 144.64 -163.55 10.11
C ALA C 263 143.99 -163.77 11.48
N VAL C 264 142.67 -163.91 11.47
CA VAL C 264 141.89 -164.12 12.68
C VAL C 264 142.02 -162.93 13.61
N PHE C 265 141.76 -161.75 13.08
CA PHE C 265 141.80 -160.51 13.83
C PHE C 265 140.56 -160.44 14.71
N LYS C 266 140.75 -160.15 15.98
CA LYS C 266 139.65 -160.02 16.93
C LYS C 266 139.93 -158.95 17.97
N VAL C 267 138.86 -158.34 18.45
CA VAL C 267 138.96 -157.33 19.47
C VAL C 267 138.00 -157.83 20.52
N GLY C 268 138.52 -158.05 21.72
CA GLY C 268 137.67 -158.57 22.77
C GLY C 268 136.65 -157.66 23.42
N THR C 269 136.14 -158.21 24.50
CA THR C 269 135.14 -157.61 25.37
C THR C 269 135.66 -156.37 26.11
N GLU C 270 134.75 -155.48 26.49
CA GLU C 270 135.16 -154.29 27.22
C GLU C 270 135.74 -154.73 28.56
N GLU C 271 135.12 -155.72 29.20
CA GLU C 271 135.62 -156.22 30.48
C GLU C 271 137.08 -156.61 30.32
N ASP C 272 137.43 -157.09 29.14
CA ASP C 272 138.80 -157.51 28.86
C ASP C 272 139.55 -156.37 28.19
N LYS C 273 139.03 -155.16 28.39
CA LYS C 273 139.64 -153.97 27.86
C LYS C 273 139.88 -153.94 26.36
N TYR C 274 138.90 -154.46 25.62
CA TYR C 274 138.97 -154.50 24.17
C TYR C 274 140.33 -155.00 23.66
N ARG C 275 140.74 -156.16 24.16
CA ARG C 275 142.01 -156.77 23.81
C ARG C 275 142.11 -157.15 22.34
N LEU C 276 143.29 -156.92 21.78
CA LEU C 276 143.56 -157.27 20.39
C LEU C 276 144.26 -158.63 20.33
N THR C 277 143.82 -159.48 19.42
CA THR C 277 144.45 -160.77 19.21
C THR C 277 144.36 -161.14 17.74
N TYR C 278 145.29 -161.97 17.29
CA TYR C 278 145.29 -162.44 15.92
C TYR C 278 146.11 -163.72 15.87
N ALA C 279 145.81 -164.58 14.90
CA ALA C 279 146.51 -165.84 14.82
C ALA C 279 147.92 -165.63 14.30
N TYR C 280 148.06 -164.96 13.17
CA TYR C 280 149.37 -164.73 12.62
C TYR C 280 149.40 -163.70 11.53
N PHE C 281 150.61 -163.24 11.24
CA PHE C 281 150.85 -162.26 10.19
C PHE C 281 150.78 -162.97 8.85
N ILE C 282 149.89 -162.53 7.98
CA ILE C 282 149.75 -163.16 6.68
C ILE C 282 150.88 -162.73 5.74
N GLY C 283 151.15 -161.43 5.68
CA GLY C 283 152.20 -160.92 4.82
C GLY C 283 151.89 -159.49 4.41
N GLY C 284 152.81 -158.86 3.67
CA GLY C 284 152.60 -157.49 3.23
C GLY C 284 153.90 -156.71 3.24
N GLU C 285 154.09 -155.83 2.26
CA GLU C 285 155.32 -155.05 2.19
C GLU C 285 155.53 -154.05 3.31
N ALA C 286 154.50 -153.80 4.10
CA ALA C 286 154.62 -152.86 5.19
C ALA C 286 155.31 -153.50 6.38
N GLY C 287 155.33 -154.83 6.41
CA GLY C 287 155.98 -155.54 7.50
C GLY C 287 155.13 -155.82 8.73
N ASP C 288 155.50 -156.85 9.47
CA ASP C 288 154.75 -157.23 10.66
C ASP C 288 155.11 -156.41 11.91
N ALA C 289 154.68 -155.15 11.96
CA ALA C 289 154.96 -154.30 13.10
C ALA C 289 154.28 -154.79 14.38
N PHE C 290 153.12 -155.40 14.27
CA PHE C 290 152.43 -155.90 15.46
C PHE C 290 153.28 -156.91 16.22
N ASP C 291 154.27 -157.47 15.55
CA ASP C 291 155.14 -158.47 16.15
C ASP C 291 156.21 -157.85 17.05
N GLY C 292 156.27 -156.51 17.06
CA GLY C 292 157.28 -155.84 17.86
C GLY C 292 158.48 -155.53 16.99
N PHE C 293 159.26 -154.52 17.35
CA PHE C 293 160.41 -154.14 16.54
C PHE C 293 161.71 -153.94 17.32
N ASN C 294 162.82 -154.26 16.69
CA ASN C 294 164.13 -154.09 17.32
C ASN C 294 164.64 -152.68 17.04
N PHE C 295 164.12 -151.74 17.81
CA PHE C 295 164.50 -150.36 17.62
C PHE C 295 165.99 -150.09 17.86
N GLY C 296 166.63 -150.95 18.65
CA GLY C 296 168.04 -150.78 18.91
C GLY C 296 168.36 -150.07 20.22
N ASP C 297 167.39 -149.37 20.78
CA ASP C 297 167.59 -148.66 22.04
C ASP C 297 167.99 -149.59 23.17
N ASP C 298 167.31 -150.73 23.27
CA ASP C 298 167.58 -151.68 24.33
C ASP C 298 167.26 -153.08 23.80
N PRO C 299 167.87 -154.13 24.39
CA PRO C 299 167.57 -155.47 23.89
C PRO C 299 166.13 -155.89 24.12
N SER C 300 165.43 -155.18 25.01
CA SER C 300 164.04 -155.52 25.31
C SER C 300 163.03 -154.83 24.38
N ASP C 301 163.51 -153.92 23.53
CA ASP C 301 162.64 -153.18 22.63
C ASP C 301 161.51 -154.01 22.03
N LYS C 302 161.85 -155.01 21.23
CA LYS C 302 160.85 -155.85 20.60
C LYS C 302 159.85 -156.51 21.56
N SER C 303 160.30 -156.92 22.75
CA SER C 303 159.40 -157.57 23.71
C SER C 303 158.44 -156.58 24.35
N TYR C 304 158.76 -155.31 24.19
CA TYR C 304 157.95 -154.27 24.78
C TYR C 304 157.19 -153.46 23.73
N THR C 305 157.28 -153.88 22.47
CA THR C 305 156.57 -153.16 21.42
C THR C 305 155.72 -154.06 20.53
N TYR C 306 155.51 -155.30 20.93
CA TYR C 306 154.65 -156.19 20.15
C TYR C 306 153.22 -155.94 20.65
N HIS C 307 152.22 -156.01 19.76
CA HIS C 307 150.86 -155.74 20.20
C HIS C 307 149.90 -156.91 20.30
N ASN C 308 150.27 -158.08 19.82
CA ASN C 308 149.34 -159.18 19.91
C ASN C 308 149.08 -159.49 21.36
N GLY C 309 147.82 -159.43 21.77
CA GLY C 309 147.49 -159.73 23.15
C GLY C 309 147.38 -158.52 24.05
N MET C 310 147.82 -157.36 23.56
CA MET C 310 147.73 -156.15 24.34
C MET C 310 146.29 -155.68 24.52
N ARG C 311 146.03 -154.97 25.61
CA ARG C 311 144.71 -154.43 25.91
C ARG C 311 144.67 -153.01 25.33
N PHE C 312 143.47 -152.46 25.20
CA PHE C 312 143.37 -151.11 24.66
C PHE C 312 143.63 -150.09 25.77
N SER C 313 144.28 -148.98 25.41
CA SER C 313 144.59 -147.94 26.40
C SER C 313 144.31 -146.54 25.90
N THR C 314 143.82 -145.69 26.81
CA THR C 314 143.55 -144.28 26.53
C THR C 314 144.10 -143.48 27.72
N PHE C 315 144.31 -142.17 27.55
CA PHE C 315 144.85 -141.38 28.64
C PHE C 315 144.12 -141.55 29.96
N ASP C 316 142.84 -141.90 29.90
CA ASP C 316 142.06 -142.07 31.11
C ASP C 316 141.73 -143.50 31.46
N ASN C 317 142.48 -144.44 30.88
CA ASN C 317 142.27 -145.87 31.15
C ASN C 317 143.55 -146.59 30.71
N ASP C 318 144.54 -146.61 31.62
CA ASP C 318 145.85 -147.21 31.37
C ASP C 318 145.85 -148.72 31.53
N ASN C 319 146.18 -149.45 30.46
CA ASN C 319 146.25 -150.88 30.57
C ASN C 319 147.50 -151.40 29.88
N ASP C 320 148.52 -150.54 29.76
CA ASP C 320 149.75 -150.94 29.10
C ASP C 320 150.71 -151.65 30.07
N ASN C 321 151.93 -151.91 29.61
CA ASN C 321 152.94 -152.56 30.44
C ASN C 321 154.01 -151.55 30.76
N PHE C 322 153.61 -150.29 30.84
CA PHE C 322 154.54 -149.22 31.17
C PHE C 322 154.17 -148.58 32.52
N GLU C 323 155.19 -148.28 33.34
CA GLU C 323 154.97 -147.66 34.65
C GLU C 323 154.26 -146.32 34.41
N GLY C 324 154.56 -145.74 33.25
CA GLY C 324 153.93 -144.50 32.86
C GLY C 324 152.67 -144.78 32.07
N ASN C 325 152.18 -143.76 31.36
CA ASN C 325 150.97 -143.89 30.56
C ASN C 325 151.21 -143.66 29.06
N CYS C 326 151.50 -144.72 28.30
CA CYS C 326 151.76 -144.60 26.84
C CYS C 326 150.69 -143.76 26.13
N ALA C 327 149.44 -144.16 26.28
CA ALA C 327 148.33 -143.44 25.64
C ALA C 327 148.34 -141.95 25.96
N GLU C 328 148.62 -141.58 27.20
CA GLU C 328 148.64 -140.15 27.50
C GLU C 328 149.86 -139.46 26.88
N GLN C 329 151.05 -140.03 27.04
CA GLN C 329 152.24 -139.40 26.48
C GLN C 329 152.12 -139.25 24.97
N ASP C 330 151.78 -140.34 24.27
CA ASP C 330 151.68 -140.28 22.81
C ASP C 330 150.39 -139.67 22.29
N GLY C 331 149.47 -139.35 23.21
CA GLY C 331 148.21 -138.74 22.84
C GLY C 331 147.26 -139.50 21.94
N SER C 332 147.04 -140.78 22.23
CA SER C 332 146.17 -141.56 21.40
C SER C 332 145.46 -142.71 22.11
N GLY C 333 144.70 -143.48 21.33
CA GLY C 333 144.02 -144.65 21.84
C GLY C 333 144.67 -145.77 21.05
N TRP C 334 145.18 -146.78 21.73
CA TRP C 334 145.85 -147.87 21.05
C TRP C 334 146.15 -149.00 21.99
N TRP C 335 146.55 -150.12 21.42
CA TRP C 335 146.89 -151.31 22.18
C TRP C 335 148.36 -151.16 22.61
N MET C 336 148.62 -150.30 23.58
CA MET C 336 149.98 -150.04 24.05
C MET C 336 150.59 -151.17 24.87
N ASN C 337 151.90 -151.38 24.69
CA ASN C 337 152.68 -152.40 25.42
C ASN C 337 153.61 -151.54 26.30
N ARG C 338 154.92 -151.55 26.03
CA ARG C 338 155.80 -150.64 26.75
C ARG C 338 155.86 -149.67 25.61
N CYS C 339 154.63 -149.33 25.24
CA CYS C 339 154.24 -148.43 24.19
C CYS C 339 154.10 -149.06 22.82
N HIS C 340 154.97 -148.80 21.85
CA HIS C 340 154.63 -149.38 20.55
C HIS C 340 155.59 -149.45 19.38
N ALA C 341 155.17 -150.19 18.37
CA ALA C 341 155.92 -150.36 17.13
C ALA C 341 155.00 -149.96 15.97
N GLY C 342 153.70 -150.11 16.17
CA GLY C 342 152.69 -149.74 15.19
C GLY C 342 151.78 -148.78 15.89
N HIS C 343 151.53 -147.61 15.30
CA HIS C 343 150.72 -146.58 15.96
C HIS C 343 149.87 -145.79 14.96
N LEU C 344 148.81 -146.39 14.45
CA LEU C 344 147.99 -145.70 13.46
C LEU C 344 147.08 -144.59 13.96
N ASN C 345 146.95 -144.45 15.27
CA ASN C 345 146.12 -143.40 15.84
C ASN C 345 146.91 -142.22 16.44
N GLY C 346 148.16 -142.02 16.00
CA GLY C 346 148.98 -140.93 16.53
C GLY C 346 148.91 -139.57 15.82
N PRO C 347 149.46 -138.49 16.42
CA PRO C 347 149.41 -137.19 15.75
C PRO C 347 149.78 -137.21 14.29
N TYR C 348 149.04 -136.45 13.51
CA TYR C 348 149.25 -136.34 12.09
C TYR C 348 150.27 -135.24 11.84
N TYR C 349 151.42 -135.63 11.29
CA TYR C 349 152.51 -134.70 10.98
C TYR C 349 152.57 -134.54 9.47
N ILE C 350 152.34 -133.33 8.97
CA ILE C 350 152.38 -133.14 7.54
C ILE C 350 153.82 -133.24 7.05
N GLY C 351 154.01 -133.94 5.95
CA GLY C 351 155.33 -134.12 5.39
C GLY C 351 155.96 -135.44 5.83
N GLY C 352 155.39 -136.04 6.88
CA GLY C 352 155.92 -137.30 7.38
C GLY C 352 157.06 -137.17 8.37
N VAL C 353 158.16 -136.58 7.94
CA VAL C 353 159.32 -136.40 8.80
C VAL C 353 159.04 -135.43 9.93
N TYR C 354 159.20 -135.88 11.17
CA TYR C 354 158.99 -134.99 12.30
C TYR C 354 160.10 -135.27 13.30
N SER C 355 160.15 -134.45 14.34
CA SER C 355 161.19 -134.59 15.34
C SER C 355 160.72 -134.43 16.77
N ARG C 356 161.41 -135.13 17.67
CA ARG C 356 161.12 -135.12 19.10
C ARG C 356 160.64 -133.77 19.63
N ASP C 357 159.75 -133.80 20.60
CA ASP C 357 159.23 -132.57 21.19
C ASP C 357 160.21 -132.17 22.31
N THR C 358 160.32 -130.87 22.58
CA THR C 358 161.23 -130.38 23.62
C THR C 358 160.75 -130.77 25.03
N GLY C 359 159.47 -131.11 25.15
CA GLY C 359 158.92 -131.51 26.44
C GLY C 359 159.70 -132.62 27.11
N THR C 360 159.40 -132.87 28.38
CA THR C 360 160.10 -133.91 29.15
C THR C 360 159.67 -135.32 28.75
N ASN C 361 158.35 -135.50 28.59
CA ASN C 361 157.80 -136.79 28.21
C ASN C 361 157.41 -136.81 26.73
N SER C 362 158.40 -136.63 25.85
CA SER C 362 158.14 -136.61 24.42
C SER C 362 158.88 -137.69 23.64
N TYR C 363 158.11 -138.58 23.02
CA TYR C 363 158.66 -139.68 22.24
C TYR C 363 158.05 -139.70 20.85
N ASP C 364 158.18 -140.82 20.14
CA ASP C 364 157.64 -140.95 18.76
C ASP C 364 156.14 -141.20 18.81
N ASN C 365 155.37 -140.13 18.68
CA ASN C 365 153.92 -140.24 18.76
C ASN C 365 153.21 -140.11 17.42
N GLY C 366 153.96 -140.07 16.33
CA GLY C 366 153.33 -139.93 15.04
C GLY C 366 152.61 -141.19 14.61
N ILE C 367 152.09 -141.19 13.39
CA ILE C 367 151.39 -142.34 12.84
C ILE C 367 152.49 -143.21 12.26
N ILE C 368 152.99 -144.13 13.06
CA ILE C 368 154.10 -144.96 12.62
C ILE C 368 153.85 -146.44 12.48
N TRP C 369 154.72 -147.07 11.71
CA TRP C 369 154.68 -148.51 11.46
C TRP C 369 156.16 -148.85 11.20
N ALA C 370 156.86 -149.06 12.31
CA ALA C 370 158.30 -149.32 12.35
C ALA C 370 158.94 -150.28 11.36
N THR C 371 158.21 -151.25 10.84
CA THR C 371 158.81 -152.18 9.89
C THR C 371 158.81 -151.63 8.47
N TRP C 372 158.37 -150.39 8.29
CA TRP C 372 158.28 -149.78 6.97
C TRP C 372 158.96 -148.41 6.87
N ARG C 373 158.88 -147.63 7.94
CA ARG C 373 159.50 -146.31 7.98
C ARG C 373 159.86 -146.16 9.45
N ASP C 374 160.89 -145.39 9.77
CA ASP C 374 161.25 -145.31 11.17
C ASP C 374 160.33 -144.45 12.02
N ARG C 375 160.44 -144.65 13.31
CA ARG C 375 159.62 -143.97 14.29
C ARG C 375 159.49 -142.47 14.09
N TRP C 376 160.35 -141.88 13.29
CA TRP C 376 160.20 -140.45 13.10
C TRP C 376 159.72 -140.03 11.73
N TYR C 377 158.94 -140.92 11.14
CA TYR C 377 158.32 -140.69 9.85
C TYR C 377 156.86 -141.07 10.02
N SER C 378 155.95 -140.10 9.89
CA SER C 378 154.52 -140.34 10.08
C SER C 378 153.74 -140.45 8.77
N MET C 379 153.06 -141.59 8.60
CA MET C 379 152.27 -141.88 7.41
C MET C 379 151.33 -140.74 6.97
N LYS C 380 151.07 -140.66 5.67
CA LYS C 380 150.17 -139.64 5.11
C LYS C 380 148.73 -140.11 5.12
N LYS C 381 148.53 -141.39 4.83
CA LYS C 381 147.22 -141.98 4.81
C LYS C 381 147.28 -143.31 5.51
N THR C 382 146.18 -143.69 6.14
CA THR C 382 146.10 -144.91 6.88
C THR C 382 144.70 -145.47 6.74
N THR C 383 144.58 -146.79 6.79
CA THR C 383 143.26 -147.39 6.74
C THR C 383 143.34 -148.81 7.29
N MET C 384 142.41 -149.15 8.19
CA MET C 384 142.34 -150.48 8.80
C MET C 384 140.98 -151.00 8.42
N LYS C 385 140.95 -152.18 7.79
CA LYS C 385 139.68 -152.75 7.34
C LYS C 385 139.71 -154.26 7.46
N ILE C 386 138.52 -154.85 7.60
CA ILE C 386 138.41 -156.27 7.77
C ILE C 386 137.44 -156.94 6.79
N ILE C 387 137.64 -158.23 6.59
CA ILE C 387 136.83 -158.99 5.67
C ILE C 387 136.88 -160.43 6.12
N PRO C 388 135.78 -161.17 5.99
CA PRO C 388 135.84 -162.57 6.43
C PRO C 388 137.04 -163.23 5.76
N PHE C 389 137.81 -163.98 6.54
CA PHE C 389 139.01 -164.64 6.04
C PHE C 389 138.80 -165.53 4.81
N ASN C 390 137.71 -166.29 4.77
CA ASN C 390 137.46 -167.16 3.63
C ASN C 390 137.56 -166.44 2.29
N ARG C 391 137.54 -165.10 2.34
CA ARG C 391 137.62 -164.27 1.13
C ARG C 391 139.02 -164.09 0.54
N LEU C 392 140.06 -164.48 1.28
CA LEU C 392 141.42 -164.34 0.76
C LEU C 392 141.88 -165.62 0.07
N SER C 393 141.05 -166.66 0.17
CA SER C 393 141.34 -167.97 -0.43
C SER C 393 142.43 -168.73 0.32
N SER D 27 14.27 4.30 4.81
CA SER D 27 14.48 5.47 3.91
C SER D 27 13.19 5.84 3.19
N CYS D 28 13.11 7.07 2.71
CA CYS D 28 11.92 7.55 1.99
C CYS D 28 12.25 8.81 1.20
N LYS D 29 12.76 9.82 1.90
CA LYS D 29 13.12 11.10 1.28
C LYS D 29 14.43 10.96 0.51
N TYR D 30 15.09 9.82 0.66
CA TYR D 30 16.34 9.55 -0.02
C TYR D 30 16.05 9.10 -1.45
N GLU D 31 15.47 7.90 -1.57
CA GLU D 31 15.11 7.33 -2.87
C GLU D 31 13.91 8.06 -3.42
N LYS D 32 14.00 9.39 -3.44
CA LYS D 32 12.92 10.23 -3.94
C LYS D 32 13.51 11.47 -4.59
N ASN D 33 14.83 11.47 -4.77
CA ASN D 33 15.52 12.60 -5.38
C ASN D 33 15.45 12.55 -6.90
N TRP D 34 14.59 11.67 -7.42
CA TRP D 34 14.44 11.52 -8.86
C TRP D 34 14.30 12.88 -9.55
N PRO D 35 14.61 12.94 -10.86
CA PRO D 35 14.52 14.19 -11.61
C PRO D 35 13.08 14.60 -11.88
N ILE D 36 12.85 15.89 -12.08
CA ILE D 36 11.51 16.39 -12.37
C ILE D 36 11.12 15.88 -13.77
N CYS D 37 10.05 15.10 -13.82
CA CYS D 37 9.59 14.53 -15.08
C CYS D 37 9.44 15.58 -16.19
N VAL D 38 9.39 15.11 -17.42
CA VAL D 38 9.25 15.96 -18.59
C VAL D 38 8.00 15.49 -19.33
N ASP D 39 7.50 16.32 -20.25
CA ASP D 39 6.30 15.98 -21.01
C ASP D 39 6.42 14.65 -21.77
N ASP D 40 7.64 14.12 -21.83
CA ASP D 40 7.89 12.86 -22.53
C ASP D 40 7.81 11.66 -21.60
N ASP D 41 7.91 11.93 -20.29
CA ASP D 41 7.85 10.87 -19.28
C ASP D 41 6.47 10.24 -19.24
N TRP D 42 5.47 10.95 -19.76
CA TRP D 42 4.11 10.43 -19.76
C TRP D 42 3.94 9.27 -20.73
N GLY D 43 3.48 8.15 -20.20
CA GLY D 43 3.30 6.95 -21.00
C GLY D 43 4.46 6.01 -20.74
N THR D 44 5.44 6.50 -20.00
CA THR D 44 6.63 5.73 -19.65
C THR D 44 6.74 5.62 -18.13
N LYS D 45 6.59 6.75 -17.46
CA LYS D 45 6.64 6.78 -16.00
C LYS D 45 5.28 7.28 -15.55
N CYS D 46 4.58 6.46 -14.77
CA CYS D 46 3.25 6.83 -14.34
C CYS D 46 3.00 6.71 -12.85
N PRO D 47 1.95 7.38 -12.35
CA PRO D 47 1.55 7.39 -10.94
C PRO D 47 1.49 6.04 -10.25
N SER D 48 1.72 6.06 -8.94
CA SER D 48 1.67 4.84 -8.14
C SER D 48 0.35 4.10 -8.43
N GLY D 49 0.24 2.87 -7.93
CA GLY D 49 -0.99 2.12 -8.14
C GLY D 49 -1.93 2.43 -6.99
N CYS D 50 -1.34 2.86 -5.88
CA CYS D 50 -2.05 3.22 -4.67
C CYS D 50 -2.55 4.65 -4.69
N ARG D 51 -1.76 5.54 -5.28
CA ARG D 51 -2.13 6.94 -5.36
C ARG D 51 -3.35 7.12 -6.25
N MET D 52 -3.56 6.18 -7.16
CA MET D 52 -4.68 6.25 -8.08
C MET D 52 -5.97 5.75 -7.42
N GLN D 53 -5.95 4.56 -6.83
CA GLN D 53 -7.15 4.06 -6.16
C GLN D 53 -7.18 4.63 -4.75
N GLY D 54 -6.85 5.92 -4.67
CA GLY D 54 -6.84 6.66 -3.43
C GLY D 54 -7.34 8.03 -3.79
N ILE D 55 -7.30 8.31 -5.09
CA ILE D 55 -7.75 9.58 -5.66
C ILE D 55 -9.07 9.33 -6.39
N ILE D 56 -9.31 8.08 -6.78
CA ILE D 56 -10.53 7.73 -7.49
C ILE D 56 -11.69 7.40 -6.55
N ASP D 57 -11.54 6.38 -5.72
CA ASP D 57 -12.61 6.03 -4.79
C ASP D 57 -12.65 7.00 -3.61
N ASP D 58 -11.93 8.11 -3.76
CA ASP D 58 -11.89 9.15 -2.74
C ASP D 58 -12.54 10.42 -3.29
N THR D 59 -12.70 10.45 -4.61
CA THR D 59 -13.34 11.59 -5.25
C THR D 59 -14.83 11.42 -5.03
N ASP D 60 -15.23 10.20 -4.63
CA ASP D 60 -16.62 9.87 -4.34
C ASP D 60 -17.01 10.36 -2.94
N GLN D 61 -16.02 10.55 -2.08
CA GLN D 61 -16.26 11.04 -0.73
C GLN D 61 -16.82 12.45 -0.84
N ASN D 62 -16.41 13.15 -1.90
CA ASN D 62 -16.87 14.51 -2.17
C ASN D 62 -17.56 14.53 -3.52
N TYR D 63 -18.35 13.50 -3.78
CA TYR D 63 -19.10 13.35 -5.02
C TYR D 63 -20.40 12.63 -4.67
N SER D 64 -20.25 11.40 -4.17
CA SER D 64 -21.41 10.60 -3.78
C SER D 64 -21.98 11.14 -2.48
N GLN D 65 -21.31 12.14 -1.91
CA GLN D 65 -21.74 12.77 -0.67
C GLN D 65 -22.43 14.09 -0.99
N ARG D 66 -21.89 14.79 -1.99
CA ARG D 66 -22.46 16.07 -2.38
C ARG D 66 -23.69 15.87 -3.27
N ILE D 67 -23.86 14.66 -3.80
CA ILE D 67 -25.03 14.37 -4.62
C ILE D 67 -26.15 14.06 -3.63
N ASP D 68 -25.77 13.85 -2.38
CA ASP D 68 -26.70 13.58 -1.29
C ASP D 68 -27.00 14.86 -0.54
N ASN D 69 -26.83 15.98 -1.24
CA ASN D 69 -27.11 17.31 -0.71
C ASN D 69 -27.97 17.95 -1.81
N ILE D 70 -27.56 17.75 -3.05
CA ILE D 70 -28.31 18.24 -4.21
C ILE D 70 -29.36 17.15 -4.41
N ARG D 71 -30.10 16.90 -3.33
CA ARG D 71 -31.15 15.90 -3.27
C ARG D 71 -31.75 15.92 -1.87
N GLN D 72 -30.89 16.09 -0.87
CA GLN D 72 -31.31 16.13 0.53
C GLN D 72 -31.80 17.54 0.85
N GLN D 73 -31.87 18.36 -0.20
CA GLN D 73 -32.35 19.73 -0.07
C GLN D 73 -33.34 20.00 -1.19
N LEU D 74 -33.19 19.28 -2.31
CA LEU D 74 -34.12 19.44 -3.41
C LEU D 74 -35.47 19.09 -2.83
N ALA D 75 -35.52 17.95 -2.16
CA ALA D 75 -36.74 17.48 -1.53
C ALA D 75 -37.08 18.41 -0.37
N ASP D 76 -36.05 18.79 0.39
CA ASP D 76 -36.21 19.67 1.54
C ASP D 76 -36.66 21.07 1.10
N SER D 77 -37.00 21.21 -0.17
CA SER D 77 -37.43 22.49 -0.71
C SER D 77 -38.49 22.37 -1.82
N GLN D 78 -38.71 21.16 -2.31
CA GLN D 78 -39.72 20.96 -3.34
C GLN D 78 -41.02 20.52 -2.67
N ASN D 79 -40.94 20.35 -1.35
CA ASN D 79 -42.09 19.97 -0.54
C ASN D 79 -42.45 21.24 0.23
N LYS D 80 -41.47 22.14 0.34
CA LYS D 80 -41.67 23.40 1.03
C LYS D 80 -42.33 24.34 0.02
N TYR D 81 -42.55 23.80 -1.17
CA TYR D 81 -43.21 24.50 -2.27
C TYR D 81 -44.64 24.00 -2.29
N LYS D 82 -44.83 22.77 -1.82
CA LYS D 82 -46.14 22.13 -1.75
C LYS D 82 -46.89 22.70 -0.54
N THR D 83 -46.17 22.87 0.57
CA THR D 83 -46.71 23.42 1.81
C THR D 83 -46.74 24.95 1.67
N SER D 84 -46.67 25.41 0.42
CA SER D 84 -46.68 26.83 0.12
C SER D 84 -47.68 27.02 -1.02
N ASN D 85 -47.90 25.95 -1.78
CA ASN D 85 -48.85 25.99 -2.89
C ASN D 85 -50.25 25.82 -2.33
N ARG D 86 -50.34 25.31 -1.10
CA ARG D 86 -51.63 25.14 -0.45
C ARG D 86 -51.91 26.34 0.44
N VAL D 87 -50.93 26.73 1.26
CA VAL D 87 -51.09 27.87 2.16
C VAL D 87 -51.46 29.10 1.33
N ILE D 88 -51.51 28.93 0.01
CA ILE D 88 -51.88 30.00 -0.90
C ILE D 88 -53.27 29.72 -1.42
N VAL D 89 -53.49 28.51 -1.91
CA VAL D 89 -54.81 28.14 -2.43
C VAL D 89 -55.88 28.35 -1.35
N GLU D 90 -55.47 28.19 -0.09
CA GLU D 90 -56.38 28.38 1.03
C GLU D 90 -56.83 29.84 1.11
N THR D 91 -55.86 30.74 1.18
CA THR D 91 -56.17 32.16 1.26
C THR D 91 -56.82 32.62 -0.05
N ILE D 92 -56.56 31.91 -1.14
CA ILE D 92 -57.14 32.23 -2.43
C ILE D 92 -58.61 31.78 -2.43
N ASN D 93 -58.94 30.89 -1.50
CA ASN D 93 -60.29 30.38 -1.35
C ASN D 93 -61.08 31.19 -0.33
N ILE D 94 -60.39 31.71 0.67
CA ILE D 94 -61.02 32.54 1.69
C ILE D 94 -61.38 33.89 1.07
N LEU D 95 -60.39 34.52 0.43
CA LEU D 95 -60.57 35.82 -0.20
C LEU D 95 -61.43 35.81 -1.45
N LYS D 96 -61.36 34.74 -2.24
CA LYS D 96 -62.15 34.64 -3.46
C LYS D 96 -63.57 35.19 -3.30
N PRO D 97 -64.32 34.72 -2.29
CA PRO D 97 -65.69 35.20 -2.08
C PRO D 97 -65.74 36.59 -1.44
N GLY D 98 -64.94 36.78 -0.38
CA GLY D 98 -64.89 38.05 0.32
C GLY D 98 -64.78 39.26 -0.60
N LEU D 99 -64.38 39.02 -1.85
CA LEU D 99 -64.24 40.07 -2.83
C LEU D 99 -65.37 40.02 -3.85
N GLU D 100 -65.62 38.84 -4.43
CA GLU D 100 -66.69 38.69 -5.40
C GLU D 100 -67.96 39.26 -4.78
N GLY D 101 -68.01 39.21 -3.46
CA GLY D 101 -69.16 39.71 -2.71
C GLY D 101 -69.12 41.20 -2.47
N ALA D 102 -68.14 41.67 -1.71
CA ALA D 102 -68.00 43.10 -1.42
C ALA D 102 -67.93 43.93 -2.70
N GLN D 103 -67.94 43.27 -3.86
CA GLN D 103 -67.90 43.99 -5.13
C GLN D 103 -69.33 44.19 -5.61
N GLN D 104 -70.20 43.21 -5.33
CA GLN D 104 -71.61 43.30 -5.71
C GLN D 104 -72.26 44.42 -4.91
N LEU D 105 -71.82 44.57 -3.66
CA LEU D 105 -72.32 45.63 -2.78
C LEU D 105 -72.20 46.96 -3.53
N ASP D 106 -71.03 47.16 -4.13
CA ASP D 106 -70.73 48.36 -4.88
C ASP D 106 -71.49 48.47 -6.19
N GLU D 107 -72.11 47.37 -6.63
CA GLU D 107 -72.89 47.40 -7.86
C GLU D 107 -74.35 47.68 -7.51
N ASN D 108 -74.75 47.21 -6.33
CA ASN D 108 -76.09 47.43 -5.82
C ASN D 108 -76.24 48.91 -5.53
N TYR D 109 -75.40 49.41 -4.63
CA TYR D 109 -75.42 50.82 -4.27
C TYR D 109 -75.39 51.63 -5.58
N GLY D 110 -74.82 51.03 -6.62
CA GLY D 110 -74.74 51.69 -7.91
C GLY D 110 -76.09 51.96 -8.53
N HIS D 111 -77.03 51.02 -8.37
CA HIS D 111 -78.37 51.19 -8.93
C HIS D 111 -79.21 52.08 -8.02
N VAL D 112 -79.06 51.87 -6.71
CA VAL D 112 -79.79 52.64 -5.72
C VAL D 112 -79.42 54.12 -5.72
N SER D 113 -78.13 54.43 -5.69
CA SER D 113 -77.70 55.83 -5.71
C SER D 113 -78.26 56.51 -6.93
N THR D 114 -78.44 55.73 -8.01
CA THR D 114 -79.00 56.24 -9.25
C THR D 114 -80.45 56.62 -9.01
N GLU D 115 -81.24 55.67 -8.53
CA GLU D 115 -82.64 55.92 -8.25
C GLU D 115 -82.77 57.16 -7.37
N LEU D 116 -82.18 57.09 -6.18
CA LEU D 116 -82.22 58.20 -5.23
C LEU D 116 -81.90 59.52 -5.90
N ARG D 117 -80.92 59.53 -6.81
CA ARG D 117 -80.57 60.76 -7.50
C ARG D 117 -81.74 61.22 -8.37
N ARG D 118 -82.30 60.29 -9.13
CA ARG D 118 -83.43 60.58 -10.01
C ARG D 118 -84.63 61.16 -9.29
N ARG D 119 -84.74 60.88 -7.99
CA ARG D 119 -85.85 61.42 -7.22
C ARG D 119 -85.44 62.70 -6.50
N ILE D 120 -84.14 62.83 -6.21
CA ILE D 120 -83.65 64.04 -5.56
C ILE D 120 -83.64 65.16 -6.60
N VAL D 121 -83.57 64.76 -7.87
CA VAL D 121 -83.57 65.71 -8.98
C VAL D 121 -84.99 66.17 -9.26
N THR D 122 -85.89 65.21 -9.42
CA THR D 122 -87.29 65.51 -9.71
C THR D 122 -87.94 66.31 -8.57
N LEU D 123 -87.60 65.99 -7.32
CA LEU D 123 -88.18 66.72 -6.20
C LEU D 123 -87.59 68.11 -6.08
N LYS D 124 -86.27 68.20 -6.18
CA LYS D 124 -85.60 69.50 -6.08
C LYS D 124 -86.05 70.39 -7.23
N GLN D 125 -86.39 69.78 -8.35
CA GLN D 125 -86.84 70.50 -9.53
C GLN D 125 -88.19 71.14 -9.22
N ARG D 126 -89.14 70.31 -8.82
CA ARG D 126 -90.48 70.78 -8.48
C ARG D 126 -90.41 71.76 -7.31
N VAL D 127 -89.86 71.31 -6.19
CA VAL D 127 -89.74 72.17 -5.02
C VAL D 127 -89.18 73.53 -5.43
N ALA D 128 -88.23 73.51 -6.36
CA ALA D 128 -87.64 74.74 -6.83
C ALA D 128 -88.70 75.70 -7.38
N THR D 129 -89.44 75.26 -8.39
CA THR D 129 -90.47 76.11 -9.00
C THR D 129 -91.48 76.60 -7.99
N GLN D 130 -91.97 75.73 -7.12
CA GLN D 130 -92.93 76.14 -6.11
C GLN D 130 -92.40 77.33 -5.32
N VAL D 131 -91.09 77.39 -5.13
CA VAL D 131 -90.49 78.50 -4.39
C VAL D 131 -90.48 79.74 -5.30
N ASN D 132 -90.26 79.53 -6.59
CA ASN D 132 -90.25 80.62 -7.55
C ASN D 132 -91.67 81.17 -7.68
N ARG D 133 -92.60 80.27 -7.94
CA ARG D 133 -94.01 80.62 -8.10
C ARG D 133 -94.46 81.42 -6.87
N ILE D 134 -94.01 81.01 -5.69
CA ILE D 134 -94.36 81.68 -4.44
C ILE D 134 -93.76 83.07 -4.35
N LYS D 135 -92.49 83.23 -4.73
CA LYS D 135 -91.86 84.54 -4.67
C LYS D 135 -92.48 85.49 -5.69
N ALA D 136 -92.78 84.98 -6.87
CA ALA D 136 -93.41 85.81 -7.90
C ALA D 136 -94.71 86.34 -7.30
N LEU D 137 -95.45 85.44 -6.66
CA LEU D 137 -96.71 85.79 -6.00
C LEU D 137 -96.49 86.88 -4.97
N GLN D 138 -95.50 86.72 -4.09
CA GLN D 138 -95.27 87.74 -3.09
C GLN D 138 -95.03 89.10 -3.73
N ASN D 139 -94.51 89.09 -4.95
CA ASN D 139 -94.25 90.35 -5.64
C ASN D 139 -95.54 90.99 -6.11
N SER D 140 -96.36 90.23 -6.82
CA SER D 140 -97.63 90.71 -7.33
C SER D 140 -98.46 91.27 -6.16
N ILE D 141 -98.46 90.56 -5.05
CA ILE D 141 -99.19 90.98 -3.86
C ILE D 141 -98.60 92.28 -3.32
N GLN D 142 -97.29 92.42 -3.46
CA GLN D 142 -96.62 93.62 -2.98
C GLN D 142 -96.97 94.84 -3.83
N GLU D 143 -97.06 94.66 -5.15
CA GLU D 143 -97.40 95.79 -5.98
C GLU D 143 -98.88 96.12 -5.83
N GLN D 144 -99.67 95.10 -5.49
CA GLN D 144 -101.10 95.31 -5.27
C GLN D 144 -101.26 96.12 -3.98
N VAL D 145 -100.45 95.81 -2.97
CA VAL D 145 -100.52 96.55 -1.72
C VAL D 145 -100.14 98.00 -1.96
N VAL D 146 -99.43 98.27 -3.05
CA VAL D 146 -99.03 99.64 -3.38
C VAL D 146 -100.20 100.38 -4.05
N GLU D 147 -100.77 99.76 -5.06
CA GLU D 147 -101.88 100.34 -5.80
C GLU D 147 -103.08 100.54 -4.88
N MET D 148 -103.26 99.59 -3.96
CA MET D 148 -104.37 99.63 -3.02
C MET D 148 -104.26 100.79 -2.04
N LYS D 149 -103.10 100.94 -1.39
CA LYS D 149 -102.90 102.02 -0.43
C LYS D 149 -103.20 103.36 -1.09
N ARG D 150 -103.06 103.41 -2.41
CA ARG D 150 -103.34 104.62 -3.16
C ARG D 150 -104.82 104.70 -3.48
N LEU D 151 -105.37 103.58 -3.93
CA LEU D 151 -106.77 103.51 -4.30
C LEU D 151 -107.71 103.83 -3.14
N GLU D 152 -107.50 103.20 -1.99
CA GLU D 152 -108.35 103.45 -0.84
C GLU D 152 -108.45 104.94 -0.57
N VAL D 153 -107.32 105.63 -0.65
CA VAL D 153 -107.30 107.07 -0.42
C VAL D 153 -108.05 107.80 -1.52
N ASP D 154 -107.93 107.34 -2.76
CA ASP D 154 -108.62 107.99 -3.87
C ASP D 154 -110.13 107.90 -3.64
N ILE D 155 -110.61 106.71 -3.28
CA ILE D 155 -112.03 106.54 -3.04
C ILE D 155 -112.50 107.31 -1.83
N ASP D 156 -111.68 107.40 -0.79
CA ASP D 156 -112.05 108.13 0.41
C ASP D 156 -112.34 109.58 0.04
N ILE D 157 -111.44 110.15 -0.74
CA ILE D 157 -111.56 111.52 -1.19
C ILE D 157 -112.78 111.70 -2.09
N LYS D 158 -112.95 110.79 -3.04
CA LYS D 158 -114.08 110.90 -3.95
C LYS D 158 -115.44 110.65 -3.32
N ILE D 159 -115.52 109.75 -2.33
CA ILE D 159 -116.80 109.50 -1.68
C ILE D 159 -117.19 110.76 -0.91
N ARG D 160 -116.21 111.33 -0.20
CA ARG D 160 -116.47 112.51 0.59
C ARG D 160 -116.93 113.68 -0.29
N ALA D 161 -116.48 113.70 -1.54
CA ALA D 161 -116.85 114.78 -2.45
C ALA D 161 -118.30 114.67 -2.90
N CYS D 162 -118.98 113.63 -2.46
CA CYS D 162 -120.38 113.48 -2.81
C CYS D 162 -121.23 114.22 -1.79
N LYS D 163 -120.65 114.44 -0.61
CA LYS D 163 -121.31 115.12 0.49
C LYS D 163 -121.97 116.43 0.07
N GLY D 164 -121.39 117.12 -0.91
CA GLY D 164 -121.97 118.38 -1.35
C GLY D 164 -122.86 118.25 -2.58
N SER D 165 -123.32 117.03 -2.87
CA SER D 165 -124.18 116.83 -4.04
C SER D 165 -125.33 115.87 -3.74
N CYS D 166 -125.11 114.96 -2.81
CA CYS D 166 -126.11 113.97 -2.46
C CYS D 166 -126.78 114.26 -1.13
N ALA D 167 -128.02 113.77 -0.99
CA ALA D 167 -128.81 113.99 0.22
C ALA D 167 -128.16 113.46 1.49
N ARG D 168 -127.48 112.33 1.39
CA ARG D 168 -126.82 111.73 2.54
C ARG D 168 -125.37 111.42 2.22
N SER D 169 -124.50 111.42 3.22
CA SER D 169 -123.09 111.15 3.03
C SER D 169 -122.56 110.00 3.88
N PHE D 170 -121.96 109.01 3.24
CA PHE D 170 -121.40 107.87 3.96
C PHE D 170 -120.01 108.20 4.48
N ASP D 171 -119.86 108.21 5.80
CA ASP D 171 -118.57 108.52 6.38
C ASP D 171 -117.63 107.33 6.25
N TYR D 172 -116.62 107.47 5.40
CA TYR D 172 -115.65 106.41 5.23
C TYR D 172 -114.32 107.02 5.64
N GLN D 173 -113.56 106.29 6.44
CA GLN D 173 -112.28 106.79 6.91
C GLN D 173 -111.19 105.77 6.60
N VAL D 174 -110.09 106.22 6.01
CA VAL D 174 -108.97 105.33 5.68
C VAL D 174 -108.27 104.90 6.94
N ASP D 175 -107.98 103.61 7.05
CA ASP D 175 -107.30 103.07 8.23
C ASP D 175 -105.89 103.65 8.44
N LYS D 176 -105.17 103.86 7.34
CA LYS D 176 -103.81 104.40 7.38
C LYS D 176 -102.81 103.55 8.16
N GLU D 177 -103.30 102.44 8.70
CA GLU D 177 -102.46 101.53 9.47
C GLU D 177 -102.69 100.09 9.07
N GLY D 178 -103.87 99.80 8.55
CA GLY D 178 -104.15 98.44 8.14
C GLY D 178 -103.06 98.01 7.18
N TYR D 179 -102.46 98.99 6.51
CA TYR D 179 -101.41 98.70 5.55
C TYR D 179 -100.03 98.42 6.12
N ASP D 180 -99.64 99.16 7.16
CA ASP D 180 -98.31 98.91 7.73
C ASP D 180 -98.26 97.55 8.42
N ASN D 181 -99.44 97.03 8.78
CA ASN D 181 -99.52 95.73 9.42
C ASN D 181 -99.42 94.66 8.33
N ILE D 182 -99.97 94.98 7.16
CA ILE D 182 -99.91 94.07 6.03
C ILE D 182 -98.46 94.02 5.58
N GLN D 183 -97.87 95.21 5.41
CA GLN D 183 -96.49 95.33 4.97
C GLN D 183 -95.57 94.64 5.97
N LYS D 184 -96.04 94.49 7.20
CA LYS D 184 -95.26 93.83 8.23
C LYS D 184 -95.14 92.35 7.81
N HIS D 185 -96.25 91.77 7.37
CA HIS D 185 -96.25 90.37 6.93
C HIS D 185 -95.43 90.15 5.67
N LEU D 186 -95.64 90.98 4.65
CA LEU D 186 -94.90 90.86 3.40
C LEU D 186 -93.39 90.75 3.64
N THR D 187 -92.87 91.56 4.55
CA THR D 187 -91.45 91.52 4.86
C THR D 187 -91.12 90.25 5.63
N GLN D 188 -92.00 89.90 6.56
CA GLN D 188 -91.85 88.71 7.39
C GLN D 188 -91.80 87.45 6.53
N ALA D 189 -92.48 87.48 5.38
CA ALA D 189 -92.51 86.34 4.47
C ALA D 189 -91.31 86.39 3.53
N SER D 190 -90.73 87.57 3.39
CA SER D 190 -89.58 87.75 2.51
C SER D 190 -88.30 87.35 3.25
N SER D 191 -88.34 87.45 4.58
CA SER D 191 -87.19 87.11 5.40
C SER D 191 -86.89 85.61 5.43
N ILE D 192 -87.94 84.79 5.45
CA ILE D 192 -87.79 83.34 5.46
C ILE D 192 -86.89 82.90 4.29
N ASP D 193 -86.03 81.92 4.53
CA ASP D 193 -85.07 81.42 3.53
C ASP D 193 -85.57 80.84 2.21
N MET D 194 -85.59 79.51 2.13
CA MET D 194 -86.00 78.77 0.94
C MET D 194 -84.86 78.60 -0.06
N HIS D 195 -83.65 78.94 0.42
CA HIS D 195 -82.40 78.83 -0.34
C HIS D 195 -82.59 78.79 -1.86
N PRO D 196 -83.05 79.90 -2.45
CA PRO D 196 -83.25 79.96 -3.90
C PRO D 196 -81.93 79.87 -4.67
N ASP D 197 -80.84 80.07 -3.92
CA ASP D 197 -79.48 80.02 -4.46
C ASP D 197 -78.93 78.60 -4.40
N PHE D 198 -79.36 77.85 -3.39
CA PHE D 198 -78.93 76.47 -3.18
C PHE D 198 -79.45 75.57 -4.28
N GLN D 199 -79.82 76.17 -5.41
CA GLN D 199 -80.32 75.45 -6.57
C GLN D 199 -79.14 75.23 -7.53
N THR D 200 -78.56 74.03 -7.48
CA THR D 200 -77.42 73.67 -8.32
C THR D 200 -77.38 72.17 -8.57
N THR D 201 -77.46 71.79 -9.85
CA THR D 201 -77.45 70.40 -10.31
C THR D 201 -77.06 69.26 -9.35
N THR D 202 -75.84 69.30 -8.80
CA THR D 202 -75.34 68.29 -7.85
C THR D 202 -74.69 67.05 -8.50
N LEU D 203 -73.51 66.69 -8.00
CA LEU D 203 -72.73 65.55 -8.50
C LEU D 203 -73.53 64.28 -8.78
N SER D 204 -72.88 63.34 -9.47
CA SER D 204 -73.48 62.05 -9.84
C SER D 204 -72.43 60.92 -9.78
N THR D 205 -72.11 60.47 -8.56
CA THR D 205 -71.12 59.42 -8.34
C THR D 205 -69.95 59.46 -9.34
N LEU D 206 -69.24 60.58 -9.37
CA LEU D 206 -68.10 60.74 -10.27
C LEU D 206 -66.85 59.98 -9.79
N LYS D 207 -66.46 58.98 -10.58
CA LYS D 207 -65.28 58.15 -10.29
C LYS D 207 -65.46 57.17 -9.12
N MET D 208 -65.67 55.90 -9.46
CA MET D 208 -65.86 54.86 -8.45
C MET D 208 -66.13 53.46 -9.01
N ARG D 209 -65.33 53.00 -9.98
CA ARG D 209 -65.55 51.67 -10.54
C ARG D 209 -64.97 50.58 -9.64
N PRO D 210 -65.78 49.55 -9.31
CA PRO D 210 -65.37 48.44 -8.45
C PRO D 210 -64.37 47.48 -9.08
N LEU D 211 -63.59 46.81 -8.23
CA LEU D 211 -62.61 45.84 -8.70
C LEU D 211 -63.43 44.67 -9.23
N LYS D 212 -63.68 44.68 -10.55
CA LYS D 212 -64.47 43.63 -11.21
C LYS D 212 -63.75 42.28 -11.06
N ASP D 213 -63.67 41.79 -9.82
CA ASP D 213 -63.00 40.54 -9.52
C ASP D 213 -62.99 39.53 -10.66
N SER D 214 -61.78 39.14 -11.04
CA SER D 214 -61.55 38.19 -12.10
C SER D 214 -60.03 38.06 -12.20
N ASN D 215 -59.34 38.83 -11.37
CA ASN D 215 -57.88 38.84 -11.31
C ASN D 215 -57.39 37.89 -10.22
N VAL D 216 -58.30 37.08 -9.68
CA VAL D 216 -57.99 36.11 -8.63
C VAL D 216 -58.20 34.66 -9.08
N PRO D 217 -59.19 34.41 -9.96
CA PRO D 217 -59.46 33.05 -10.45
C PRO D 217 -58.31 32.41 -11.24
N GLU D 218 -57.36 33.24 -11.70
CA GLU D 218 -56.22 32.75 -12.47
C GLU D 218 -55.27 31.84 -11.70
N HIS D 219 -54.78 32.32 -10.57
CA HIS D 219 -53.83 31.58 -9.75
C HIS D 219 -54.14 30.09 -9.61
N PHE D 220 -55.42 29.74 -9.67
CA PHE D 220 -55.84 28.34 -9.55
C PHE D 220 -55.09 27.41 -10.52
N ILE E 63 0.15 16.63 1.45
CA ILE E 63 -0.06 15.16 1.59
C ILE E 63 -1.28 14.72 0.77
N TYR E 64 -1.35 13.44 0.43
CA TYR E 64 -2.46 12.91 -0.37
C TYR E 64 -2.99 11.57 0.12
N PRO E 65 -4.04 11.02 -0.54
CA PRO E 65 -4.65 9.75 -0.16
C PRO E 65 -3.80 8.47 -0.18
N ASP E 66 -3.88 7.71 -1.27
CA ASP E 66 -3.15 6.44 -1.43
C ASP E 66 -3.91 5.34 -0.69
N ALA E 67 -4.35 4.33 -1.42
CA ALA E 67 -5.08 3.23 -0.82
C ALA E 67 -5.35 2.08 -1.79
N GLY E 68 -5.37 0.86 -1.26
CA GLY E 68 -5.63 -0.31 -2.09
C GLY E 68 -4.46 -1.27 -2.21
N GLY E 69 -3.48 -1.13 -1.32
CA GLY E 69 -2.32 -2.00 -1.37
C GLY E 69 -2.15 -2.94 -0.19
N CYS E 70 -1.10 -3.76 -0.27
CA CYS E 70 -0.76 -4.73 0.77
C CYS E 70 0.75 -5.02 0.73
N LYS E 71 1.29 -5.48 1.85
CA LYS E 71 2.71 -5.83 1.91
C LYS E 71 2.87 -7.32 1.67
N HIS E 72 3.83 -7.69 0.83
CA HIS E 72 4.07 -9.10 0.51
C HIS E 72 5.01 -9.72 1.54
N PRO E 73 4.77 -11.00 1.90
CA PRO E 73 5.62 -11.70 2.87
C PRO E 73 7.08 -11.79 2.42
N LEU E 74 7.37 -11.18 1.28
CA LEU E 74 8.72 -11.17 0.72
C LEU E 74 9.15 -9.71 0.63
N ASP E 75 9.80 -9.23 1.69
CA ASP E 75 10.27 -7.86 1.78
C ASP E 75 10.75 -7.28 0.44
N GLU E 76 11.26 -8.15 -0.43
CA GLU E 76 11.76 -7.74 -1.74
C GLU E 76 10.71 -7.03 -2.60
N LEU E 77 9.59 -7.70 -2.85
CA LEU E 77 8.51 -7.16 -3.66
C LEU E 77 8.02 -5.80 -3.16
N GLY E 78 8.19 -5.56 -1.86
CA GLY E 78 7.76 -4.31 -1.28
C GLY E 78 6.26 -4.26 -1.06
N VAL E 79 5.65 -3.11 -1.35
CA VAL E 79 4.22 -2.94 -1.18
C VAL E 79 3.52 -2.93 -2.54
N LEU E 80 2.58 -3.86 -2.71
CA LEU E 80 1.84 -3.97 -3.97
C LEU E 80 0.69 -2.95 -4.00
N CYS E 81 0.23 -2.60 -5.20
CA CYS E 81 -0.88 -1.66 -5.38
C CYS E 81 -1.77 -2.09 -6.55
N PRO E 82 -2.99 -1.54 -6.61
CA PRO E 82 -3.96 -1.85 -7.67
C PRO E 82 -3.43 -1.94 -9.10
N THR E 83 -3.98 -2.89 -9.85
CA THR E 83 -3.60 -3.13 -11.24
C THR E 83 -4.11 -1.98 -12.11
N GLY E 84 -3.85 -2.07 -13.40
CA GLY E 84 -4.32 -1.07 -14.34
C GLY E 84 -5.72 -1.52 -14.73
N CYS E 85 -6.04 -2.75 -14.37
CA CYS E 85 -7.35 -3.35 -14.64
C CYS E 85 -8.23 -3.10 -13.43
N GLU E 86 -7.64 -3.23 -12.25
CA GLU E 86 -8.36 -3.01 -11.00
C GLU E 86 -8.91 -1.59 -10.98
N LEU E 87 -8.20 -0.68 -11.64
CA LEU E 87 -8.61 0.71 -11.71
C LEU E 87 -9.54 0.95 -12.90
N GLN E 88 -9.35 0.20 -13.98
CA GLN E 88 -10.20 0.36 -15.15
C GLN E 88 -11.62 -0.12 -14.82
N THR E 89 -11.77 -0.69 -13.63
CA THR E 89 -13.05 -1.18 -13.17
C THR E 89 -13.56 -0.26 -12.08
N THR E 90 -12.73 -0.06 -11.05
CA THR E 90 -13.07 0.81 -9.93
C THR E 90 -13.17 2.25 -10.43
N LEU E 91 -13.63 2.41 -11.65
CA LEU E 91 -13.77 3.73 -12.27
C LEU E 91 -14.76 3.59 -13.44
N LEU E 92 -14.60 2.55 -14.24
CA LEU E 92 -15.49 2.33 -15.39
C LEU E 92 -16.88 1.92 -14.90
N LYS E 93 -16.96 1.54 -13.63
CA LYS E 93 -18.24 1.16 -13.03
C LYS E 93 -18.88 2.44 -12.51
N GLN E 94 -18.06 3.28 -11.88
CA GLN E 94 -18.55 4.56 -11.36
C GLN E 94 -18.83 5.43 -12.58
N GLU E 95 -18.85 4.79 -13.75
CA GLU E 95 -19.09 5.45 -15.02
C GLU E 95 -20.57 5.45 -15.36
N LYS E 96 -21.15 4.26 -15.48
CA LYS E 96 -22.57 4.14 -15.80
C LYS E 96 -23.42 4.28 -14.54
N THR E 97 -22.81 4.77 -13.47
CA THR E 97 -23.50 4.98 -12.20
C THR E 97 -23.85 6.45 -12.06
N VAL E 98 -22.81 7.28 -11.99
CA VAL E 98 -22.99 8.72 -11.84
C VAL E 98 -23.42 9.39 -13.16
N LYS E 99 -23.66 8.59 -14.19
CA LYS E 99 -24.11 9.14 -15.47
C LYS E 99 -25.61 9.44 -15.41
N PRO E 100 -26.44 8.42 -15.09
CA PRO E 100 -27.89 8.65 -15.01
C PRO E 100 -28.23 9.52 -13.79
N VAL E 101 -27.57 9.25 -12.67
CA VAL E 101 -27.77 10.01 -11.44
C VAL E 101 -27.67 11.50 -11.67
N LEU E 102 -26.94 11.90 -12.71
CA LEU E 102 -26.77 13.32 -13.02
C LEU E 102 -27.60 13.71 -14.24
N ARG E 103 -28.58 12.86 -14.57
CA ARG E 103 -29.50 13.09 -15.68
C ARG E 103 -30.87 13.31 -15.07
N ASP E 104 -31.19 12.47 -14.09
CA ASP E 104 -32.46 12.57 -13.39
C ASP E 104 -32.22 13.16 -12.01
N LEU E 105 -31.52 14.29 -12.02
CA LEU E 105 -31.18 15.06 -10.83
C LEU E 105 -30.74 16.40 -11.41
N LYS E 106 -30.66 16.42 -12.74
CA LYS E 106 -30.30 17.60 -13.51
C LYS E 106 -31.60 18.00 -14.18
N ASP E 107 -32.45 17.01 -14.42
CA ASP E 107 -33.75 17.22 -15.04
C ASP E 107 -34.83 17.41 -13.98
N ARG E 108 -34.64 16.74 -12.83
CA ARG E 108 -35.59 16.85 -11.73
C ARG E 108 -35.24 18.04 -10.83
N VAL E 109 -34.50 18.99 -11.41
CA VAL E 109 -34.11 20.23 -10.73
C VAL E 109 -34.11 21.27 -11.84
N ALA E 110 -34.54 20.82 -13.02
CA ALA E 110 -34.66 21.68 -14.20
C ALA E 110 -36.13 22.02 -14.38
N LYS E 111 -36.99 21.01 -14.27
CA LYS E 111 -38.42 21.21 -14.41
C LYS E 111 -39.03 21.65 -13.08
N PHE E 112 -38.20 21.84 -12.07
CA PHE E 112 -38.65 22.29 -10.76
C PHE E 112 -38.20 23.73 -10.52
N SER E 113 -37.04 24.09 -11.05
CA SER E 113 -36.54 25.45 -10.87
C SER E 113 -37.45 26.40 -11.62
N ASP E 114 -37.95 25.97 -12.76
CA ASP E 114 -38.86 26.81 -13.57
C ASP E 114 -40.22 26.88 -12.90
N THR E 115 -40.66 25.76 -12.33
CA THR E 115 -41.95 25.70 -11.65
C THR E 115 -41.91 26.68 -10.47
N SER E 116 -40.88 26.55 -9.64
CA SER E 116 -40.74 27.43 -8.48
C SER E 116 -40.57 28.89 -8.92
N THR E 117 -40.37 29.09 -10.22
CA THR E 117 -40.23 30.42 -10.78
C THR E 117 -41.59 30.84 -11.36
N THR E 118 -42.25 29.89 -12.01
CA THR E 118 -43.57 30.12 -12.59
C THR E 118 -44.59 30.27 -11.46
N MET E 119 -44.21 29.79 -10.28
CA MET E 119 -45.06 29.87 -9.11
C MET E 119 -44.79 31.18 -8.39
N TYR E 120 -43.61 31.75 -8.60
CA TYR E 120 -43.27 33.02 -7.97
C TYR E 120 -43.92 34.17 -8.73
N GLN E 121 -44.06 33.99 -10.05
CA GLN E 121 -44.67 35.03 -10.89
C GLN E 121 -46.16 35.16 -10.57
N TYR E 122 -46.78 34.06 -10.16
CA TYR E 122 -48.19 34.09 -9.83
C TYR E 122 -48.43 34.54 -8.39
N VAL E 123 -47.58 34.13 -7.47
CA VAL E 123 -47.72 34.54 -6.07
C VAL E 123 -47.40 36.01 -5.91
N ASN E 124 -47.16 36.68 -7.03
CA ASN E 124 -46.86 38.11 -7.01
C ASN E 124 -47.98 38.80 -7.80
N MET E 125 -48.36 38.19 -8.93
CA MET E 125 -49.44 38.69 -9.77
C MET E 125 -50.73 38.63 -8.95
N ILE E 126 -50.70 37.81 -7.90
CA ILE E 126 -51.82 37.65 -6.99
C ILE E 126 -51.56 38.60 -5.83
N ASP E 127 -50.29 38.96 -5.64
CA ASP E 127 -49.93 39.88 -4.59
C ASP E 127 -50.20 41.31 -5.04
N ASN E 128 -50.34 41.51 -6.35
CA ASN E 128 -50.61 42.82 -6.89
C ASN E 128 -52.03 43.27 -6.56
N LYS E 129 -53.00 42.40 -6.82
CA LYS E 129 -54.40 42.71 -6.54
C LYS E 129 -54.65 43.04 -5.07
N LEU E 130 -54.09 42.22 -4.18
CA LEU E 130 -54.24 42.47 -2.75
C LEU E 130 -53.67 43.81 -2.33
N VAL E 131 -53.20 44.58 -3.31
CA VAL E 131 -52.64 45.90 -3.05
C VAL E 131 -53.54 46.92 -3.77
N LYS E 132 -54.01 46.54 -4.95
CA LYS E 132 -54.91 47.38 -5.75
C LYS E 132 -56.28 47.38 -5.10
N THR E 133 -56.88 46.20 -5.02
CA THR E 133 -58.20 46.02 -4.43
C THR E 133 -58.21 46.49 -2.98
N GLN E 134 -57.03 46.81 -2.45
CA GLN E 134 -56.89 47.30 -1.08
C GLN E 134 -56.78 48.82 -1.14
N LYS E 135 -56.26 49.32 -2.25
CA LYS E 135 -56.09 50.76 -2.46
C LYS E 135 -57.35 51.30 -3.14
N GLN E 136 -57.70 50.73 -4.28
CA GLN E 136 -58.87 51.14 -5.04
C GLN E 136 -60.11 51.22 -4.16
N ARG E 137 -60.08 50.51 -3.04
CA ARG E 137 -61.20 50.47 -2.10
C ARG E 137 -61.07 51.56 -1.04
N LYS E 138 -59.84 51.80 -0.59
CA LYS E 138 -59.58 52.83 0.41
C LYS E 138 -60.04 54.18 -0.13
N ASP E 139 -59.94 54.33 -1.45
CA ASP E 139 -60.36 55.54 -2.15
C ASP E 139 -61.87 55.51 -2.38
N ASN E 140 -62.34 54.46 -3.05
CA ASN E 140 -63.76 54.32 -3.33
C ASN E 140 -64.63 54.53 -2.09
N ASP E 141 -64.08 54.27 -0.91
CA ASP E 141 -64.86 54.45 0.32
C ASP E 141 -65.12 55.90 0.66
N ILE E 142 -64.11 56.77 0.50
CA ILE E 142 -64.31 58.19 0.80
C ILE E 142 -65.02 58.87 -0.37
N ILE E 143 -64.79 58.38 -1.59
CA ILE E 143 -65.45 58.94 -2.78
C ILE E 143 -66.96 58.87 -2.55
N LEU E 144 -67.41 57.72 -2.03
CA LEU E 144 -68.82 57.52 -1.75
C LEU E 144 -69.21 58.31 -0.50
N SER E 145 -68.28 58.42 0.44
CA SER E 145 -68.53 59.16 1.67
C SER E 145 -68.92 60.60 1.39
N GLU E 146 -68.13 61.27 0.55
CA GLU E 146 -68.39 62.66 0.20
C GLU E 146 -69.65 62.81 -0.66
N TYR E 147 -69.90 61.82 -1.52
CA TYR E 147 -71.07 61.84 -2.38
C TYR E 147 -72.34 61.66 -1.56
N ASN E 148 -72.21 60.96 -0.44
CA ASN E 148 -73.34 60.71 0.44
C ASN E 148 -73.54 61.90 1.35
N THR E 149 -72.47 62.35 1.99
CA THR E 149 -72.58 63.50 2.89
C THR E 149 -73.09 64.70 2.08
N GLU E 150 -72.78 64.71 0.79
CA GLU E 150 -73.23 65.77 -0.11
C GLU E 150 -74.70 65.56 -0.43
N MET E 151 -75.15 64.32 -0.26
CA MET E 151 -76.54 63.96 -0.51
C MET E 151 -77.37 64.43 0.67
N GLU E 152 -76.71 64.66 1.79
CA GLU E 152 -77.36 65.12 3.01
C GLU E 152 -77.86 66.55 2.87
N LEU E 153 -76.94 67.50 2.88
CA LEU E 153 -77.30 68.92 2.77
C LEU E 153 -78.08 69.21 1.49
N HIS E 154 -77.82 68.44 0.44
CA HIS E 154 -78.52 68.62 -0.83
C HIS E 154 -79.91 67.98 -0.82
N TYR E 155 -80.21 67.23 0.23
CA TYR E 155 -81.52 66.58 0.35
C TYR E 155 -82.39 67.39 1.29
N ASN E 156 -81.82 67.79 2.42
CA ASN E 156 -82.55 68.56 3.42
C ASN E 156 -83.09 69.84 2.80
N TYR E 157 -82.56 70.22 1.64
CA TYR E 157 -83.04 71.39 0.95
C TYR E 157 -84.48 71.05 0.58
N ILE E 158 -84.64 69.89 -0.05
CA ILE E 158 -85.95 69.40 -0.45
C ILE E 158 -86.75 68.95 0.77
N LYS E 159 -86.34 69.42 1.95
CA LYS E 159 -87.02 69.06 3.19
C LYS E 159 -87.30 70.31 4.00
N ASP E 160 -86.24 71.03 4.36
CA ASP E 160 -86.37 72.25 5.14
C ASP E 160 -87.45 73.11 4.51
N ASN E 161 -87.55 73.04 3.20
CA ASN E 161 -88.57 73.77 2.46
C ASN E 161 -89.94 73.19 2.75
N LEU E 162 -90.25 72.06 2.14
CA LEU E 162 -91.54 71.42 2.33
C LEU E 162 -91.99 71.24 3.77
N ASP E 163 -91.05 71.28 4.71
CA ASP E 163 -91.41 71.08 6.11
C ASP E 163 -91.72 72.35 6.91
N ASN E 164 -91.12 73.48 6.55
CA ASN E 164 -91.40 74.70 7.28
C ASN E 164 -90.93 76.00 6.63
N ASN E 165 -91.02 76.05 5.31
CA ASN E 165 -90.65 77.23 4.55
C ASN E 165 -91.84 77.53 3.67
N ILE E 166 -92.00 76.73 2.62
CA ILE E 166 -93.13 76.91 1.73
C ILE E 166 -94.40 77.01 2.60
N PRO E 167 -94.50 76.18 3.65
CA PRO E 167 -95.69 76.21 4.52
C PRO E 167 -95.89 77.55 5.22
N SER E 168 -94.80 78.14 5.69
CA SER E 168 -94.88 79.41 6.40
C SER E 168 -95.07 80.60 5.48
N SER E 169 -94.57 80.50 4.25
CA SER E 169 -94.73 81.61 3.33
C SER E 169 -96.16 81.58 2.81
N LEU E 170 -96.72 80.37 2.68
CA LEU E 170 -98.09 80.23 2.20
C LEU E 170 -99.07 80.72 3.27
N ARG E 171 -98.76 80.48 4.54
CA ARG E 171 -99.64 80.91 5.61
C ARG E 171 -99.68 82.42 5.75
N VAL E 172 -98.52 83.05 5.66
CA VAL E 172 -98.43 84.49 5.79
C VAL E 172 -98.99 85.21 4.57
N LEU E 173 -98.86 84.60 3.39
CA LEU E 173 -99.39 85.19 2.18
C LEU E 173 -100.90 85.02 2.13
N ARG E 174 -101.41 83.98 2.80
CA ARG E 174 -102.85 83.79 2.82
C ARG E 174 -103.40 84.94 3.66
N ALA E 175 -102.75 85.19 4.79
CA ALA E 175 -103.18 86.25 5.66
C ALA E 175 -103.24 87.58 4.91
N VAL E 176 -102.19 87.89 4.16
CA VAL E 176 -102.16 89.14 3.43
C VAL E 176 -103.26 89.18 2.38
N ILE E 177 -103.36 88.13 1.59
CA ILE E 177 -104.38 88.09 0.54
C ILE E 177 -105.80 88.23 1.11
N ASP E 178 -106.04 87.59 2.24
CA ASP E 178 -107.35 87.65 2.87
C ASP E 178 -107.62 89.06 3.39
N SER E 179 -106.57 89.73 3.83
CA SER E 179 -106.73 91.09 4.35
C SER E 179 -107.02 92.07 3.22
N LEU E 180 -106.35 91.90 2.08
CA LEU E 180 -106.59 92.78 0.96
C LEU E 180 -108.02 92.59 0.50
N HIS E 181 -108.51 91.36 0.57
CA HIS E 181 -109.87 91.06 0.16
C HIS E 181 -110.87 91.84 1.00
N LYS E 182 -110.69 91.77 2.32
CA LYS E 182 -111.58 92.48 3.23
C LYS E 182 -111.55 93.97 2.96
N LYS E 183 -110.36 94.57 2.91
CA LYS E 183 -110.25 95.99 2.64
C LYS E 183 -111.00 96.35 1.38
N ILE E 184 -110.92 95.46 0.38
CA ILE E 184 -111.59 95.67 -0.90
C ILE E 184 -113.11 95.63 -0.67
N GLN E 185 -113.55 94.69 0.15
CA GLN E 185 -114.97 94.58 0.45
C GLN E 185 -115.52 95.85 1.11
N LYS E 186 -114.79 96.37 2.10
CA LYS E 186 -115.22 97.59 2.77
C LYS E 186 -115.45 98.69 1.76
N LEU E 187 -114.52 98.83 0.83
CA LEU E 187 -114.61 99.85 -0.20
C LEU E 187 -115.79 99.60 -1.13
N GLU E 188 -116.03 98.34 -1.46
CA GLU E 188 -117.16 97.99 -2.32
C GLU E 188 -118.44 98.51 -1.68
N ASN E 189 -118.65 98.15 -0.42
CA ASN E 189 -119.84 98.58 0.31
C ASN E 189 -119.92 100.10 0.33
N ALA E 190 -118.85 100.74 0.78
CA ALA E 190 -118.78 102.19 0.85
C ALA E 190 -119.31 102.84 -0.42
N ILE E 191 -118.77 102.44 -1.55
CA ILE E 191 -119.19 102.99 -2.84
C ILE E 191 -120.64 102.66 -3.12
N ALA E 192 -121.06 101.46 -2.70
CA ALA E 192 -122.44 101.04 -2.93
C ALA E 192 -123.40 101.86 -2.09
N THR E 193 -123.10 102.01 -0.81
CA THR E 193 -123.94 102.77 0.09
C THR E 193 -124.08 104.24 -0.36
N GLN E 194 -122.97 104.85 -0.77
CA GLN E 194 -123.00 106.24 -1.18
C GLN E 194 -123.79 106.39 -2.48
N THR E 195 -123.71 105.38 -3.34
CA THR E 195 -124.46 105.43 -4.59
C THR E 195 -125.93 105.44 -4.24
N ASP E 196 -126.27 104.71 -3.18
CA ASP E 196 -127.65 104.65 -2.71
C ASP E 196 -128.04 106.01 -2.16
N TYR E 197 -127.19 106.58 -1.31
CA TYR E 197 -127.43 107.90 -0.73
C TYR E 197 -127.50 108.98 -1.81
N CYS E 198 -126.96 108.69 -2.99
CA CYS E 198 -127.01 109.67 -4.06
C CYS E 198 -128.22 109.49 -4.95
N ARG E 199 -129.23 108.81 -4.41
CA ARG E 199 -130.47 108.61 -5.14
C ARG E 199 -131.15 109.98 -5.16
N SER E 200 -130.99 110.72 -4.07
CA SER E 200 -131.54 112.07 -3.92
C SER E 200 -130.41 113.08 -3.72
N PRO E 201 -130.59 114.31 -4.20
CA PRO E 201 -129.56 115.35 -4.07
C PRO E 201 -129.71 116.10 -2.75
N CYS E 202 -128.68 116.87 -2.38
CA CYS E 202 -128.75 117.66 -1.17
C CYS E 202 -129.48 118.93 -1.57
N VAL E 203 -130.09 119.61 -0.60
CA VAL E 203 -130.86 120.81 -0.91
C VAL E 203 -130.39 122.05 -0.18
N ALA E 204 -130.80 123.20 -0.69
CA ALA E 204 -130.46 124.48 -0.09
C ALA E 204 -131.59 125.48 -0.29
N SER E 205 -132.09 126.04 0.81
CA SER E 205 -133.15 127.03 0.71
C SER E 205 -132.51 128.34 1.10
N CYS E 206 -131.76 128.91 0.17
CA CYS E 206 -131.07 130.15 0.43
C CYS E 206 -131.83 131.35 -0.08
N ASN E 207 -132.73 131.86 0.75
CA ASN E 207 -133.50 133.01 0.38
C ASN E 207 -132.50 134.15 0.21
N ILE E 208 -132.69 134.96 -0.83
CA ILE E 208 -131.79 136.06 -1.12
C ILE E 208 -131.96 137.34 -0.31
N PRO E 209 -130.86 137.87 0.23
CA PRO E 209 -130.99 139.11 1.00
C PRO E 209 -131.42 140.22 0.03
N VAL E 210 -132.08 141.23 0.53
CA VAL E 210 -132.54 142.32 -0.32
C VAL E 210 -131.41 143.25 -0.75
N VAL E 211 -130.50 143.58 0.16
CA VAL E 211 -129.42 144.49 -0.17
C VAL E 211 -128.47 143.82 -1.17
N SER E 212 -128.05 144.58 -2.19
CA SER E 212 -127.15 144.05 -3.22
C SER E 212 -126.26 145.16 -3.80
N GLY E 213 -125.25 144.78 -4.57
CA GLY E 213 -124.35 145.76 -5.16
C GLY E 213 -123.28 145.18 -6.06
N ARG E 214 -122.27 145.97 -6.41
CA ARG E 214 -121.16 145.50 -7.26
C ARG E 214 -120.47 144.26 -6.69
N GLU E 215 -120.12 144.34 -5.42
CA GLU E 215 -119.49 143.22 -4.71
C GLU E 215 -119.69 143.41 -3.22
N CYS E 216 -119.18 142.47 -2.43
CA CYS E 216 -119.37 142.53 -1.00
C CYS E 216 -119.06 143.83 -0.29
N GLU E 217 -117.94 144.48 -0.64
CA GLU E 217 -117.59 145.73 0.02
C GLU E 217 -118.71 146.74 -0.16
N ASP E 218 -119.24 146.79 -1.39
CA ASP E 218 -120.32 147.70 -1.70
C ASP E 218 -121.54 147.37 -0.84
N ILE E 219 -121.86 146.08 -0.76
CA ILE E 219 -122.99 145.65 0.02
C ILE E 219 -122.81 146.03 1.48
N TYR E 220 -121.59 145.87 1.96
CA TYR E 220 -121.29 146.19 3.35
C TYR E 220 -121.52 147.67 3.62
N ARG E 221 -121.17 148.51 2.64
CA ARG E 221 -121.33 149.95 2.80
C ARG E 221 -122.82 150.29 2.73
N LYS E 222 -123.58 149.41 2.11
CA LYS E 222 -125.01 149.60 1.99
C LYS E 222 -125.80 149.05 3.17
N GLY E 223 -125.10 148.51 4.16
CA GLY E 223 -125.81 148.01 5.33
C GLY E 223 -125.76 146.53 5.62
N GLY E 224 -125.35 145.73 4.64
CA GLY E 224 -125.28 144.29 4.85
C GLY E 224 -124.19 143.98 5.85
N GLU E 225 -124.59 143.69 7.09
CA GLU E 225 -123.61 143.42 8.12
C GLU E 225 -123.45 141.98 8.56
N THR E 226 -124.34 141.09 8.13
CA THR E 226 -124.18 139.71 8.53
C THR E 226 -123.49 138.92 7.43
N SER E 227 -122.64 137.97 7.82
CA SER E 227 -121.96 137.13 6.86
C SER E 227 -122.96 136.09 6.38
N GLU E 228 -123.23 136.08 5.09
CA GLU E 228 -124.16 135.14 4.52
C GLU E 228 -124.11 135.23 3.00
N MET E 229 -124.96 134.48 2.33
CA MET E 229 -124.96 134.54 0.88
C MET E 229 -125.72 135.75 0.38
N TYR E 230 -125.16 136.43 -0.62
CA TYR E 230 -125.79 137.60 -1.24
C TYR E 230 -125.67 137.42 -2.74
N ILE E 231 -126.33 138.29 -3.50
CA ILE E 231 -126.19 138.26 -4.94
C ILE E 231 -125.56 139.61 -5.28
N ILE E 232 -124.60 139.60 -6.17
CA ILE E 232 -123.93 140.84 -6.56
C ILE E 232 -124.02 140.97 -8.08
N GLN E 233 -123.74 142.15 -8.57
CA GLN E 233 -123.76 142.40 -10.01
C GLN E 233 -122.59 143.32 -10.30
N PRO E 234 -121.37 142.75 -10.39
CA PRO E 234 -120.14 143.48 -10.65
C PRO E 234 -120.21 144.10 -12.03
N ASP E 235 -120.81 143.34 -12.95
CA ASP E 235 -120.95 143.78 -14.32
C ASP E 235 -122.39 144.18 -14.63
N PRO E 236 -122.59 145.45 -15.01
CA PRO E 236 -123.93 145.96 -15.34
C PRO E 236 -124.55 145.24 -16.53
N PHE E 237 -123.74 144.47 -17.26
CA PHE E 237 -124.22 143.74 -18.43
C PHE E 237 -124.29 142.23 -18.20
N THR E 238 -123.93 141.81 -16.99
CA THR E 238 -123.97 140.39 -16.65
C THR E 238 -125.09 140.15 -15.66
N THR E 239 -125.64 138.95 -15.70
CA THR E 239 -126.70 138.60 -14.77
C THR E 239 -126.10 138.58 -13.38
N PRO E 240 -126.85 139.04 -12.37
CA PRO E 240 -126.32 139.03 -11.01
C PRO E 240 -126.12 137.58 -10.59
N TYR E 241 -125.15 137.34 -9.72
CA TYR E 241 -124.89 135.96 -9.26
C TYR E 241 -124.66 135.82 -7.75
N ARG E 242 -124.87 134.62 -7.25
CA ARG E 242 -124.68 134.37 -5.84
C ARG E 242 -123.21 134.28 -5.45
N VAL E 243 -122.91 134.66 -4.22
CA VAL E 243 -121.57 134.61 -3.68
C VAL E 243 -121.68 134.86 -2.17
N TYR E 244 -120.78 134.25 -1.41
CA TYR E 244 -120.80 134.41 0.03
C TYR E 244 -119.96 135.62 0.42
N CYS E 245 -120.46 136.42 1.36
CA CYS E 245 -119.72 137.59 1.81
C CYS E 245 -119.32 137.47 3.27
N ASP E 246 -118.05 137.68 3.54
CA ASP E 246 -117.54 137.64 4.90
C ASP E 246 -117.62 139.09 5.33
N MET E 247 -118.46 139.38 6.33
CA MET E 247 -118.61 140.76 6.77
C MET E 247 -118.03 140.98 8.17
N GLU E 248 -117.27 140.01 8.66
CA GLU E 248 -116.69 140.11 9.99
C GLU E 248 -115.17 140.21 9.99
N THR E 249 -114.54 139.53 9.06
CA THR E 249 -113.09 139.56 8.96
C THR E 249 -112.57 140.88 8.40
N ASP E 250 -111.64 141.49 9.13
CA ASP E 250 -111.01 142.76 8.73
C ASP E 250 -111.96 143.82 8.16
N ASN E 251 -112.90 144.29 8.98
CA ASN E 251 -113.85 145.31 8.56
C ASN E 251 -114.82 144.89 7.46
N GLY E 252 -115.06 143.59 7.34
CA GLY E 252 -115.97 143.08 6.33
C GLY E 252 -115.72 143.53 4.90
N GLY E 253 -116.67 143.24 4.03
CA GLY E 253 -116.54 143.62 2.64
C GLY E 253 -115.81 142.58 1.80
N TRP E 254 -115.56 141.42 2.40
CA TRP E 254 -114.82 140.35 1.71
C TRP E 254 -115.66 139.39 0.88
N THR E 255 -115.36 139.35 -0.42
CA THR E 255 -116.03 138.49 -1.37
C THR E 255 -115.29 137.15 -1.53
N LEU E 256 -115.77 136.10 -0.85
CA LEU E 256 -115.18 134.77 -0.90
C LEU E 256 -115.17 134.25 -2.34
N ILE E 257 -114.01 133.80 -2.85
CA ILE E 257 -113.95 133.29 -4.22
C ILE E 257 -113.50 131.84 -4.29
N GLN E 258 -112.89 131.35 -3.22
CA GLN E 258 -112.43 129.98 -3.14
C GLN E 258 -112.56 129.57 -1.68
N ASN E 259 -113.02 128.35 -1.40
CA ASN E 259 -113.18 127.91 -0.03
C ASN E 259 -113.15 126.39 0.16
N ARG E 260 -112.38 125.95 1.16
CA ARG E 260 -112.23 124.54 1.50
C ARG E 260 -112.46 124.38 3.00
N GLN E 261 -113.11 123.29 3.41
CA GLN E 261 -113.38 123.11 4.83
C GLN E 261 -113.82 121.70 5.22
N ASP E 262 -114.17 120.87 4.24
CA ASP E 262 -114.62 119.51 4.57
C ASP E 262 -114.50 118.51 3.41
N GLY E 263 -113.96 118.96 2.29
CA GLY E 263 -113.81 118.06 1.16
C GLY E 263 -115.14 117.52 0.69
N SER E 264 -116.13 118.39 0.64
CA SER E 264 -117.46 117.99 0.21
C SER E 264 -117.61 118.19 -1.30
N VAL E 265 -116.67 118.91 -1.88
CA VAL E 265 -116.72 119.18 -3.31
C VAL E 265 -115.43 118.78 -4.02
N ASN E 266 -115.58 118.26 -5.24
CA ASN E 266 -114.46 117.83 -6.07
C ASN E 266 -113.80 119.02 -6.75
N PHE E 267 -112.48 119.15 -6.60
CA PHE E 267 -111.74 120.25 -7.22
C PHE E 267 -110.87 119.85 -8.42
N GLY E 268 -110.87 118.58 -8.76
CA GLY E 268 -110.08 118.13 -9.90
C GLY E 268 -110.98 118.17 -11.11
N ARG E 269 -111.32 119.38 -11.57
CA ARG E 269 -112.23 119.53 -12.70
C ARG E 269 -111.62 120.19 -13.93
N ALA E 270 -112.25 119.94 -15.08
CA ALA E 270 -111.80 120.48 -16.35
C ALA E 270 -111.72 122.00 -16.41
N TRP E 271 -111.26 122.49 -17.55
CA TRP E 271 -111.09 123.91 -17.79
C TRP E 271 -112.41 124.67 -17.74
N ASP E 272 -113.43 124.14 -18.41
CA ASP E 272 -114.74 124.79 -18.44
C ASP E 272 -115.36 124.92 -17.06
N GLU E 273 -115.17 123.92 -16.21
CA GLU E 273 -115.70 123.97 -14.86
C GLU E 273 -115.06 125.14 -14.12
N TYR E 274 -113.73 125.14 -14.09
CA TYR E 274 -112.98 126.18 -13.41
C TYR E 274 -113.23 127.56 -14.00
N LYS E 275 -113.74 127.57 -15.23
CA LYS E 275 -114.03 128.83 -15.94
C LYS E 275 -115.33 129.45 -15.44
N ARG E 276 -116.38 128.62 -15.39
CA ARG E 276 -117.72 129.03 -14.97
C ARG E 276 -117.95 128.99 -13.45
N GLY E 277 -117.18 128.18 -12.74
CA GLY E 277 -117.36 128.08 -11.30
C GLY E 277 -118.05 126.78 -10.92
N PHE E 278 -117.84 126.33 -9.70
CA PHE E 278 -118.45 125.09 -9.25
C PHE E 278 -118.44 124.99 -7.73
N GLY E 279 -119.22 124.06 -7.20
CA GLY E 279 -119.26 123.90 -5.77
C GLY E 279 -120.53 124.47 -5.18
N ASN E 280 -120.60 124.52 -3.86
CA ASN E 280 -121.77 125.05 -3.19
C ASN E 280 -121.44 126.36 -2.53
N ILE E 281 -122.03 127.42 -3.03
CA ILE E 281 -121.79 128.72 -2.45
C ILE E 281 -122.16 128.80 -0.97
N ALA E 282 -123.36 128.37 -0.61
CA ALA E 282 -123.75 128.42 0.79
C ALA E 282 -124.67 127.32 1.26
N LYS E 283 -124.81 127.22 2.58
CA LYS E 283 -125.67 126.24 3.24
C LYS E 283 -126.22 126.89 4.51
N SER E 284 -127.14 126.20 5.18
CA SER E 284 -127.70 126.78 6.38
C SER E 284 -127.41 126.03 7.65
N GLY E 285 -126.95 126.75 8.66
CA GLY E 285 -126.64 126.14 9.94
C GLY E 285 -127.92 125.89 10.72
N GLY E 286 -128.97 126.63 10.39
CA GLY E 286 -130.23 126.48 11.08
C GLY E 286 -131.15 127.63 10.77
N LYS E 287 -130.57 128.82 10.58
CA LYS E 287 -131.34 130.01 10.27
C LYS E 287 -132.21 129.77 9.03
N LYS E 288 -133.06 130.75 8.72
CA LYS E 288 -133.95 130.66 7.57
C LYS E 288 -133.19 131.07 6.32
N TYR E 289 -131.95 131.50 6.51
CA TYR E 289 -131.09 131.92 5.40
C TYR E 289 -129.75 131.19 5.50
N CYS E 290 -129.02 131.08 4.39
CA CYS E 290 -127.74 130.39 4.38
C CYS E 290 -126.60 131.27 4.91
N ASP E 291 -126.28 131.09 6.18
CA ASP E 291 -125.25 131.89 6.85
C ASP E 291 -123.85 131.27 6.87
N THR E 292 -123.71 130.11 6.25
CA THR E 292 -122.43 129.42 6.22
C THR E 292 -122.05 129.16 4.78
N PRO E 293 -120.77 129.32 4.45
CA PRO E 293 -120.38 129.06 3.06
C PRO E 293 -120.15 127.58 2.88
N GLY E 294 -120.12 127.15 1.63
CA GLY E 294 -119.84 125.76 1.33
C GLY E 294 -118.50 125.76 0.63
N GLU E 295 -118.09 124.64 0.06
CA GLU E 295 -116.82 124.64 -0.64
C GLU E 295 -117.09 125.03 -2.08
N TYR E 296 -116.29 125.95 -2.61
CA TYR E 296 -116.50 126.34 -3.99
C TYR E 296 -115.38 127.16 -4.62
N TRP E 297 -115.49 127.28 -5.94
CA TRP E 297 -114.58 128.06 -6.75
C TRP E 297 -115.52 128.95 -7.57
N LEU E 298 -115.48 130.25 -7.30
CA LEU E 298 -116.35 131.21 -7.97
C LEU E 298 -116.44 131.16 -9.49
N GLY E 299 -115.31 130.92 -10.16
CA GLY E 299 -115.31 130.86 -11.61
C GLY E 299 -114.28 131.85 -12.09
N ASN E 300 -113.42 131.43 -13.02
CA ASN E 300 -112.36 132.29 -13.51
C ASN E 300 -112.82 133.57 -14.19
N ASP E 301 -113.83 133.47 -15.07
CA ASP E 301 -114.32 134.68 -15.72
C ASP E 301 -114.87 135.67 -14.69
N LYS E 302 -115.54 135.15 -13.65
CA LYS E 302 -116.10 136.02 -12.61
C LYS E 302 -115.02 136.63 -11.74
N ILE E 303 -114.04 135.82 -11.33
CA ILE E 303 -112.97 136.33 -10.49
C ILE E 303 -112.14 137.36 -11.26
N SER E 304 -111.98 137.15 -12.56
CA SER E 304 -111.22 138.08 -13.38
C SER E 304 -111.94 139.41 -13.36
N GLN E 305 -113.15 139.42 -13.92
CA GLN E 305 -113.98 140.60 -14.00
C GLN E 305 -114.04 141.36 -12.66
N LEU E 306 -114.03 140.64 -11.54
CA LEU E 306 -114.07 141.31 -10.25
C LEU E 306 -112.79 142.11 -10.02
N THR E 307 -111.64 141.49 -10.24
CA THR E 307 -110.37 142.17 -10.05
C THR E 307 -110.20 143.35 -11.02
N LYS E 308 -110.90 143.29 -12.16
CA LYS E 308 -110.82 144.34 -13.17
C LYS E 308 -111.67 145.58 -12.86
N ILE E 309 -112.48 145.52 -11.81
CA ILE E 309 -113.32 146.66 -11.42
C ILE E 309 -112.40 147.79 -10.99
N GLY E 310 -111.45 147.44 -10.13
CA GLY E 310 -110.49 148.40 -9.63
C GLY E 310 -109.45 147.69 -8.80
N PRO E 311 -108.50 148.42 -8.19
CA PRO E 311 -107.48 147.79 -7.37
C PRO E 311 -108.13 146.82 -6.39
N THR E 312 -107.76 145.55 -6.51
CA THR E 312 -108.31 144.50 -5.68
C THR E 312 -107.20 143.79 -4.90
N LYS E 313 -107.46 143.48 -3.64
CA LYS E 313 -106.48 142.76 -2.83
C LYS E 313 -107.09 141.40 -2.53
N VAL E 314 -106.26 140.40 -2.21
CA VAL E 314 -106.78 139.08 -1.91
C VAL E 314 -106.22 138.55 -0.60
N LEU E 315 -107.10 138.03 0.24
CA LEU E 315 -106.70 137.50 1.55
C LEU E 315 -106.88 135.99 1.58
N ILE E 316 -105.76 135.28 1.65
CA ILE E 316 -105.76 133.82 1.69
C ILE E 316 -105.57 133.34 3.12
N GLU E 317 -106.55 132.64 3.66
CA GLU E 317 -106.45 132.14 5.03
C GLU E 317 -106.51 130.63 5.01
N MET E 318 -105.93 130.00 6.02
CA MET E 318 -105.91 128.54 6.12
C MET E 318 -105.78 128.12 7.57
N GLU E 319 -106.10 126.87 7.85
CA GLU E 319 -106.04 126.35 9.21
C GLU E 319 -105.59 124.89 9.14
N ASP E 320 -104.85 124.45 10.15
CA ASP E 320 -104.40 123.06 10.17
C ASP E 320 -105.42 122.23 10.92
N TRP E 321 -105.11 120.97 11.15
CA TRP E 321 -106.03 120.10 11.86
C TRP E 321 -105.88 120.15 13.36
N ASN E 322 -105.01 121.03 13.84
CA ASN E 322 -104.78 121.17 15.26
C ASN E 322 -105.53 122.40 15.76
N GLY E 323 -105.86 123.29 14.85
CA GLY E 323 -106.59 124.50 15.22
C GLY E 323 -105.83 125.79 14.99
N ASP E 324 -104.61 125.70 14.46
CA ASP E 324 -103.82 126.90 14.20
C ASP E 324 -104.13 127.54 12.86
N LYS E 325 -104.04 128.86 12.82
CA LYS E 325 -104.33 129.59 11.60
C LYS E 325 -103.22 130.55 11.21
N VAL E 326 -103.16 130.82 9.91
CA VAL E 326 -102.19 131.75 9.34
C VAL E 326 -102.89 132.34 8.12
N SER E 327 -102.30 133.38 7.54
CA SER E 327 -102.92 134.01 6.38
C SER E 327 -101.88 134.68 5.50
N ALA E 328 -102.31 135.12 4.33
CA ALA E 328 -101.41 135.79 3.40
C ALA E 328 -102.21 136.84 2.66
N LEU E 329 -101.80 138.10 2.81
CA LEU E 329 -102.48 139.20 2.16
C LEU E 329 -101.65 139.69 0.99
N TYR E 330 -102.28 139.80 -0.17
CA TYR E 330 -101.59 140.27 -1.37
C TYR E 330 -102.24 141.54 -1.89
N GLY E 331 -101.77 142.66 -1.35
CA GLY E 331 -102.29 143.97 -1.72
C GLY E 331 -102.59 144.17 -3.19
N GLY E 332 -101.87 143.46 -4.05
CA GLY E 332 -102.11 143.60 -5.48
C GLY E 332 -102.60 142.26 -5.96
N PHE E 333 -103.76 142.25 -6.58
CA PHE E 333 -104.32 140.99 -7.06
C PHE E 333 -105.07 141.22 -8.36
N THR E 334 -104.68 140.48 -9.39
CA THR E 334 -105.31 140.61 -10.69
C THR E 334 -105.31 139.27 -11.37
N ILE E 335 -106.26 139.08 -12.26
CA ILE E 335 -106.38 137.85 -13.01
C ILE E 335 -106.92 138.25 -14.35
N HIS E 336 -106.05 138.19 -15.36
CA HIS E 336 -106.45 138.57 -16.70
C HIS E 336 -107.51 137.63 -17.25
N ASN E 337 -108.11 138.01 -18.38
CA ASN E 337 -109.17 137.21 -18.99
C ASN E 337 -108.72 135.87 -19.53
N GLU E 338 -109.67 135.16 -20.14
CA GLU E 338 -109.39 133.84 -20.69
C GLU E 338 -108.36 133.92 -21.81
N GLY E 339 -108.48 134.93 -22.66
CA GLY E 339 -107.52 135.10 -23.75
C GLY E 339 -106.10 135.20 -23.22
N ASN E 340 -105.95 135.56 -21.95
CA ASN E 340 -104.64 135.67 -21.34
C ASN E 340 -104.40 134.56 -20.34
N LYS E 341 -105.04 133.42 -20.60
CA LYS E 341 -104.90 132.24 -19.76
C LYS E 341 -105.07 132.55 -18.27
N TYR E 342 -105.98 133.47 -17.95
CA TYR E 342 -106.25 133.86 -16.56
C TYR E 342 -104.97 134.13 -15.78
N GLN E 343 -104.00 134.75 -16.44
CA GLN E 343 -102.72 135.03 -15.81
C GLN E 343 -102.86 135.68 -14.43
N LEU E 344 -102.21 135.07 -13.44
CA LEU E 344 -102.24 135.58 -12.08
C LEU E 344 -101.23 136.70 -11.95
N SER E 345 -101.42 137.53 -10.92
CA SER E 345 -100.52 138.65 -10.68
C SER E 345 -100.77 139.16 -9.27
N VAL E 346 -99.72 139.26 -8.47
CA VAL E 346 -99.88 139.77 -7.11
C VAL E 346 -98.72 140.67 -6.74
N SER E 347 -98.74 141.14 -5.50
CA SER E 347 -97.70 142.02 -5.00
C SER E 347 -98.02 142.40 -3.55
N ASN E 348 -97.20 143.29 -2.98
CA ASN E 348 -97.41 143.76 -1.63
C ASN E 348 -97.85 142.70 -0.63
N TYR E 349 -97.15 141.57 -0.60
CA TYR E 349 -97.48 140.49 0.32
C TYR E 349 -97.39 140.99 1.77
N LYS E 350 -98.05 140.28 2.67
CA LYS E 350 -98.03 140.58 4.09
C LYS E 350 -98.82 139.52 4.84
N GLY E 351 -98.17 138.87 5.80
CA GLY E 351 -98.84 137.82 6.55
C GLY E 351 -97.84 136.88 7.19
N ASN E 352 -98.33 135.90 7.93
CA ASN E 352 -97.47 134.94 8.63
C ASN E 352 -97.53 133.52 8.05
N ALA E 353 -98.03 133.38 6.84
CA ALA E 353 -98.14 132.06 6.22
C ALA E 353 -96.98 131.82 5.26
N GLY E 354 -96.28 132.89 4.93
CA GLY E 354 -95.15 132.77 4.03
C GLY E 354 -95.52 133.04 2.58
N ASN E 355 -94.97 134.12 2.04
CA ASN E 355 -95.25 134.51 0.67
C ASN E 355 -94.87 133.41 -0.31
N ALA E 356 -95.79 132.47 -0.53
CA ALA E 356 -95.52 131.36 -1.44
C ALA E 356 -95.91 131.68 -2.89
N LEU E 357 -96.73 132.71 -3.10
CA LEU E 357 -97.16 133.03 -4.45
C LEU E 357 -96.13 133.83 -5.23
N MET E 358 -95.32 134.59 -4.50
CA MET E 358 -94.29 135.42 -5.14
C MET E 358 -92.86 134.91 -5.00
N GLU E 359 -92.52 134.35 -3.84
CA GLU E 359 -91.17 133.87 -3.56
C GLU E 359 -90.92 132.36 -3.62
N GLY E 360 -91.93 131.58 -4.01
CA GLY E 360 -91.75 130.14 -4.07
C GLY E 360 -91.55 129.50 -2.71
N ALA E 361 -91.31 128.20 -2.69
CA ALA E 361 -91.12 127.48 -1.42
C ALA E 361 -89.91 127.94 -0.61
N SER E 362 -90.10 128.07 0.69
CA SER E 362 -89.02 128.51 1.58
C SER E 362 -87.99 127.42 1.87
N GLN E 363 -88.35 126.16 1.70
CA GLN E 363 -87.43 125.07 1.96
C GLN E 363 -86.64 124.66 0.72
N LEU E 364 -86.92 125.29 -0.42
CA LEU E 364 -86.18 124.98 -1.64
C LEU E 364 -85.19 126.10 -1.89
N TYR E 365 -84.22 125.87 -2.76
CA TYR E 365 -83.25 126.92 -3.05
C TYR E 365 -82.96 127.13 -4.53
N GLY E 366 -82.55 128.34 -4.86
CA GLY E 366 -82.25 128.68 -6.23
C GLY E 366 -83.27 128.16 -7.23
N GLU E 367 -82.78 127.63 -8.33
CA GLU E 367 -83.61 127.09 -9.40
C GLU E 367 -84.87 126.36 -8.92
N ASN E 368 -84.74 125.60 -7.83
CA ASN E 368 -85.89 124.88 -7.29
C ASN E 368 -86.97 125.84 -6.84
N ARG E 369 -86.62 126.66 -5.84
CA ARG E 369 -87.55 127.65 -5.32
C ARG E 369 -88.16 128.50 -6.44
N THR E 370 -87.32 128.96 -7.35
CA THR E 370 -87.78 129.79 -8.45
C THR E 370 -88.86 129.13 -9.31
N MET E 371 -88.87 127.80 -9.38
CA MET E 371 -89.87 127.12 -10.20
C MET E 371 -91.18 126.87 -9.43
N THR E 372 -91.22 127.27 -8.17
CA THR E 372 -92.41 127.12 -7.36
C THR E 372 -92.90 128.52 -7.04
N ILE E 373 -92.88 129.40 -8.03
CA ILE E 373 -93.36 130.77 -7.87
C ILE E 373 -94.55 130.95 -8.79
N HIS E 374 -95.67 131.35 -8.21
CA HIS E 374 -96.91 131.51 -8.96
C HIS E 374 -97.10 132.84 -9.64
N ASN E 375 -96.69 133.92 -8.98
CA ASN E 375 -96.88 135.23 -9.60
C ASN E 375 -96.44 135.20 -11.05
N GLY E 376 -97.29 135.66 -11.94
CA GLY E 376 -96.97 135.66 -13.36
C GLY E 376 -97.39 134.42 -14.12
N MET E 377 -97.64 133.34 -13.40
CA MET E 377 -98.04 132.08 -14.05
C MET E 377 -99.40 132.10 -14.71
N TYR E 378 -99.59 131.20 -15.68
CA TYR E 378 -100.87 131.08 -16.37
C TYR E 378 -101.71 130.06 -15.61
N PHE E 379 -102.97 129.90 -15.98
CA PHE E 379 -103.83 128.96 -15.31
C PHE E 379 -103.94 127.66 -16.12
N SER E 380 -103.90 126.53 -15.43
CA SER E 380 -104.00 125.25 -16.13
C SER E 380 -104.82 124.20 -15.37
N THR E 381 -105.53 123.39 -16.14
CA THR E 381 -106.34 122.30 -15.61
C THR E 381 -105.82 120.99 -16.21
N TYR E 382 -106.25 119.86 -15.66
CA TYR E 382 -105.80 118.58 -16.16
C TYR E 382 -106.04 118.39 -17.66
N ASP E 383 -106.85 119.26 -18.27
CA ASP E 383 -107.11 119.15 -19.70
C ASP E 383 -106.68 120.39 -20.46
N ARG E 384 -105.85 121.20 -19.80
CA ARG E 384 -105.34 122.43 -20.41
C ARG E 384 -103.97 122.72 -19.80
N ASP E 385 -102.91 122.49 -20.57
CA ASP E 385 -101.57 122.72 -20.08
C ASP E 385 -101.03 124.12 -20.35
N ASN E 386 -100.75 124.87 -19.29
CA ASN E 386 -100.21 126.22 -19.39
C ASN E 386 -99.22 126.45 -18.25
N ASP E 387 -98.74 125.35 -17.67
CA ASP E 387 -97.78 125.44 -16.57
C ASP E 387 -96.38 125.76 -17.09
N GLY E 388 -95.45 125.97 -16.16
CA GLY E 388 -94.08 126.28 -16.52
C GLY E 388 -93.21 125.03 -16.65
N TRP E 389 -93.85 123.89 -16.85
CA TRP E 389 -93.12 122.63 -17.00
C TRP E 389 -93.11 122.25 -18.47
N LEU E 390 -92.04 122.61 -19.16
CA LEU E 390 -91.90 122.32 -20.58
C LEU E 390 -91.52 120.86 -20.81
N THR E 391 -92.52 120.05 -21.14
CA THR E 391 -92.32 118.62 -21.40
C THR E 391 -93.14 118.20 -22.61
N THR E 392 -92.88 116.99 -23.11
CA THR E 392 -93.60 116.46 -24.25
C THR E 392 -94.42 115.28 -23.74
N ASP E 393 -94.02 114.79 -22.57
CA ASP E 393 -94.71 113.67 -21.92
C ASP E 393 -96.06 114.18 -21.41
N PRO E 394 -97.15 113.78 -22.07
CA PRO E 394 -98.51 114.20 -21.69
C PRO E 394 -98.85 113.97 -20.21
N ARG E 395 -98.14 113.05 -19.58
CA ARG E 395 -98.36 112.72 -18.18
C ARG E 395 -97.71 113.69 -17.20
N LYS E 396 -96.67 114.37 -17.66
CA LYS E 396 -95.94 115.32 -16.80
C LYS E 396 -96.42 116.77 -16.88
N GLN E 397 -97.59 117.02 -16.32
CA GLN E 397 -98.17 118.35 -16.29
C GLN E 397 -98.53 118.55 -14.82
N CYS E 398 -98.33 119.76 -14.29
CA CYS E 398 -98.64 119.99 -12.88
C CYS E 398 -100.10 119.74 -12.51
N SER E 399 -101.03 120.13 -13.38
CA SER E 399 -102.45 119.96 -13.11
C SER E 399 -102.83 118.49 -12.98
N LYS E 400 -102.33 117.66 -13.88
CA LYS E 400 -102.64 116.24 -13.83
C LYS E 400 -102.04 115.58 -12.60
N GLU E 401 -100.88 116.06 -12.17
CA GLU E 401 -100.22 115.46 -11.01
C GLU E 401 -100.66 116.03 -9.68
N ASP E 402 -100.91 117.34 -9.62
CA ASP E 402 -101.31 117.93 -8.35
C ASP E 402 -102.82 118.10 -8.12
N GLY E 403 -103.61 117.40 -8.94
CA GLY E 403 -105.07 117.38 -8.84
C GLY E 403 -105.97 118.60 -8.72
N GLY E 404 -105.63 119.68 -9.40
CA GLY E 404 -106.46 120.85 -9.31
C GLY E 404 -106.20 121.86 -10.39
N GLY E 405 -107.06 122.87 -10.46
CA GLY E 405 -106.90 123.93 -11.43
C GLY E 405 -106.13 124.98 -10.65
N TRP E 406 -105.05 125.48 -11.22
CA TRP E 406 -104.25 126.45 -10.49
C TRP E 406 -103.23 127.14 -11.39
N TRP E 407 -102.58 128.15 -10.84
CA TRP E 407 -101.56 128.90 -11.55
C TRP E 407 -100.26 128.14 -11.30
N TYR E 408 -100.18 126.98 -11.95
CA TYR E 408 -99.02 126.11 -11.82
C TYR E 408 -97.84 126.60 -12.64
N ASN E 409 -96.67 126.58 -12.02
CA ASN E 409 -95.42 126.99 -12.65
C ASN E 409 -94.70 125.69 -12.94
N ARG E 410 -93.55 125.48 -12.29
CA ARG E 410 -92.84 124.21 -12.45
C ARG E 410 -93.48 123.50 -11.28
N CYS E 411 -94.80 123.69 -11.25
CA CYS E 411 -95.75 123.18 -10.29
C CYS E 411 -96.07 124.11 -9.14
N HIS E 412 -95.55 123.88 -7.93
CA HIS E 412 -95.97 124.79 -6.88
C HIS E 412 -95.30 124.81 -5.52
N ALA E 413 -95.72 125.82 -4.77
CA ALA E 413 -95.28 126.03 -3.40
C ALA E 413 -96.59 126.07 -2.62
N ALA E 414 -97.67 126.41 -3.33
CA ALA E 414 -99.02 126.50 -2.76
C ALA E 414 -100.01 125.83 -3.70
N ASN E 415 -100.84 124.93 -3.13
CA ASN E 415 -101.82 124.19 -3.91
C ASN E 415 -103.22 124.22 -3.24
N PRO E 416 -103.81 125.43 -3.12
CA PRO E 416 -105.13 125.63 -2.49
C PRO E 416 -106.26 124.77 -3.04
N ASN E 417 -106.25 124.54 -4.35
CA ASN E 417 -107.28 123.72 -4.97
C ASN E 417 -106.86 122.25 -5.05
N GLY E 418 -106.07 121.82 -4.08
CA GLY E 418 -105.58 120.45 -4.06
C GLY E 418 -106.62 119.35 -3.86
N ARG E 419 -106.26 118.40 -3.00
CA ARG E 419 -107.13 117.28 -2.68
C ARG E 419 -107.28 117.27 -1.18
N TYR E 420 -108.52 117.20 -0.74
CA TYR E 420 -108.82 117.22 0.67
C TYR E 420 -108.46 115.93 1.40
N TYR E 421 -107.21 115.83 1.86
CA TYR E 421 -106.79 114.65 2.61
C TYR E 421 -107.31 114.86 4.01
N TRP E 422 -107.88 113.82 4.60
CA TRP E 422 -108.40 113.93 5.95
C TRP E 422 -107.28 113.76 6.95
N GLY E 423 -107.31 114.54 8.03
CA GLY E 423 -106.28 114.43 9.05
C GLY E 423 -105.13 115.40 8.91
N GLY E 424 -104.83 115.79 7.67
CA GLY E 424 -103.74 116.73 7.44
C GLY E 424 -102.46 116.09 6.95
N THR E 425 -101.99 115.08 7.66
CA THR E 425 -100.77 114.39 7.29
C THR E 425 -100.99 113.35 6.20
N TYR E 426 -100.14 113.38 5.19
CA TYR E 426 -100.24 112.39 4.13
C TYR E 426 -98.85 112.16 3.54
N SER E 427 -98.68 111.04 2.84
CA SER E 427 -97.39 110.69 2.26
C SER E 427 -97.47 110.38 0.77
N TRP E 428 -96.33 110.46 0.10
CA TRP E 428 -96.23 110.23 -1.34
C TRP E 428 -96.86 108.91 -1.80
N ASP E 429 -96.84 107.91 -0.92
CA ASP E 429 -97.40 106.60 -1.26
C ASP E 429 -98.92 106.58 -1.13
N MET E 430 -99.51 107.75 -0.88
CA MET E 430 -100.96 107.89 -0.77
C MET E 430 -101.46 108.66 -1.97
N ALA E 431 -100.58 109.49 -2.55
CA ALA E 431 -100.92 110.31 -3.71
C ALA E 431 -101.12 109.57 -5.02
N LYS E 432 -102.12 109.98 -5.79
CA LYS E 432 -102.41 109.36 -7.08
C LYS E 432 -101.16 109.21 -7.91
N HIS E 433 -100.39 110.29 -8.02
CA HIS E 433 -99.15 110.29 -8.79
C HIS E 433 -97.92 110.53 -7.91
N GLY E 434 -98.01 110.11 -6.65
CA GLY E 434 -96.90 110.25 -5.74
C GLY E 434 -96.36 111.65 -5.51
N THR E 435 -97.04 112.67 -6.03
CA THR E 435 -96.59 114.05 -5.80
C THR E 435 -97.34 114.64 -4.60
N ASP E 436 -97.02 115.87 -4.24
CA ASP E 436 -97.69 116.52 -3.11
C ASP E 436 -98.92 117.27 -3.66
N ASP E 437 -99.99 116.51 -3.91
CA ASP E 437 -101.21 117.07 -4.48
C ASP E 437 -102.29 117.49 -3.49
N GLY E 438 -101.96 117.55 -2.20
CA GLY E 438 -102.94 117.95 -1.22
C GLY E 438 -103.15 119.46 -1.20
N ILE E 439 -103.87 119.94 -0.20
CA ILE E 439 -104.12 121.37 -0.06
C ILE E 439 -102.90 121.86 0.69
N VAL E 440 -101.91 122.26 -0.08
CA VAL E 440 -100.62 122.67 0.46
C VAL E 440 -100.17 124.12 0.37
N TRP E 441 -99.56 124.57 1.45
CA TRP E 441 -98.96 125.88 1.54
C TRP E 441 -97.59 125.55 2.13
N MET E 442 -96.68 125.16 1.24
CA MET E 442 -95.34 124.75 1.61
C MET E 442 -94.66 125.62 2.64
N ASN E 443 -94.56 126.92 2.36
CA ASN E 443 -93.91 127.87 3.26
C ASN E 443 -94.42 127.83 4.70
N TRP E 444 -95.35 126.95 5.02
CA TRP E 444 -95.86 126.88 6.37
C TRP E 444 -95.85 125.50 6.98
N LYS E 445 -96.30 124.48 6.23
CA LYS E 445 -96.35 123.12 6.77
C LYS E 445 -95.61 122.08 5.94
N GLY E 446 -94.97 122.51 4.86
CA GLY E 446 -94.25 121.57 4.02
C GLY E 446 -95.15 121.05 2.92
N SER E 447 -94.70 120.01 2.22
CA SER E 447 -95.48 119.44 1.13
C SER E 447 -96.41 118.31 1.55
N TRP E 448 -96.13 117.70 2.70
CA TRP E 448 -96.94 116.58 3.14
C TRP E 448 -97.93 116.84 4.25
N TYR E 449 -98.64 117.95 4.11
CA TYR E 449 -99.68 118.33 5.07
C TYR E 449 -100.76 119.07 4.31
N SER E 450 -101.98 118.56 4.36
CA SER E 450 -103.11 119.17 3.67
C SER E 450 -103.93 119.94 4.69
N MET E 451 -104.15 121.22 4.43
CA MET E 451 -104.91 122.08 5.34
C MET E 451 -106.34 121.61 5.63
N LYS E 452 -106.85 121.94 6.81
CA LYS E 452 -108.21 121.56 7.17
C LYS E 452 -109.18 122.59 6.58
N LYS E 453 -108.74 123.85 6.56
CA LYS E 453 -109.51 124.95 5.98
C LYS E 453 -108.58 125.78 5.12
N MET E 454 -109.10 126.29 4.01
CA MET E 454 -108.32 127.11 3.08
C MET E 454 -109.30 127.97 2.30
N SER E 455 -109.05 129.29 2.26
CA SER E 455 -109.96 130.18 1.56
C SER E 455 -109.27 131.38 0.93
N MET E 456 -109.96 131.98 -0.02
CA MET E 456 -109.48 133.14 -0.72
C MET E 456 -110.58 134.20 -0.85
N LYS E 457 -110.37 135.32 -0.18
CA LYS E 457 -111.33 136.43 -0.19
C LYS E 457 -110.72 137.65 -0.87
N ILE E 458 -111.53 138.40 -1.61
CA ILE E 458 -111.03 139.58 -2.27
C ILE E 458 -111.86 140.79 -1.83
N LYS E 459 -111.26 141.96 -1.91
CA LYS E 459 -111.91 143.20 -1.50
C LYS E 459 -111.28 144.37 -2.24
N PRO E 460 -112.08 145.41 -2.55
CA PRO E 460 -111.47 146.54 -3.27
C PRO E 460 -110.46 147.24 -2.37
N TYR E 461 -109.34 147.60 -2.97
CA TYR E 461 -108.25 148.27 -2.27
C TYR E 461 -108.38 149.75 -2.63
N PHE E 462 -108.92 150.54 -1.71
CA PHE E 462 -109.08 151.97 -1.98
C PHE E 462 -107.94 152.82 -1.43
N PRO E 463 -107.05 153.31 -2.32
CA PRO E 463 -105.88 154.14 -2.00
C PRO E 463 -106.09 155.17 -0.88
N ARG F 5 -11.56 -12.65 -15.28
CA ARG F 5 -11.85 -11.39 -16.03
C ARG F 5 -10.60 -10.57 -16.26
N GLU F 6 -9.47 -11.08 -15.77
CA GLU F 6 -8.17 -10.42 -15.91
C GLU F 6 -7.32 -11.20 -16.91
N ASN F 7 -7.47 -12.52 -16.88
CA ASN F 7 -6.73 -13.42 -17.76
C ASN F 7 -7.33 -13.48 -19.17
N CYS F 8 -8.38 -12.70 -19.40
CA CYS F 8 -9.03 -12.69 -20.70
C CYS F 8 -8.17 -11.95 -21.73
N CYS F 9 -7.24 -11.13 -21.22
CA CYS F 9 -6.36 -10.35 -22.08
C CYS F 9 -4.93 -10.86 -22.02
N ILE F 10 -4.46 -11.44 -23.12
CA ILE F 10 -3.10 -11.96 -23.20
C ILE F 10 -2.49 -11.69 -24.57
N LEU F 11 -1.57 -10.72 -24.61
CA LEU F 11 -0.90 -10.36 -25.85
C LEU F 11 0.50 -11.00 -25.91
N ASP F 12 0.98 -11.45 -24.75
CA ASP F 12 2.28 -12.11 -24.65
C ASP F 12 2.22 -13.18 -23.57
N GLU F 13 1.94 -14.41 -23.99
CA GLU F 13 1.82 -15.55 -23.10
C GLU F 13 2.93 -15.65 -22.05
N ARG F 14 3.99 -14.89 -22.25
CA ARG F 14 5.12 -14.92 -21.33
C ARG F 14 4.99 -13.88 -20.20
N PHE F 15 4.35 -12.75 -20.50
CA PHE F 15 4.18 -11.69 -19.53
C PHE F 15 2.82 -11.64 -18.84
N GLY F 16 1.90 -12.50 -19.28
CA GLY F 16 0.58 -12.54 -18.66
C GLY F 16 -0.47 -11.60 -19.24
N SER F 17 -1.36 -11.13 -18.38
CA SER F 17 -2.45 -10.23 -18.77
C SER F 17 -2.00 -8.79 -19.00
N TYR F 18 -2.77 -8.07 -19.82
CA TYR F 18 -2.48 -6.67 -20.14
C TYR F 18 -3.54 -5.71 -19.58
N CYS F 19 -3.07 -4.69 -18.87
CA CYS F 19 -3.95 -3.70 -18.28
C CYS F 19 -3.45 -2.29 -18.61
N PRO F 20 -4.37 -1.34 -18.80
CA PRO F 20 -3.96 0.03 -19.12
C PRO F 20 -2.99 0.55 -18.06
N THR F 21 -2.06 1.39 -18.49
CA THR F 21 -1.08 1.96 -17.58
C THR F 21 -1.75 2.97 -16.66
N THR F 22 -1.17 3.21 -15.48
CA THR F 22 -1.75 4.17 -14.55
C THR F 22 -1.71 5.60 -15.07
N CYS F 23 -1.41 5.74 -16.37
CA CYS F 23 -1.41 7.06 -16.98
C CYS F 23 -2.70 7.09 -17.79
N GLY F 24 -3.04 5.94 -18.38
CA GLY F 24 -4.25 5.83 -19.14
C GLY F 24 -5.43 5.82 -18.19
N ILE F 25 -5.11 5.59 -16.92
CA ILE F 25 -6.10 5.57 -15.85
C ILE F 25 -6.22 7.01 -15.35
N ALA F 26 -5.08 7.70 -15.32
CA ALA F 26 -5.05 9.09 -14.86
C ALA F 26 -5.59 10.03 -15.93
N ASP F 27 -5.40 9.67 -17.20
CA ASP F 27 -5.88 10.49 -18.31
C ASP F 27 -7.38 10.35 -18.50
N PHE F 28 -7.94 9.24 -18.05
CA PHE F 28 -9.37 9.00 -18.16
C PHE F 28 -10.07 9.54 -16.92
N PHE F 29 -9.27 9.84 -15.90
CA PHE F 29 -9.79 10.38 -14.65
C PHE F 29 -9.85 11.89 -14.81
N ASN F 30 -9.76 12.34 -16.05
CA ASN F 30 -9.83 13.76 -16.39
C ASN F 30 -10.94 13.96 -17.39
N LYS F 31 -11.25 12.90 -18.14
CA LYS F 31 -12.33 12.93 -19.10
C LYS F 31 -13.54 12.57 -18.24
N TYR F 32 -13.32 12.62 -16.92
CA TYR F 32 -14.33 12.28 -15.93
C TYR F 32 -14.34 13.31 -14.79
N ARG F 33 -13.26 13.35 -14.01
CA ARG F 33 -13.17 14.26 -12.87
C ARG F 33 -13.46 15.72 -13.22
N LEU F 34 -13.56 16.02 -14.51
CA LEU F 34 -13.86 17.38 -14.94
C LEU F 34 -15.12 17.40 -15.80
N THR F 35 -15.35 16.35 -16.57
CA THR F 35 -16.53 16.25 -17.43
C THR F 35 -17.78 16.16 -16.57
N THR F 36 -17.78 15.22 -15.64
CA THR F 36 -18.91 15.03 -14.74
C THR F 36 -18.63 15.78 -13.44
N ASP F 37 -17.93 16.90 -13.56
CA ASP F 37 -17.61 17.73 -12.41
C ASP F 37 -18.39 19.03 -12.60
N GLY F 38 -18.90 19.20 -13.82
CA GLY F 38 -19.69 20.37 -14.15
C GLY F 38 -21.12 20.15 -13.71
N GLU F 39 -21.66 18.98 -14.05
CA GLU F 39 -23.03 18.63 -13.66
C GLU F 39 -22.97 18.26 -12.19
N LEU F 40 -22.39 19.17 -11.41
CA LEU F 40 -22.24 19.00 -9.97
C LEU F 40 -22.16 20.40 -9.41
N LEU F 41 -21.85 21.34 -10.30
CA LEU F 41 -21.75 22.74 -9.95
C LEU F 41 -22.87 23.49 -10.67
N GLU F 42 -23.27 22.99 -11.83
CA GLU F 42 -24.34 23.61 -12.62
C GLU F 42 -25.69 23.12 -12.08
N ILE F 43 -25.73 21.89 -11.60
CA ILE F 43 -26.96 21.34 -11.04
C ILE F 43 -27.04 21.89 -9.62
N GLU F 44 -25.88 22.05 -9.01
CA GLU F 44 -25.79 22.59 -7.65
C GLU F 44 -26.20 24.06 -7.68
N GLY F 45 -26.27 24.60 -8.89
CA GLY F 45 -26.66 25.99 -9.08
C GLY F 45 -28.16 26.14 -9.28
N LEU F 46 -28.74 25.30 -10.14
CA LEU F 46 -30.19 25.34 -10.38
C LEU F 46 -30.92 25.07 -9.08
N LEU F 47 -30.30 24.29 -8.21
CA LEU F 47 -30.88 23.98 -6.91
C LEU F 47 -31.06 25.33 -6.22
N GLN F 48 -30.12 26.23 -6.46
CA GLN F 48 -30.16 27.57 -5.88
C GLN F 48 -31.18 28.45 -6.61
N GLN F 49 -31.25 28.29 -7.92
CA GLN F 49 -32.19 29.06 -8.74
C GLN F 49 -33.62 28.65 -8.39
N ALA F 50 -33.78 27.43 -7.91
CA ALA F 50 -35.08 26.92 -7.52
C ALA F 50 -35.36 27.26 -6.06
N THR F 51 -34.36 27.10 -5.21
CA THR F 51 -34.54 27.41 -3.79
C THR F 51 -34.47 28.91 -3.57
N ASN F 52 -34.20 29.65 -4.64
CA ASN F 52 -34.11 31.11 -4.57
C ASN F 52 -35.50 31.67 -4.83
N SER F 53 -36.22 31.07 -5.78
CA SER F 53 -37.56 31.50 -6.13
C SER F 53 -38.59 30.82 -5.22
N THR F 54 -38.12 29.91 -4.38
CA THR F 54 -38.97 29.20 -3.44
C THR F 54 -39.06 29.96 -2.11
N GLY F 55 -37.91 30.20 -1.49
CA GLY F 55 -37.91 30.93 -0.24
C GLY F 55 -38.45 32.33 -0.44
N SER F 56 -38.60 32.72 -1.69
CA SER F 56 -39.12 34.04 -2.05
C SER F 56 -40.65 34.01 -1.99
N ILE F 57 -41.24 33.01 -2.65
CA ILE F 57 -42.69 32.83 -2.66
C ILE F 57 -43.24 32.76 -1.24
N GLU F 58 -42.49 32.13 -0.34
CA GLU F 58 -42.92 31.99 1.05
C GLU F 58 -42.88 33.32 1.81
N TYR F 59 -42.54 34.39 1.10
CA TYR F 59 -42.52 35.73 1.68
C TYR F 59 -43.56 36.59 0.98
N LEU F 60 -44.02 36.11 -0.18
CA LEU F 60 -45.07 36.79 -0.93
C LEU F 60 -46.35 36.22 -0.36
N ILE F 61 -46.23 35.60 0.81
CA ILE F 61 -47.36 35.01 1.52
C ILE F 61 -47.43 35.64 2.89
N GLN F 62 -46.28 36.10 3.38
CA GLN F 62 -46.22 36.78 4.67
C GLN F 62 -46.65 38.22 4.44
N HIS F 63 -46.73 38.56 3.16
CA HIS F 63 -47.14 39.90 2.72
C HIS F 63 -48.64 39.80 2.38
N ILE F 64 -49.02 38.72 1.72
CA ILE F 64 -50.42 38.51 1.37
C ILE F 64 -51.26 38.37 2.63
N LYS F 65 -50.76 37.62 3.60
CA LYS F 65 -51.48 37.42 4.86
C LYS F 65 -51.49 38.70 5.70
N THR F 66 -51.04 39.80 5.11
CA THR F 66 -51.02 41.09 5.81
C THR F 66 -52.20 41.94 5.34
N ILE F 67 -52.37 42.04 4.03
CA ILE F 67 -53.45 42.81 3.43
C ILE F 67 -54.82 42.49 4.06
N TYR F 68 -55.40 41.36 3.66
CA TYR F 68 -56.70 40.95 4.18
C TYR F 68 -56.57 39.64 4.96
N PRO F 69 -56.34 39.74 6.27
CA PRO F 69 -56.21 38.55 7.12
C PRO F 69 -57.46 37.66 7.04
N SER F 70 -58.00 37.34 8.21
CA SER F 70 -59.21 36.52 8.32
C SER F 70 -59.79 36.80 9.71
N GLU F 71 -60.02 38.07 9.98
CA GLU F 71 -60.56 38.50 11.27
C GLU F 71 -61.39 39.80 11.17
N LYS F 72 -61.66 40.25 9.94
CA LYS F 72 -62.41 41.48 9.70
C LYS F 72 -61.79 42.66 10.47
N GLN F 73 -61.10 43.53 9.74
CA GLN F 73 -60.45 44.68 10.37
C GLN F 73 -61.42 45.86 10.58
N THR F 74 -62.44 45.59 11.41
CA THR F 74 -63.50 46.53 11.79
C THR F 74 -63.76 47.79 10.95
N LEU F 75 -65.01 47.90 10.50
CA LEU F 75 -65.51 49.03 9.72
C LEU F 75 -66.98 48.78 9.36
N PRO F 76 -67.87 48.84 10.39
CA PRO F 76 -69.32 48.62 10.23
C PRO F 76 -70.02 49.62 9.29
N GLN F 77 -69.31 50.69 8.93
CA GLN F 77 -69.84 51.71 8.04
C GLN F 77 -69.80 51.22 6.59
N SER F 78 -69.90 49.91 6.41
CA SER F 78 -69.86 49.29 5.10
C SER F 78 -70.73 50.01 4.06
N ILE F 79 -70.49 49.67 2.79
CA ILE F 79 -71.24 50.25 1.70
C ILE F 79 -72.72 49.90 1.81
N GLU F 80 -73.04 48.94 2.67
CA GLU F 80 -74.44 48.54 2.86
C GLU F 80 -75.14 49.41 3.90
N GLN F 81 -74.36 50.02 4.78
CA GLN F 81 -74.93 50.89 5.81
C GLN F 81 -75.49 52.12 5.11
N LEU F 82 -74.76 52.59 4.09
CA LEU F 82 -75.18 53.76 3.32
C LEU F 82 -76.25 53.36 2.31
N THR F 83 -76.26 52.09 1.93
CA THR F 83 -77.24 51.57 0.99
C THR F 83 -78.59 51.39 1.69
N GLN F 84 -78.57 51.48 3.02
CA GLN F 84 -79.78 51.35 3.83
C GLN F 84 -80.51 52.68 3.91
N LYS F 85 -79.89 53.66 4.56
CA LYS F 85 -80.49 54.98 4.68
C LYS F 85 -80.80 55.55 3.30
N SER F 86 -80.20 54.96 2.28
CA SER F 86 -80.41 55.40 0.91
C SER F 86 -81.78 54.91 0.39
N LYS F 87 -82.20 53.74 0.87
CA LYS F 87 -83.50 53.20 0.46
C LYS F 87 -84.55 53.88 1.35
N LYS F 88 -84.16 54.13 2.59
CA LYS F 88 -85.01 54.77 3.58
C LYS F 88 -85.27 56.22 3.20
N ILE F 89 -84.34 56.81 2.46
CA ILE F 89 -84.48 58.18 2.00
C ILE F 89 -85.32 58.17 0.72
N ILE F 90 -85.47 56.98 0.13
CA ILE F 90 -86.28 56.85 -1.08
C ILE F 90 -87.71 56.73 -0.59
N GLU F 91 -87.85 56.36 0.68
CA GLU F 91 -89.14 56.21 1.32
C GLU F 91 -89.73 57.60 1.54
N GLU F 92 -89.06 58.39 2.36
CA GLU F 92 -89.49 59.74 2.66
C GLU F 92 -89.97 60.48 1.42
N ILE F 93 -89.14 60.47 0.38
CA ILE F 93 -89.48 61.14 -0.86
C ILE F 93 -90.82 60.67 -1.44
N ILE F 94 -91.04 59.36 -1.46
CA ILE F 94 -92.29 58.82 -1.96
C ILE F 94 -93.45 59.37 -1.13
N ARG F 95 -93.14 59.70 0.13
CA ARG F 95 -94.12 60.24 1.05
C ARG F 95 -94.30 61.75 0.83
N TYR F 96 -93.18 62.44 0.63
CA TYR F 96 -93.21 63.88 0.37
C TYR F 96 -93.93 64.14 -0.95
N GLU F 97 -94.03 63.11 -1.77
CA GLU F 97 -94.68 63.20 -3.08
C GLU F 97 -96.16 63.52 -2.99
N ASN F 98 -96.61 63.84 -1.78
CA ASN F 98 -98.01 64.20 -1.56
C ASN F 98 -98.07 65.52 -0.81
N THR F 99 -96.98 65.86 -0.15
CA THR F 99 -96.91 67.14 0.56
C THR F 99 -96.72 68.20 -0.52
N ILE F 100 -96.09 67.78 -1.61
CA ILE F 100 -95.84 68.65 -2.75
C ILE F 100 -97.19 69.14 -3.26
N LEU F 101 -98.09 68.19 -3.49
CA LEU F 101 -99.44 68.48 -3.97
C LEU F 101 -100.21 69.41 -3.05
N ALA F 102 -100.09 69.19 -1.74
CA ALA F 102 -100.77 70.04 -0.77
C ALA F 102 -100.35 71.47 -1.08
N HIS F 103 -99.04 71.69 -1.13
CA HIS F 103 -98.52 73.01 -1.42
C HIS F 103 -98.91 73.43 -2.82
N GLU F 104 -98.79 72.51 -3.77
CA GLU F 104 -99.14 72.78 -5.17
C GLU F 104 -100.51 73.42 -5.25
N ASN F 105 -101.51 72.75 -4.69
CA ASN F 105 -102.88 73.25 -4.71
C ASN F 105 -103.04 74.53 -3.90
N THR F 106 -102.43 74.59 -2.72
CA THR F 106 -102.53 75.79 -1.92
C THR F 106 -102.05 76.98 -2.75
N ILE F 107 -100.94 76.79 -3.45
CA ILE F 107 -100.39 77.86 -4.26
C ILE F 107 -101.38 78.34 -5.31
N GLN F 108 -101.94 77.43 -6.10
CA GLN F 108 -102.90 77.85 -7.11
C GLN F 108 -104.07 78.58 -6.45
N GLN F 109 -104.52 78.04 -5.32
CA GLN F 109 -105.62 78.61 -4.57
C GLN F 109 -105.38 80.07 -4.22
N LEU F 110 -104.25 80.35 -3.60
CA LEU F 110 -103.91 81.71 -3.23
C LEU F 110 -103.77 82.58 -4.48
N THR F 111 -103.35 81.95 -5.57
CA THR F 111 -103.17 82.66 -6.83
C THR F 111 -104.50 83.10 -7.41
N ASP F 112 -105.48 82.20 -7.38
CA ASP F 112 -106.79 82.53 -7.91
C ASP F 112 -107.44 83.61 -7.05
N MET F 113 -107.22 83.54 -5.74
CA MET F 113 -107.81 84.52 -4.83
C MET F 113 -107.19 85.88 -5.13
N HIS F 114 -105.87 85.88 -5.28
CA HIS F 114 -105.15 87.10 -5.60
C HIS F 114 -105.65 87.65 -6.94
N ILE F 115 -105.86 86.77 -7.91
CA ILE F 115 -106.35 87.23 -9.19
C ILE F 115 -107.74 87.84 -9.03
N MET F 116 -108.58 87.21 -8.21
CA MET F 116 -109.91 87.73 -7.97
C MET F 116 -109.76 89.15 -7.40
N ASN F 117 -108.94 89.31 -6.37
CA ASN F 117 -108.71 90.62 -5.78
C ASN F 117 -108.38 91.62 -6.86
N SER F 118 -107.60 91.19 -7.83
CA SER F 118 -107.20 92.06 -8.92
C SER F 118 -108.40 92.52 -9.74
N ASN F 119 -109.27 91.60 -10.13
CA ASN F 119 -110.43 91.98 -10.90
C ASN F 119 -111.36 92.83 -10.04
N LYS F 120 -111.30 92.64 -8.72
CA LYS F 120 -112.15 93.42 -7.82
C LYS F 120 -111.63 94.85 -7.90
N ILE F 121 -110.31 95.00 -7.79
CA ILE F 121 -109.69 96.32 -7.84
C ILE F 121 -109.93 97.02 -9.18
N THR F 122 -110.11 96.26 -10.24
CA THR F 122 -110.37 96.87 -11.53
C THR F 122 -111.82 97.37 -11.50
N GLN F 123 -112.66 96.63 -10.80
CA GLN F 123 -114.07 97.00 -10.67
C GLN F 123 -114.20 98.25 -9.80
N LEU F 124 -113.49 98.27 -8.68
CA LEU F 124 -113.54 99.43 -7.80
C LEU F 124 -113.31 100.71 -8.59
N LYS F 125 -112.20 100.74 -9.33
CA LYS F 125 -111.83 101.90 -10.13
C LYS F 125 -112.94 102.30 -11.10
N GLN F 126 -113.73 101.32 -11.52
CA GLN F 126 -114.83 101.56 -12.43
C GLN F 126 -116.01 102.09 -11.62
N LYS F 127 -116.21 101.50 -10.44
CA LYS F 127 -117.30 101.89 -9.55
C LYS F 127 -117.13 103.33 -9.07
N ILE F 128 -115.98 103.61 -8.46
CA ILE F 128 -115.71 104.95 -7.95
C ILE F 128 -115.88 106.01 -9.02
N ALA F 129 -115.48 105.70 -10.25
CA ALA F 129 -115.59 106.66 -11.36
C ALA F 129 -117.06 106.93 -11.65
N GLN F 130 -117.84 105.86 -11.72
CA GLN F 130 -119.27 105.97 -11.98
C GLN F 130 -119.90 106.85 -10.89
N LEU F 131 -119.48 106.66 -9.65
CA LEU F 131 -120.00 107.42 -8.53
C LEU F 131 -119.64 108.89 -8.70
N GLU F 132 -118.38 109.15 -8.96
CA GLU F 132 -117.91 110.51 -9.12
C GLU F 132 -118.69 111.26 -10.19
N SER F 133 -119.14 110.55 -11.23
CA SER F 133 -119.89 111.19 -12.31
C SER F 133 -121.23 111.71 -11.82
N HIS F 134 -121.72 111.16 -10.71
CA HIS F 134 -122.99 111.61 -10.14
C HIS F 134 -122.83 112.59 -8.98
N CYS F 135 -121.59 112.95 -8.65
CA CYS F 135 -121.35 113.89 -7.56
C CYS F 135 -120.63 115.13 -8.04
N GLN F 136 -121.09 115.72 -9.13
CA GLN F 136 -120.46 116.92 -9.65
C GLN F 136 -121.32 118.17 -9.45
N GLU F 137 -122.63 118.00 -9.39
CA GLU F 137 -123.55 119.11 -9.22
C GLU F 137 -123.66 119.62 -7.78
N PRO F 138 -124.05 120.89 -7.60
CA PRO F 138 -124.20 121.45 -6.25
C PRO F 138 -125.58 121.14 -5.66
N CYS F 139 -125.74 121.28 -4.34
CA CYS F 139 -127.03 121.04 -3.71
C CYS F 139 -128.03 121.84 -4.52
N LYS F 140 -129.24 121.33 -4.66
CA LYS F 140 -130.27 122.03 -5.41
C LYS F 140 -130.83 123.15 -4.54
N ASP F 141 -130.71 124.39 -5.01
CA ASP F 141 -131.20 125.55 -4.26
C ASP F 141 -132.65 125.86 -4.62
N THR F 142 -133.52 125.84 -3.62
CA THR F 142 -134.94 126.12 -3.83
C THR F 142 -135.21 127.57 -4.22
N ALA F 143 -134.37 128.48 -3.74
CA ALA F 143 -134.55 129.91 -4.04
C ALA F 143 -134.31 130.24 -5.51
N GLU F 144 -135.18 129.73 -6.38
CA GLU F 144 -135.01 129.97 -7.81
C GLU F 144 -135.57 131.31 -8.28
N ILE F 145 -134.85 131.95 -9.20
CA ILE F 145 -135.25 133.24 -9.75
C ILE F 145 -135.81 133.09 -11.16
N GLN F 146 -136.97 133.69 -11.41
CA GLN F 146 -137.61 133.64 -12.72
C GLN F 146 -136.81 134.46 -13.71
N GLU F 147 -136.92 134.12 -15.00
CA GLU F 147 -136.17 134.81 -16.06
C GLU F 147 -136.80 136.03 -16.73
N THR F 148 -138.12 136.15 -16.69
CA THR F 148 -138.76 137.31 -17.31
C THR F 148 -138.31 138.58 -16.58
N THR F 149 -138.29 139.70 -17.30
CA THR F 149 -137.88 140.98 -16.73
C THR F 149 -138.75 142.10 -17.26
N GLY F 150 -138.75 143.21 -16.54
CA GLY F 150 -139.56 144.35 -16.95
C GLY F 150 -139.32 145.55 -16.09
N ARG F 151 -140.13 146.57 -16.28
CA ARG F 151 -140.00 147.81 -15.52
C ARG F 151 -140.66 147.67 -14.15
N ASP F 152 -141.49 146.64 -14.00
CA ASP F 152 -142.16 146.32 -12.74
C ASP F 152 -142.90 144.99 -12.91
N CYS F 153 -143.49 144.50 -11.84
CA CYS F 153 -144.18 143.22 -11.92
C CYS F 153 -145.38 143.14 -12.87
N GLN F 154 -146.02 144.27 -13.13
CA GLN F 154 -147.18 144.29 -14.02
C GLN F 154 -146.69 144.20 -15.46
N ASP F 155 -145.51 144.76 -15.71
CA ASP F 155 -144.90 144.74 -17.02
C ASP F 155 -144.52 143.31 -17.28
N ILE F 156 -143.98 142.66 -16.24
CA ILE F 156 -143.56 141.28 -16.33
C ILE F 156 -144.75 140.36 -16.60
N ALA F 157 -145.87 140.64 -15.94
CA ALA F 157 -147.05 139.82 -16.12
C ALA F 157 -147.59 140.01 -17.51
N ASN F 158 -147.48 141.23 -18.01
CA ASN F 158 -147.98 141.57 -19.34
C ASN F 158 -147.27 140.87 -20.48
N LYS F 159 -146.17 140.22 -20.18
CA LYS F 159 -145.49 139.53 -21.24
C LYS F 159 -145.50 138.03 -20.98
N GLY F 160 -146.56 137.56 -20.36
CA GLY F 160 -146.71 136.12 -20.12
C GLY F 160 -146.46 135.51 -18.74
N ALA F 161 -145.60 136.11 -17.93
CA ALA F 161 -145.31 135.55 -16.62
C ALA F 161 -146.58 135.34 -15.78
N ARG F 162 -146.68 134.18 -15.14
CA ARG F 162 -147.84 133.88 -14.30
C ARG F 162 -147.48 133.31 -12.93
N LYS F 163 -146.26 132.83 -12.78
CA LYS F 163 -145.86 132.25 -11.51
C LYS F 163 -145.45 133.39 -10.59
N SER F 164 -145.84 133.29 -9.33
CA SER F 164 -145.48 134.30 -8.34
C SER F 164 -144.11 133.92 -7.81
N GLY F 165 -143.23 134.91 -7.66
CA GLY F 165 -141.90 134.61 -7.17
C GLY F 165 -140.91 135.73 -7.40
N LEU F 166 -139.63 135.38 -7.38
CA LEU F 166 -138.57 136.36 -7.55
C LEU F 166 -138.25 136.69 -9.00
N TYR F 167 -138.16 138.00 -9.29
CA TYR F 167 -137.85 138.49 -10.63
C TYR F 167 -136.92 139.70 -10.52
N PHE F 168 -136.31 140.05 -11.65
CA PHE F 168 -135.44 141.23 -11.70
C PHE F 168 -136.21 142.24 -12.52
N ILE F 169 -136.35 143.45 -11.98
CA ILE F 169 -137.02 144.53 -12.69
C ILE F 169 -136.06 145.68 -12.79
N LYS F 170 -136.34 146.60 -13.69
CA LYS F 170 -135.48 147.75 -13.86
C LYS F 170 -136.36 148.91 -14.30
N PRO F 171 -136.83 149.71 -13.34
CA PRO F 171 -137.67 150.87 -13.62
C PRO F 171 -136.99 151.79 -14.64
N GLN F 172 -137.78 152.49 -15.43
CA GLN F 172 -137.22 153.36 -16.45
C GLN F 172 -135.93 154.11 -16.09
N LYS F 173 -136.01 155.26 -15.44
CA LYS F 173 -134.76 155.99 -15.13
C LYS F 173 -133.77 155.23 -14.25
N ALA F 174 -134.08 153.99 -13.87
CA ALA F 174 -133.17 153.23 -13.02
C ALA F 174 -131.89 152.86 -13.76
N LYS F 175 -130.75 152.99 -13.08
CA LYS F 175 -129.47 152.69 -13.69
C LYS F 175 -129.10 151.21 -13.53
N GLN F 176 -129.55 150.63 -12.42
CA GLN F 176 -129.26 149.23 -12.14
C GLN F 176 -130.58 148.49 -11.94
N SER F 177 -130.59 147.18 -12.16
CA SER F 177 -131.81 146.43 -11.96
C SER F 177 -131.71 145.75 -10.59
N PHE F 178 -132.84 145.33 -10.02
CA PHE F 178 -132.81 144.69 -8.71
C PHE F 178 -133.89 143.61 -8.58
N LEU F 179 -133.74 142.79 -7.56
CA LEU F 179 -134.65 141.68 -7.27
C LEU F 179 -135.86 142.11 -6.45
N VAL F 180 -137.02 141.53 -6.75
CA VAL F 180 -138.26 141.83 -6.04
C VAL F 180 -139.13 140.60 -6.06
N TYR F 181 -140.18 140.62 -5.25
CA TYR F 181 -141.13 139.51 -5.23
C TYR F 181 -142.35 139.98 -5.99
N CYS F 182 -142.76 139.22 -6.99
CA CYS F 182 -143.94 139.56 -7.78
C CYS F 182 -145.06 138.61 -7.43
N GLU F 183 -146.23 139.18 -7.19
CA GLU F 183 -147.41 138.39 -6.89
C GLU F 183 -148.23 138.56 -8.16
N ILE F 184 -148.48 137.45 -8.84
CA ILE F 184 -149.26 137.51 -10.07
C ILE F 184 -150.51 136.64 -9.92
N ASP F 185 -151.67 137.17 -10.27
CA ASP F 185 -152.90 136.38 -10.16
C ASP F 185 -153.29 135.78 -11.51
N THR F 186 -154.25 134.87 -11.48
CA THR F 186 -154.70 134.20 -12.69
C THR F 186 -155.19 135.16 -13.76
N TYR F 187 -155.53 136.40 -13.38
CA TYR F 187 -156.03 137.38 -14.33
C TYR F 187 -154.95 138.25 -14.97
N GLY F 188 -153.69 138.06 -14.57
CA GLY F 188 -152.62 138.84 -15.17
C GLY F 188 -152.19 140.08 -14.40
N ASN F 189 -152.75 140.28 -13.23
CA ASN F 189 -152.38 141.42 -12.40
C ASN F 189 -151.07 141.07 -11.70
N GLY F 190 -150.09 141.96 -11.77
CA GLY F 190 -148.83 141.72 -11.13
C GLY F 190 -148.48 142.78 -10.10
N TRP F 191 -148.56 142.42 -8.82
CA TRP F 191 -148.19 143.39 -7.80
C TRP F 191 -146.72 143.23 -7.47
N THR F 192 -146.00 144.33 -7.33
CA THR F 192 -144.60 144.21 -6.95
C THR F 192 -144.61 144.54 -5.46
N VAL F 193 -144.17 143.58 -4.65
CA VAL F 193 -144.16 143.72 -3.21
C VAL F 193 -143.05 144.56 -2.60
N LEU F 194 -143.46 145.55 -1.81
CA LEU F 194 -142.54 146.46 -1.15
C LEU F 194 -142.18 146.09 0.28
N GLN F 195 -143.15 145.55 1.01
CA GLN F 195 -142.91 145.23 2.40
C GLN F 195 -143.66 144.00 2.84
N ARG F 196 -143.05 143.25 3.74
CA ARG F 196 -143.67 142.03 4.20
C ARG F 196 -143.35 141.70 5.66
N ARG F 197 -144.35 141.19 6.37
CA ARG F 197 -144.19 140.84 7.77
C ARG F 197 -145.03 139.61 8.01
N LEU F 198 -144.52 138.66 8.78
CA LEU F 198 -145.27 137.45 9.00
C LEU F 198 -144.77 136.52 10.11
N ASP F 199 -143.68 136.89 10.77
CA ASP F 199 -143.20 136.02 11.85
C ASP F 199 -142.20 136.63 12.82
N GLY F 200 -141.91 137.93 12.67
CA GLY F 200 -140.98 138.58 13.56
C GLY F 200 -139.53 138.09 13.46
N SER F 201 -139.22 137.38 12.39
CA SER F 201 -137.87 136.85 12.16
C SER F 201 -136.84 137.93 11.83
N GLU F 202 -137.25 138.97 11.13
CA GLU F 202 -136.32 140.03 10.76
C GLU F 202 -136.36 141.20 11.78
N ASP F 203 -135.33 142.04 11.76
CA ASP F 203 -135.25 143.16 12.68
C ASP F 203 -135.48 144.45 11.92
N PHE F 204 -136.56 145.15 12.23
CA PHE F 204 -136.85 146.38 11.52
C PHE F 204 -136.31 147.66 12.14
N ARG F 205 -135.51 147.55 13.18
CA ARG F 205 -134.93 148.74 13.79
C ARG F 205 -133.64 148.99 13.00
N ARG F 206 -133.77 149.61 11.84
CA ARG F 206 -132.62 149.84 10.99
C ARG F 206 -132.31 151.30 10.77
N ASN F 207 -131.18 151.56 10.14
CA ASN F 207 -130.74 152.93 9.89
C ASN F 207 -131.14 153.46 8.51
N TRP F 208 -130.76 154.70 8.26
CA TRP F 208 -131.08 155.36 7.01
C TRP F 208 -130.66 154.57 5.80
N VAL F 209 -129.37 154.26 5.74
CA VAL F 209 -128.83 153.52 4.61
C VAL F 209 -129.55 152.19 4.40
N GLN F 210 -129.79 151.46 5.47
CA GLN F 210 -130.46 150.19 5.34
C GLN F 210 -131.89 150.34 4.83
N TYR F 211 -132.60 151.37 5.29
CA TYR F 211 -133.96 151.59 4.81
C TYR F 211 -133.96 152.13 3.40
N LYS F 212 -132.84 152.70 3.00
CA LYS F 212 -132.68 153.24 1.67
C LYS F 212 -132.39 152.12 0.65
N GLU F 213 -131.54 151.19 1.05
CA GLU F 213 -131.13 150.09 0.20
C GLU F 213 -132.00 148.85 0.33
N GLY F 214 -132.56 148.61 1.50
CA GLY F 214 -133.40 147.44 1.71
C GLY F 214 -132.76 146.40 2.63
N PHE F 215 -133.58 145.62 3.32
CA PHE F 215 -133.06 144.57 4.19
C PHE F 215 -134.08 143.46 4.28
N GLY F 216 -133.73 142.37 4.95
CA GLY F 216 -134.61 141.23 5.02
C GLY F 216 -134.33 140.29 3.84
N HIS F 217 -135.12 139.25 3.69
CA HIS F 217 -134.91 138.31 2.60
C HIS F 217 -136.09 138.13 1.66
N LEU F 218 -135.79 137.85 0.39
CA LEU F 218 -136.79 137.59 -0.62
C LEU F 218 -136.85 136.08 -0.79
N SER F 219 -138.06 135.53 -0.87
CA SER F 219 -138.20 134.09 -1.04
C SER F 219 -139.20 133.81 -2.16
N PRO F 220 -139.06 132.67 -2.84
CA PRO F 220 -139.94 132.29 -3.94
C PRO F 220 -141.36 131.93 -3.46
N ASP F 221 -141.45 131.35 -2.28
CA ASP F 221 -142.72 130.93 -1.71
C ASP F 221 -143.32 131.96 -0.73
N ASP F 222 -142.81 133.19 -0.74
CA ASP F 222 -143.30 134.24 0.14
C ASP F 222 -143.45 133.84 1.61
N THR F 223 -142.38 133.35 2.21
CA THR F 223 -142.40 132.94 3.61
C THR F 223 -141.38 133.75 4.38
N THR F 224 -141.09 134.95 3.92
CA THR F 224 -140.06 135.73 4.58
C THR F 224 -140.37 137.23 4.67
N GLU F 225 -139.74 137.92 5.63
CA GLU F 225 -139.97 139.35 5.82
C GLU F 225 -138.91 140.21 5.17
N PHE F 226 -139.29 141.42 4.78
CA PHE F 226 -138.34 142.33 4.16
C PHE F 226 -138.86 143.74 3.93
N TRP F 227 -137.93 144.64 3.62
CA TRP F 227 -138.22 146.03 3.29
C TRP F 227 -137.47 146.25 1.98
N LEU F 228 -138.21 146.41 0.90
CA LEU F 228 -137.58 146.54 -0.40
C LEU F 228 -136.49 147.59 -0.47
N GLY F 229 -136.77 148.78 0.01
CA GLY F 229 -135.77 149.85 -0.02
C GLY F 229 -136.37 151.13 -0.56
N ASN F 230 -136.21 152.21 0.17
CA ASN F 230 -136.76 153.48 -0.26
C ASN F 230 -136.31 153.90 -1.65
N GLU F 231 -135.04 153.70 -1.97
CA GLU F 231 -134.55 154.08 -3.30
C GLU F 231 -135.26 153.28 -4.38
N LYS F 232 -135.39 151.97 -4.17
CA LYS F 232 -136.09 151.16 -5.17
C LYS F 232 -137.55 151.60 -5.28
N ILE F 233 -138.23 151.75 -4.16
CA ILE F 233 -139.64 152.14 -4.16
C ILE F 233 -139.83 153.46 -4.91
N HIS F 234 -138.92 154.40 -4.68
CA HIS F 234 -138.99 155.68 -5.37
C HIS F 234 -138.77 155.48 -6.89
N LEU F 235 -137.80 154.65 -7.26
CA LEU F 235 -137.54 154.42 -8.67
C LEU F 235 -138.74 153.85 -9.39
N ILE F 236 -139.37 152.84 -8.80
CA ILE F 236 -140.54 152.23 -9.40
C ILE F 236 -141.73 153.21 -9.54
N THR F 237 -142.10 153.85 -8.44
CA THR F 237 -143.25 154.75 -8.44
C THR F 237 -143.10 156.09 -9.16
N THR F 238 -141.88 156.48 -9.52
CA THR F 238 -141.70 157.74 -10.22
C THR F 238 -141.04 157.56 -11.59
N GLN F 239 -140.99 156.33 -12.08
CA GLN F 239 -140.36 156.06 -13.36
C GLN F 239 -141.07 156.73 -14.54
N SER F 240 -142.37 156.94 -14.41
CA SER F 240 -143.13 157.60 -15.47
C SER F 240 -144.24 158.42 -14.82
N THR F 241 -145.07 159.05 -15.65
CA THR F 241 -146.16 159.86 -15.16
C THR F 241 -147.35 158.96 -14.81
N LEU F 242 -147.15 157.65 -14.98
CA LEU F 242 -148.20 156.69 -14.70
C LEU F 242 -148.37 156.48 -13.19
N PRO F 243 -149.61 156.53 -12.70
CA PRO F 243 -149.91 156.36 -11.27
C PRO F 243 -149.96 154.92 -10.79
N TYR F 244 -149.47 154.70 -9.57
CA TYR F 244 -149.50 153.37 -8.99
C TYR F 244 -150.53 153.38 -7.86
N ALA F 245 -151.09 152.22 -7.57
CA ALA F 245 -152.03 152.11 -6.47
C ALA F 245 -151.30 151.24 -5.47
N LEU F 246 -151.45 151.56 -4.19
CA LEU F 246 -150.82 150.81 -3.14
C LEU F 246 -151.89 150.00 -2.42
N ARG F 247 -151.59 148.74 -2.14
CA ARG F 247 -152.52 147.92 -1.39
C ARG F 247 -151.83 147.49 -0.11
N ILE F 248 -152.40 147.91 1.03
CA ILE F 248 -151.86 147.49 2.31
C ILE F 248 -152.78 146.35 2.72
N GLU F 249 -152.19 145.23 3.13
CA GLU F 249 -152.96 144.05 3.50
C GLU F 249 -152.55 143.55 4.89
N LEU F 250 -153.54 143.45 5.78
CA LEU F 250 -153.29 143.03 7.14
C LEU F 250 -153.99 141.72 7.51
N GLU F 251 -153.46 141.07 8.54
CA GLU F 251 -154.04 139.85 9.08
C GLU F 251 -153.77 139.88 10.58
N ASP F 252 -154.82 139.70 11.41
CA ASP F 252 -154.61 139.71 12.84
C ASP F 252 -154.35 138.29 13.32
N TRP F 253 -154.29 138.10 14.63
CA TRP F 253 -154.01 136.78 15.16
C TRP F 253 -155.23 135.88 15.33
N SER F 254 -156.33 136.21 14.68
CA SER F 254 -157.51 135.36 14.80
C SER F 254 -158.04 135.03 13.40
N GLY F 255 -157.13 135.11 12.43
CA GLY F 255 -157.48 134.78 11.05
C GLY F 255 -158.20 135.84 10.25
N LYS F 256 -158.50 136.97 10.87
CA LYS F 256 -159.21 138.03 10.18
C LYS F 256 -158.30 138.89 9.30
N LYS F 257 -158.83 139.35 8.17
CA LYS F 257 -158.05 140.15 7.24
C LYS F 257 -158.70 141.47 6.85
N GLY F 258 -157.86 142.45 6.53
CA GLY F 258 -158.34 143.76 6.15
C GLY F 258 -157.35 144.36 5.18
N THR F 259 -157.81 145.28 4.35
CA THR F 259 -156.94 145.90 3.38
C THR F 259 -157.25 147.38 3.33
N ALA F 260 -156.33 148.14 2.76
CA ALA F 260 -156.48 149.58 2.63
C ALA F 260 -155.80 149.93 1.31
N ASP F 261 -156.53 150.61 0.43
CA ASP F 261 -155.96 150.99 -0.85
C ASP F 261 -155.78 152.49 -1.00
N TYR F 262 -154.68 152.88 -1.62
CA TYR F 262 -154.36 154.28 -1.82
C TYR F 262 -154.00 154.52 -3.28
N ALA F 263 -154.47 155.64 -3.81
CA ALA F 263 -154.24 155.99 -5.20
C ALA F 263 -153.07 156.94 -5.41
N VAL F 264 -152.33 156.71 -6.49
CA VAL F 264 -151.18 157.54 -6.84
C VAL F 264 -150.15 157.54 -5.71
N PHE F 265 -149.76 156.34 -5.30
CA PHE F 265 -148.76 156.21 -4.26
C PHE F 265 -147.36 156.50 -4.82
N LYS F 266 -146.63 157.37 -4.14
CA LYS F 266 -145.30 157.74 -4.56
C LYS F 266 -144.38 157.95 -3.37
N VAL F 267 -143.11 157.65 -3.57
CA VAL F 267 -142.13 157.87 -2.52
C VAL F 267 -141.14 158.80 -3.20
N GLY F 268 -140.85 159.92 -2.57
CA GLY F 268 -139.95 160.87 -3.19
C GLY F 268 -138.46 160.55 -3.24
N THR F 269 -137.75 161.59 -3.64
CA THR F 269 -136.32 161.60 -3.77
C THR F 269 -135.64 161.54 -2.41
N GLU F 270 -134.37 161.13 -2.39
CA GLU F 270 -133.66 161.06 -1.13
C GLU F 270 -133.43 162.48 -0.62
N GLU F 271 -133.17 163.40 -1.53
CA GLU F 271 -132.98 164.80 -1.14
C GLU F 271 -134.23 165.29 -0.42
N ASP F 272 -135.36 164.68 -0.75
CA ASP F 272 -136.62 165.07 -0.13
C ASP F 272 -136.97 164.08 0.97
N LYS F 273 -135.96 163.37 1.44
CA LYS F 273 -136.13 162.42 2.51
C LYS F 273 -137.16 161.32 2.23
N TYR F 274 -137.18 160.83 0.99
CA TYR F 274 -138.08 159.75 0.60
C TYR F 274 -139.50 160.01 1.08
N ARG F 275 -140.01 161.19 0.78
CA ARG F 275 -141.34 161.59 1.20
C ARG F 275 -142.45 160.73 0.64
N LEU F 276 -143.46 160.48 1.46
CA LEU F 276 -144.62 159.68 1.04
C LEU F 276 -145.75 160.62 0.62
N THR F 277 -146.41 160.28 -0.48
CA THR F 277 -147.53 161.09 -0.93
C THR F 277 -148.47 160.19 -1.69
N TYR F 278 -149.74 160.57 -1.69
CA TYR F 278 -150.75 159.83 -2.43
C TYR F 278 -151.88 160.79 -2.69
N ALA F 279 -152.63 160.55 -3.75
CA ALA F 279 -153.74 161.41 -4.07
C ALA F 279 -154.87 161.27 -3.06
N TYR F 280 -155.37 160.05 -2.89
CA TYR F 280 -156.47 159.83 -1.96
C TYR F 280 -156.69 158.37 -1.58
N PHE F 281 -157.41 158.16 -0.48
CA PHE F 281 -157.71 156.84 0.02
C PHE F 281 -158.76 156.24 -0.94
N ILE F 282 -158.59 154.99 -1.35
CA ILE F 282 -159.54 154.39 -2.27
C ILE F 282 -160.62 153.66 -1.52
N GLY F 283 -160.20 152.90 -0.51
CA GLY F 283 -161.15 152.14 0.28
C GLY F 283 -160.52 150.90 0.89
N GLY F 284 -161.32 150.17 1.65
CA GLY F 284 -160.82 148.96 2.30
C GLY F 284 -161.26 148.89 3.76
N GLU F 285 -161.63 147.69 4.18
CA GLU F 285 -162.10 147.47 5.55
C GLU F 285 -161.10 147.79 6.65
N ALA F 286 -159.83 147.95 6.29
CA ALA F 286 -158.81 148.24 7.28
C ALA F 286 -158.86 149.70 7.68
N GLY F 287 -159.50 150.51 6.85
CA GLY F 287 -159.61 151.92 7.17
C GLY F 287 -158.45 152.78 6.72
N ASP F 288 -158.71 154.08 6.59
CA ASP F 288 -157.68 155.01 6.16
C ASP F 288 -156.85 155.58 7.31
N ALA F 289 -155.89 154.79 7.77
CA ALA F 289 -155.00 155.18 8.85
C ALA F 289 -154.02 156.29 8.43
N PHE F 290 -153.67 156.35 7.15
CA PHE F 290 -152.73 157.37 6.69
C PHE F 290 -153.32 158.75 6.84
N ASP F 291 -154.63 158.80 7.02
CA ASP F 291 -155.33 160.06 7.17
C ASP F 291 -155.21 160.64 8.57
N GLY F 292 -154.59 159.91 9.49
CA GLY F 292 -154.48 160.37 10.88
C GLY F 292 -155.64 159.75 11.65
N PHE F 293 -155.51 159.62 12.96
CA PHE F 293 -156.56 159.01 13.77
C PHE F 293 -156.88 159.81 15.03
N ASN F 294 -158.14 159.75 15.47
CA ASN F 294 -158.54 160.43 16.69
C ASN F 294 -158.39 159.48 17.86
N PHE F 295 -157.17 159.41 18.38
CA PHE F 295 -156.87 158.54 19.50
C PHE F 295 -157.61 158.92 20.79
N GLY F 296 -158.00 160.19 20.90
CA GLY F 296 -158.70 160.63 22.10
C GLY F 296 -157.80 161.26 23.15
N ASP F 297 -156.51 161.02 23.05
CA ASP F 297 -155.54 161.57 24.00
C ASP F 297 -155.55 163.09 24.05
N ASP F 298 -155.59 163.71 22.87
CA ASP F 298 -155.59 165.17 22.74
C ASP F 298 -156.35 165.52 21.46
N PRO F 299 -156.92 166.72 21.38
CA PRO F 299 -157.66 167.06 20.16
C PRO F 299 -156.76 167.10 18.93
N SER F 300 -155.46 167.29 19.16
CA SER F 300 -154.49 167.37 18.08
C SER F 300 -154.06 166.03 17.48
N ASP F 301 -154.37 164.93 18.18
CA ASP F 301 -154.00 163.57 17.74
C ASP F 301 -154.03 163.35 16.23
N LYS F 302 -155.21 163.46 15.62
CA LYS F 302 -155.33 163.25 14.18
C LYS F 302 -154.41 164.13 13.32
N SER F 303 -154.19 165.37 13.74
CA SER F 303 -153.34 166.28 12.99
C SER F 303 -151.88 165.99 13.14
N TYR F 304 -151.57 165.09 14.06
CA TYR F 304 -150.19 164.75 14.33
C TYR F 304 -149.89 163.29 14.02
N THR F 305 -150.89 162.59 13.48
CA THR F 305 -150.70 161.20 13.14
C THR F 305 -151.08 160.85 11.71
N TYR F 306 -151.30 161.85 10.86
CA TYR F 306 -151.62 161.56 9.46
C TYR F 306 -150.25 161.45 8.77
N HIS F 307 -150.16 160.60 7.74
CA HIS F 307 -148.87 160.43 7.09
C HIS F 307 -148.70 160.97 5.70
N ASN F 308 -149.77 161.36 5.03
CA ASN F 308 -149.61 161.86 3.69
C ASN F 308 -148.75 163.10 3.70
N GLY F 309 -147.62 163.06 2.98
CA GLY F 309 -146.74 164.19 2.93
C GLY F 309 -145.61 164.15 3.95
N MET F 310 -145.58 163.11 4.78
CA MET F 310 -144.52 163.00 5.77
C MET F 310 -143.24 162.49 5.11
N ARG F 311 -142.10 162.91 5.66
CA ARG F 311 -140.80 162.47 5.16
C ARG F 311 -140.45 161.21 5.93
N PHE F 312 -139.53 160.42 5.40
CA PHE F 312 -139.14 159.20 6.07
C PHE F 312 -138.18 159.49 7.23
N SER F 313 -138.27 158.69 8.29
CA SER F 313 -137.40 158.87 9.46
C SER F 313 -136.83 157.56 10.00
N THR F 314 -135.61 157.64 10.50
CA THR F 314 -134.91 156.50 11.11
C THR F 314 -134.27 157.06 12.37
N PHE F 315 -133.82 156.20 13.28
CA PHE F 315 -133.22 156.71 14.51
C PHE F 315 -132.05 157.66 14.21
N ASP F 316 -131.36 157.42 13.10
CA ASP F 316 -130.21 158.27 12.78
C ASP F 316 -130.49 159.38 11.75
N ASN F 317 -131.75 159.66 11.49
CA ASN F 317 -132.12 160.71 10.51
C ASN F 317 -133.57 161.10 10.81
N ASP F 318 -133.73 162.00 11.76
CA ASP F 318 -135.03 162.49 12.22
C ASP F 318 -135.62 163.53 11.29
N ASN F 319 -136.83 163.26 10.80
CA ASN F 319 -137.51 164.21 9.92
C ASN F 319 -138.99 164.28 10.27
N ASP F 320 -139.31 163.96 11.51
CA ASP F 320 -140.70 163.99 11.97
C ASP F 320 -141.06 165.37 12.53
N ASN F 321 -142.29 165.51 13.00
CA ASN F 321 -142.74 166.77 13.58
C ASN F 321 -142.78 166.65 15.09
N PHE F 322 -141.85 165.89 15.64
CA PHE F 322 -141.81 165.69 17.07
C PHE F 322 -140.50 166.20 17.63
N GLU F 323 -140.57 166.88 18.78
CA GLU F 323 -139.38 167.44 19.42
C GLU F 323 -138.43 166.30 19.75
N GLY F 324 -138.99 165.10 19.91
CA GLY F 324 -138.16 163.94 20.16
C GLY F 324 -137.95 163.20 18.85
N ASN F 325 -137.54 161.95 18.94
CA ASN F 325 -137.29 161.12 17.75
C ASN F 325 -138.25 159.92 17.70
N CYS F 326 -139.32 160.03 16.92
CA CYS F 326 -140.29 158.94 16.80
C CYS F 326 -139.61 157.63 16.37
N ALA F 327 -138.89 157.66 15.25
CA ALA F 327 -138.22 156.47 14.74
C ALA F 327 -137.37 155.75 15.79
N GLU F 328 -136.68 156.53 16.62
CA GLU F 328 -135.84 155.93 17.64
C GLU F 328 -136.66 155.33 18.77
N GLN F 329 -137.67 156.04 19.26
CA GLN F 329 -138.46 155.52 20.37
C GLN F 329 -139.19 154.26 19.94
N ASP F 330 -139.88 154.32 18.81
CA ASP F 330 -140.63 153.16 18.33
C ASP F 330 -139.75 152.13 17.64
N GLY F 331 -138.48 152.44 17.50
CA GLY F 331 -137.53 151.54 16.89
C GLY F 331 -137.83 151.06 15.49
N SER F 332 -138.07 152.00 14.58
CA SER F 332 -138.40 151.61 13.21
C SER F 332 -138.05 152.65 12.19
N GLY F 333 -138.40 152.35 10.95
CA GLY F 333 -138.18 153.28 9.87
C GLY F 333 -139.58 153.53 9.37
N TRP F 334 -139.96 154.80 9.24
CA TRP F 334 -141.32 155.09 8.81
C TRP F 334 -141.52 156.57 8.56
N TRP F 335 -142.67 156.89 8.00
CA TRP F 335 -143.03 158.27 7.71
C TRP F 335 -143.70 158.89 8.96
N MET F 336 -142.88 159.15 9.98
CA MET F 336 -143.38 159.72 11.23
C MET F 336 -143.86 161.16 11.12
N ASN F 337 -144.87 161.49 11.94
CA ASN F 337 -145.45 162.84 12.04
C ASN F 337 -145.16 163.18 13.50
N ARG F 338 -146.20 163.29 14.32
CA ARG F 338 -145.98 163.49 15.75
C ARG F 338 -146.19 162.03 16.06
N CYS F 339 -145.39 161.28 15.31
CA CYS F 339 -145.31 159.84 15.30
C CYS F 339 -146.33 159.15 14.41
N HIS F 340 -147.34 158.47 14.92
CA HIS F 340 -148.16 157.76 13.94
C HIS F 340 -149.52 157.15 14.26
N ALA F 341 -150.18 156.72 13.19
CA ALA F 341 -151.48 156.08 13.24
C ALA F 341 -151.39 154.73 12.52
N GLY F 342 -150.45 154.64 11.59
CA GLY F 342 -150.22 153.40 10.84
C GLY F 342 -148.74 153.14 11.04
N HIS F 343 -148.38 151.90 11.36
CA HIS F 343 -146.96 151.63 11.63
C HIS F 343 -146.63 150.20 11.28
N LEU F 344 -146.46 149.91 10.00
CA LEU F 344 -146.18 148.53 9.60
C LEU F 344 -144.77 148.01 9.84
N ASN F 345 -143.86 148.90 10.23
CA ASN F 345 -142.49 148.50 10.47
C ASN F 345 -142.10 148.41 11.96
N GLY F 346 -143.08 148.29 12.85
CA GLY F 346 -142.76 148.23 14.26
C GLY F 346 -142.51 146.85 14.86
N PRO F 347 -142.01 146.76 16.10
CA PRO F 347 -141.77 145.44 16.71
C PRO F 347 -142.90 144.45 16.55
N TYR F 348 -142.49 143.21 16.29
CA TYR F 348 -143.44 142.15 16.09
C TYR F 348 -143.75 141.58 17.46
N TYR F 349 -145.03 141.56 17.79
CA TYR F 349 -145.46 141.03 19.07
C TYR F 349 -146.31 139.79 18.84
N ILE F 350 -145.80 138.63 19.24
CA ILE F 350 -146.60 137.43 19.04
C ILE F 350 -147.87 137.46 19.88
N GLY F 351 -148.99 137.18 19.23
CA GLY F 351 -150.28 137.17 19.91
C GLY F 351 -151.04 138.45 19.64
N GLY F 352 -150.33 139.46 19.16
CA GLY F 352 -150.97 140.73 18.87
C GLY F 352 -151.08 141.67 20.05
N VAL F 353 -151.81 141.23 21.08
CA VAL F 353 -151.99 142.04 22.27
C VAL F 353 -150.67 142.27 23.02
N TYR F 354 -150.31 143.53 23.21
CA TYR F 354 -149.07 143.83 23.91
C TYR F 354 -149.30 145.04 24.81
N SER F 355 -148.36 145.32 25.70
CA SER F 355 -148.54 146.42 26.62
C SER F 355 -147.35 147.37 26.71
N ARG F 356 -147.62 148.60 27.12
CA ARG F 356 -146.59 149.62 27.25
C ARG F 356 -145.35 149.07 27.94
N ASP F 357 -144.20 149.64 27.59
CA ASP F 357 -142.94 149.20 28.20
C ASP F 357 -142.71 150.05 29.45
N THR F 358 -142.06 149.47 30.46
CA THR F 358 -141.80 150.18 31.71
C THR F 358 -140.85 151.36 31.52
N GLY F 359 -140.09 151.33 30.42
CA GLY F 359 -139.17 152.41 30.12
C GLY F 359 -139.81 153.79 30.18
N THR F 360 -138.97 154.82 30.17
CA THR F 360 -139.46 156.18 30.23
C THR F 360 -140.08 156.65 28.90
N ASN F 361 -139.40 156.33 27.80
CA ASN F 361 -139.86 156.71 26.47
C ASN F 361 -140.46 155.52 25.74
N SER F 362 -141.53 154.96 26.30
CA SER F 362 -142.19 153.81 25.70
C SER F 362 -143.63 154.09 25.31
N TYR F 363 -143.94 153.89 24.04
CA TYR F 363 -145.27 154.13 23.52
C TYR F 363 -145.70 152.93 22.70
N ASP F 364 -146.75 153.10 21.89
CA ASP F 364 -147.23 152.02 21.03
C ASP F 364 -146.28 151.90 19.83
N ASN F 365 -145.41 150.90 19.87
CA ASN F 365 -144.44 150.71 18.80
C ASN F 365 -144.67 149.44 18.00
N GLY F 366 -145.78 148.76 18.23
CA GLY F 366 -146.05 147.55 17.49
C GLY F 366 -146.43 147.82 16.03
N ILE F 367 -146.82 146.75 15.34
CA ILE F 367 -147.23 146.84 13.94
C ILE F 367 -148.72 147.18 14.01
N ILE F 368 -149.01 148.48 13.96
CA ILE F 368 -150.39 148.92 14.09
C ILE F 368 -151.00 149.68 12.92
N TRP F 369 -152.32 149.66 12.91
CA TRP F 369 -153.12 150.33 11.89
C TRP F 369 -154.36 150.69 12.68
N ALA F 370 -154.28 151.85 13.35
CA ALA F 370 -155.33 152.38 14.23
C ALA F 370 -156.79 152.32 13.83
N THR F 371 -157.09 152.39 12.53
CA THR F 371 -158.48 152.36 12.10
C THR F 371 -159.04 150.96 12.02
N TRP F 372 -158.26 149.98 12.46
CA TRP F 372 -158.70 148.58 12.40
C TRP F 372 -158.55 147.81 13.72
N ARG F 373 -157.51 148.14 14.48
CA ARG F 373 -157.25 147.49 15.76
C ARG F 373 -156.58 148.59 16.55
N ASP F 374 -156.67 148.57 17.87
CA ASP F 374 -156.06 149.70 18.55
C ASP F 374 -154.55 149.62 18.75
N ARG F 375 -153.97 150.79 18.99
CA ARG F 375 -152.54 150.93 19.15
C ARG F 375 -151.87 149.83 19.97
N TRP F 376 -152.62 149.10 20.79
CA TRP F 376 -151.97 148.05 21.56
C TRP F 376 -152.24 146.65 21.10
N TYR F 377 -152.54 146.54 19.81
CA TYR F 377 -152.77 145.28 19.16
C TYR F 377 -151.88 145.26 17.90
N SER F 378 -150.91 144.36 17.87
CA SER F 378 -149.97 144.26 16.74
C SER F 378 -150.30 143.17 15.72
N MET F 379 -150.42 143.59 14.45
CA MET F 379 -150.75 142.67 13.35
C MET F 379 -149.89 141.41 13.28
N LYS F 380 -150.47 140.31 12.78
CA LYS F 380 -149.72 139.06 12.64
C LYS F 380 -148.98 139.00 11.30
N LYS F 381 -149.63 139.49 10.25
CA LYS F 381 -149.03 139.53 8.93
C LYS F 381 -149.27 140.89 8.34
N THR F 382 -148.40 141.28 7.43
CA THR F 382 -148.49 142.58 6.81
C THR F 382 -147.91 142.46 5.43
N THR F 383 -148.36 143.32 4.54
CA THR F 383 -147.82 143.33 3.21
C THR F 383 -148.20 144.60 2.49
N MET F 384 -147.20 145.25 1.89
CA MET F 384 -147.41 146.48 1.13
C MET F 384 -147.02 146.19 -0.32
N LYS F 385 -147.95 146.34 -1.25
CA LYS F 385 -147.65 146.08 -2.63
C LYS F 385 -148.28 147.10 -3.54
N ILE F 386 -147.65 147.33 -4.69
CA ILE F 386 -148.14 148.30 -5.65
C ILE F 386 -148.39 147.70 -7.02
N ILE F 387 -149.22 148.39 -7.79
CA ILE F 387 -149.59 147.96 -9.13
C ILE F 387 -150.06 149.19 -9.89
N PRO F 388 -149.75 149.25 -11.19
CA PRO F 388 -150.20 150.42 -11.97
C PRO F 388 -151.70 150.62 -11.77
N PHE F 389 -152.08 151.85 -11.45
CA PHE F 389 -153.46 152.20 -11.16
C PHE F 389 -154.48 151.77 -12.21
N ASN F 390 -154.15 151.89 -13.48
CA ASN F 390 -155.06 151.51 -14.55
C ASN F 390 -155.56 150.07 -14.39
N ARG F 391 -154.90 149.32 -13.52
CA ARG F 391 -155.26 147.92 -13.28
C ARG F 391 -156.47 147.71 -12.38
N LEU F 392 -156.87 148.75 -11.65
CA LEU F 392 -158.02 148.62 -10.76
C LEU F 392 -159.32 148.97 -11.47
N SER F 393 -159.20 149.50 -12.68
CA SER F 393 -160.35 149.88 -13.50
C SER F 393 -161.00 151.18 -13.01
N GLY G 1 157.21 -146.05 20.07
CA GLY G 1 158.52 -146.76 20.21
C GLY G 1 158.69 -147.33 21.60
N PRO G 2 159.93 -147.54 22.06
CA PRO G 2 160.17 -148.09 23.40
C PRO G 2 160.19 -146.98 24.42
N ARG G 3 160.40 -147.34 25.67
CA ARG G 3 160.51 -146.35 26.73
C ARG G 3 161.83 -146.67 27.43
N PRO G 4 162.54 -145.64 27.92
CA PRO G 4 163.80 -145.97 28.59
C PRO G 4 163.53 -146.83 29.83
N GLY H 1 -148.22 156.06 18.04
CA GLY H 1 -149.49 156.83 18.26
C GLY H 1 -149.20 158.31 18.37
N PRO H 2 -149.92 159.04 19.24
CA PRO H 2 -149.70 160.48 19.40
C PRO H 2 -148.58 160.65 20.38
N ARG H 3 -148.36 161.88 20.80
CA ARG H 3 -147.33 162.14 21.79
C ARG H 3 -147.88 163.10 22.86
N PRO H 4 -147.41 162.95 24.11
CA PRO H 4 -147.85 163.82 25.19
C PRO H 4 -147.81 165.27 24.75
N GLY I 1 98.38 -112.75 19.11
CA GLY I 1 97.24 -111.98 19.66
C GLY I 1 96.03 -112.83 19.99
N HIS I 2 94.99 -112.17 20.50
CA HIS I 2 93.75 -112.84 20.85
C HIS I 2 92.70 -112.46 19.82
N ARG I 3 91.61 -113.20 19.81
CA ARG I 3 90.50 -112.87 18.92
C ARG I 3 89.35 -112.53 19.84
N PRO I 4 89.09 -111.23 20.02
CA PRO I 4 88.03 -110.65 20.86
C PRO I 4 86.69 -111.36 20.69
N GLY J 1 -93.33 121.64 -4.14
CA GLY J 1 -93.79 120.78 -5.26
C GLY J 1 -93.12 121.18 -6.56
N HIS J 2 -91.81 121.02 -6.62
CA HIS J 2 -91.04 121.37 -7.82
C HIS J 2 -90.76 120.15 -8.68
N ARG J 3 -90.17 120.38 -9.84
CA ARG J 3 -89.85 119.29 -10.76
C ARG J 3 -88.46 119.46 -11.39
N PRO J 4 -87.42 118.86 -10.78
CA PRO J 4 -86.08 118.98 -11.34
C PRO J 4 -85.98 118.13 -12.61
#